data_7FVC
# 
_entry.id   7FVC 
# 
_audit_conform.dict_name       mmcif_pdbx.dic 
_audit_conform.dict_version    5.392 
_audit_conform.dict_location   http://mmcif.pdb.org/dictionaries/ascii/mmcif_pdbx.dic 
# 
loop_
_database_2.database_id 
_database_2.database_code 
_database_2.pdbx_database_accession 
_database_2.pdbx_DOI 
PDB   7FVC         pdb_00007fvc 10.2210/pdb7fvc/pdb 
WWPDB D_1001405393 ?            ?                   
# 
loop_
_pdbx_audit_revision_history.ordinal 
_pdbx_audit_revision_history.data_content_type 
_pdbx_audit_revision_history.major_revision 
_pdbx_audit_revision_history.minor_revision 
_pdbx_audit_revision_history.revision_date 
1 'Structure model' 1 0 2023-03-29 
2 'Structure model' 1 1 2024-05-22 
# 
_pdbx_audit_revision_details.ordinal             1 
_pdbx_audit_revision_details.revision_ordinal    1 
_pdbx_audit_revision_details.data_content_type   'Structure model' 
_pdbx_audit_revision_details.provider            repository 
_pdbx_audit_revision_details.type                'Initial release' 
_pdbx_audit_revision_details.description         ? 
_pdbx_audit_revision_details.details             ? 
# 
_pdbx_audit_revision_group.ordinal             1 
_pdbx_audit_revision_group.revision_ordinal    2 
_pdbx_audit_revision_group.data_content_type   'Structure model' 
_pdbx_audit_revision_group.group               'Data collection' 
# 
loop_
_pdbx_audit_revision_category.ordinal 
_pdbx_audit_revision_category.revision_ordinal 
_pdbx_audit_revision_category.data_content_type 
_pdbx_audit_revision_category.category 
1 2 'Structure model' chem_comp_atom 
2 2 'Structure model' chem_comp_bond 
# 
_pdbx_database_status.entry_id                        7FVC 
_pdbx_database_status.status_code                     REL 
_pdbx_database_status.status_code_sf                  REL 
_pdbx_database_status.status_code_mr                  ? 
_pdbx_database_status.status_code_cs                  ? 
_pdbx_database_status.recvd_initial_deposition_date   2023-03-09 
_pdbx_database_status.status_code_nmr_data            ? 
_pdbx_database_status.deposit_site                    RCSB 
_pdbx_database_status.process_site                    RCSB 
_pdbx_database_status.SG_entry                        ? 
_pdbx_database_status.pdb_format_compatible           Y 
_pdbx_database_status.methods_development_category    ? 
# 
_pdbx_contact_author.id                 1 
_pdbx_contact_author.email              frank.von-delft@diamond.ac.uk 
_pdbx_contact_author.name_first         Frank 
_pdbx_contact_author.name_last          'von Delft' 
_pdbx_contact_author.role               'principal investigator/group leader' 
_pdbx_contact_author.identifier_ORCID   0000-0003-0378-0017 
_pdbx_contact_author.name_mi            ? 
# 
loop_
_audit_author.name 
_audit_author.pdbx_ordinal 
'Grosjean, H.'   1 
'Tomlinson, C.'  2 
'Bradshaw, W.J.' 3 
'Koekemoer, L.'  4 
'Krojer, T.'     5 
'Fearon, D.'     6 
'Biggin, P.C.'   7 
'von Delft, F.'  8 
# 
_citation.id                        primary 
_citation.title                     'PanDDA analysis group deposition' 
_citation.journal_abbrev            'To Be Published' 
_citation.journal_volume            ? 
_citation.page_first                ? 
_citation.page_last                 ? 
_citation.year                      ? 
_citation.journal_id_ASTM           ? 
_citation.country                   ? 
_citation.journal_id_ISSN           ? 
_citation.journal_id_CSD            0353 
_citation.book_publisher            ? 
_citation.pdbx_database_id_PubMed   ? 
_citation.pdbx_database_id_DOI      ? 
# 
loop_
_citation_author.citation_id 
_citation_author.name 
_citation_author.identifier_ORCID 
_citation_author.ordinal 
primary 'Grosjean, H.'   ? 1 
primary 'Tomlinson, C.'  ? 2 
primary 'Bradshaw, W.J.' ? 3 
primary 'Koekemoer, L.'  ? 4 
primary 'Krojer, T.'     ? 5 
primary 'Fearon, D.'     ? 6 
primary 'Biggin, P.C.'   ? 7 
primary 'von Delft, F.'  ? 8 
# 
loop_
_entity.id 
_entity.type 
_entity.src_method 
_entity.pdbx_description 
_entity.formula_weight 
_entity.pdbx_number_of_molecules 
_entity.pdbx_ec 
_entity.pdbx_mutation 
_entity.pdbx_fragment 
_entity.details 
1 polymer     man 'PH-interacting protein'                                                17627.859 1   ? ? ? ? 
2 non-polymer syn 'N-(cyclopropylmethyl)-4-(3,4-dichlorobenzoyl)piperazine-1-carboxamide' 356.247   1   ? ? ? ? 
3 water       nat water                                                                   18.015    213 ? ? ? ? 
# 
_entity_name_com.entity_id   1 
_entity_name_com.name        
'PHIP,DDB1- and CUL4-associated factor 14,IRS-1 PH domain-binding protein,WD repeat-containing protein 11' 
# 
_entity_poly.entity_id                      1 
_entity_poly.type                           'polypeptide(L)' 
_entity_poly.nstd_linkage                   no 
_entity_poly.nstd_monomer                   no 
_entity_poly.pdbx_seq_one_letter_code       
;MHHHHHHSSGVDLGTENLYFQSMSYDIQAWKKQCEELLNLIFQCEDSEPFRQPVDLLEYPDYRDIIDTPMDFATVRETLE
AGNYESPMELCKDVRLIFSNSKAYTPSKRSRIYSMSLRLSAFFEEHISSVLSDYKSALRFHKRNTITKR
;
_entity_poly.pdbx_seq_one_letter_code_can   
;MHHHHHHSSGVDLGTENLYFQSMSYDIQAWKKQCEELLNLIFQCEDSEPFRQPVDLLEYPDYRDIIDTPMDFATVRETLE
AGNYESPMELCKDVRLIFSNSKAYTPSKRSRIYSMSLRLSAFFEEHISSVLSDYKSALRFHKRNTITKR
;
_entity_poly.pdbx_strand_id                 A 
_entity_poly.pdbx_target_identifier         ? 
# 
loop_
_pdbx_entity_nonpoly.entity_id 
_pdbx_entity_nonpoly.name 
_pdbx_entity_nonpoly.comp_id 
2 'N-(cyclopropylmethyl)-4-(3,4-dichlorobenzoyl)piperazine-1-carboxamide' ZM6 
3 water                                                                   HOH 
# 
loop_
_entity_poly_seq.entity_id 
_entity_poly_seq.num 
_entity_poly_seq.mon_id 
_entity_poly_seq.hetero 
1 1   MET n 
1 2   HIS n 
1 3   HIS n 
1 4   HIS n 
1 5   HIS n 
1 6   HIS n 
1 7   HIS n 
1 8   SER n 
1 9   SER n 
1 10  GLY n 
1 11  VAL n 
1 12  ASP n 
1 13  LEU n 
1 14  GLY n 
1 15  THR n 
1 16  GLU n 
1 17  ASN n 
1 18  LEU n 
1 19  TYR n 
1 20  PHE n 
1 21  GLN n 
1 22  SER n 
1 23  MET n 
1 24  SER n 
1 25  TYR n 
1 26  ASP n 
1 27  ILE n 
1 28  GLN n 
1 29  ALA n 
1 30  TRP n 
1 31  LYS n 
1 32  LYS n 
1 33  GLN n 
1 34  CYS n 
1 35  GLU n 
1 36  GLU n 
1 37  LEU n 
1 38  LEU n 
1 39  ASN n 
1 40  LEU n 
1 41  ILE n 
1 42  PHE n 
1 43  GLN n 
1 44  CYS n 
1 45  GLU n 
1 46  ASP n 
1 47  SER n 
1 48  GLU n 
1 49  PRO n 
1 50  PHE n 
1 51  ARG n 
1 52  GLN n 
1 53  PRO n 
1 54  VAL n 
1 55  ASP n 
1 56  LEU n 
1 57  LEU n 
1 58  GLU n 
1 59  TYR n 
1 60  PRO n 
1 61  ASP n 
1 62  TYR n 
1 63  ARG n 
1 64  ASP n 
1 65  ILE n 
1 66  ILE n 
1 67  ASP n 
1 68  THR n 
1 69  PRO n 
1 70  MET n 
1 71  ASP n 
1 72  PHE n 
1 73  ALA n 
1 74  THR n 
1 75  VAL n 
1 76  ARG n 
1 77  GLU n 
1 78  THR n 
1 79  LEU n 
1 80  GLU n 
1 81  ALA n 
1 82  GLY n 
1 83  ASN n 
1 84  TYR n 
1 85  GLU n 
1 86  SER n 
1 87  PRO n 
1 88  MET n 
1 89  GLU n 
1 90  LEU n 
1 91  CYS n 
1 92  LYS n 
1 93  ASP n 
1 94  VAL n 
1 95  ARG n 
1 96  LEU n 
1 97  ILE n 
1 98  PHE n 
1 99  SER n 
1 100 ASN n 
1 101 SER n 
1 102 LYS n 
1 103 ALA n 
1 104 TYR n 
1 105 THR n 
1 106 PRO n 
1 107 SER n 
1 108 LYS n 
1 109 ARG n 
1 110 SER n 
1 111 ARG n 
1 112 ILE n 
1 113 TYR n 
1 114 SER n 
1 115 MET n 
1 116 SER n 
1 117 LEU n 
1 118 ARG n 
1 119 LEU n 
1 120 SER n 
1 121 ALA n 
1 122 PHE n 
1 123 PHE n 
1 124 GLU n 
1 125 GLU n 
1 126 HIS n 
1 127 ILE n 
1 128 SER n 
1 129 SER n 
1 130 VAL n 
1 131 LEU n 
1 132 SER n 
1 133 ASP n 
1 134 TYR n 
1 135 LYS n 
1 136 SER n 
1 137 ALA n 
1 138 LEU n 
1 139 ARG n 
1 140 PHE n 
1 141 HIS n 
1 142 LYS n 
1 143 ARG n 
1 144 ASN n 
1 145 THR n 
1 146 ILE n 
1 147 THR n 
1 148 LYS n 
1 149 ARG n 
# 
_entity_src_gen.entity_id                          1 
_entity_src_gen.pdbx_src_id                        1 
_entity_src_gen.pdbx_alt_source_flag               sample 
_entity_src_gen.pdbx_seq_type                      'Biological sequence' 
_entity_src_gen.pdbx_beg_seq_num                   1 
_entity_src_gen.pdbx_end_seq_num                   149 
_entity_src_gen.gene_src_common_name               human 
_entity_src_gen.gene_src_genus                     ? 
_entity_src_gen.pdbx_gene_src_gene                 'PHIP, DCAF14, WDR11' 
_entity_src_gen.gene_src_species                   ? 
_entity_src_gen.gene_src_strain                    ? 
_entity_src_gen.gene_src_tissue                    ? 
_entity_src_gen.gene_src_tissue_fraction           ? 
_entity_src_gen.gene_src_details                   ? 
_entity_src_gen.pdbx_gene_src_fragment             ? 
_entity_src_gen.pdbx_gene_src_scientific_name      'Homo sapiens' 
_entity_src_gen.pdbx_gene_src_ncbi_taxonomy_id     9606 
_entity_src_gen.pdbx_gene_src_variant              ? 
_entity_src_gen.pdbx_gene_src_cell_line            ? 
_entity_src_gen.pdbx_gene_src_atcc                 ? 
_entity_src_gen.pdbx_gene_src_organ                ? 
_entity_src_gen.pdbx_gene_src_organelle            ? 
_entity_src_gen.pdbx_gene_src_cell                 ? 
_entity_src_gen.pdbx_gene_src_cellular_location    ? 
_entity_src_gen.host_org_common_name               ? 
_entity_src_gen.pdbx_host_org_scientific_name      'Escherichia coli' 
_entity_src_gen.pdbx_host_org_ncbi_taxonomy_id     562 
_entity_src_gen.host_org_genus                     ? 
_entity_src_gen.pdbx_host_org_gene                 ? 
_entity_src_gen.pdbx_host_org_organ                ? 
_entity_src_gen.host_org_species                   ? 
_entity_src_gen.pdbx_host_org_tissue               ? 
_entity_src_gen.pdbx_host_org_tissue_fraction      ? 
_entity_src_gen.pdbx_host_org_strain               ? 
_entity_src_gen.pdbx_host_org_variant              ? 
_entity_src_gen.pdbx_host_org_cell_line            ? 
_entity_src_gen.pdbx_host_org_atcc                 ? 
_entity_src_gen.pdbx_host_org_culture_collection   ? 
_entity_src_gen.pdbx_host_org_cell                 ? 
_entity_src_gen.pdbx_host_org_organelle            ? 
_entity_src_gen.pdbx_host_org_cellular_location    ? 
_entity_src_gen.pdbx_host_org_vector_type          ? 
_entity_src_gen.pdbx_host_org_vector               ? 
_entity_src_gen.host_org_details                   ? 
_entity_src_gen.expression_system_id               ? 
_entity_src_gen.plasmid_name                       ? 
_entity_src_gen.plasmid_details                    ? 
_entity_src_gen.pdbx_description                   ? 
# 
loop_
_chem_comp.id 
_chem_comp.type 
_chem_comp.mon_nstd_flag 
_chem_comp.name 
_chem_comp.pdbx_synonyms 
_chem_comp.formula 
_chem_comp.formula_weight 
ALA 'L-peptide linking' y ALANINE                                                                 ? 'C3 H7 N O2'        89.093  
ARG 'L-peptide linking' y ARGININE                                                                ? 'C6 H15 N4 O2 1'    175.209 
ASN 'L-peptide linking' y ASPARAGINE                                                              ? 'C4 H8 N2 O3'       132.118 
ASP 'L-peptide linking' y 'ASPARTIC ACID'                                                         ? 'C4 H7 N O4'        133.103 
CYS 'L-peptide linking' y CYSTEINE                                                                ? 'C3 H7 N O2 S'      121.158 
GLN 'L-peptide linking' y GLUTAMINE                                                               ? 'C5 H10 N2 O3'      146.144 
GLU 'L-peptide linking' y 'GLUTAMIC ACID'                                                         ? 'C5 H9 N O4'        147.129 
GLY 'peptide linking'   y GLYCINE                                                                 ? 'C2 H5 N O2'        75.067  
HIS 'L-peptide linking' y HISTIDINE                                                               ? 'C6 H10 N3 O2 1'    156.162 
HOH non-polymer         . WATER                                                                   ? 'H2 O'              18.015  
ILE 'L-peptide linking' y ISOLEUCINE                                                              ? 'C6 H13 N O2'       131.173 
LEU 'L-peptide linking' y LEUCINE                                                                 ? 'C6 H13 N O2'       131.173 
LYS 'L-peptide linking' y LYSINE                                                                  ? 'C6 H15 N2 O2 1'    147.195 
MET 'L-peptide linking' y METHIONINE                                                              ? 'C5 H11 N O2 S'     149.211 
PHE 'L-peptide linking' y PHENYLALANINE                                                           ? 'C9 H11 N O2'       165.189 
PRO 'L-peptide linking' y PROLINE                                                                 ? 'C5 H9 N O2'        115.130 
SER 'L-peptide linking' y SERINE                                                                  ? 'C3 H7 N O3'        105.093 
THR 'L-peptide linking' y THREONINE                                                               ? 'C4 H9 N O3'        119.119 
TRP 'L-peptide linking' y TRYPTOPHAN                                                              ? 'C11 H12 N2 O2'     204.225 
TYR 'L-peptide linking' y TYROSINE                                                                ? 'C9 H11 N O3'       181.189 
VAL 'L-peptide linking' y VALINE                                                                  ? 'C5 H11 N O2'       117.146 
ZM6 non-polymer         . 'N-(cyclopropylmethyl)-4-(3,4-dichlorobenzoyl)piperazine-1-carboxamide' ? 'C16 H19 Cl2 N3 O2' 356.247 
# 
loop_
_pdbx_poly_seq_scheme.asym_id 
_pdbx_poly_seq_scheme.entity_id 
_pdbx_poly_seq_scheme.seq_id 
_pdbx_poly_seq_scheme.mon_id 
_pdbx_poly_seq_scheme.ndb_seq_num 
_pdbx_poly_seq_scheme.pdb_seq_num 
_pdbx_poly_seq_scheme.auth_seq_num 
_pdbx_poly_seq_scheme.pdb_mon_id 
_pdbx_poly_seq_scheme.auth_mon_id 
_pdbx_poly_seq_scheme.pdb_strand_id 
_pdbx_poly_seq_scheme.pdb_ins_code 
_pdbx_poly_seq_scheme.hetero 
A 1 1   MET 1   1292 ?    ?   ?   A . n 
A 1 2   HIS 2   1293 ?    ?   ?   A . n 
A 1 3   HIS 3   1294 ?    ?   ?   A . n 
A 1 4   HIS 4   1295 ?    ?   ?   A . n 
A 1 5   HIS 5   1296 ?    ?   ?   A . n 
A 1 6   HIS 6   1297 ?    ?   ?   A . n 
A 1 7   HIS 7   1298 ?    ?   ?   A . n 
A 1 8   SER 8   1299 ?    ?   ?   A . n 
A 1 9   SER 9   1300 ?    ?   ?   A . n 
A 1 10  GLY 10  1301 ?    ?   ?   A . n 
A 1 11  VAL 11  1302 ?    ?   ?   A . n 
A 1 12  ASP 12  1303 ?    ?   ?   A . n 
A 1 13  LEU 13  1304 ?    ?   ?   A . n 
A 1 14  GLY 14  1305 ?    ?   ?   A . n 
A 1 15  THR 15  1306 ?    ?   ?   A . n 
A 1 16  GLU 16  1307 ?    ?   ?   A . n 
A 1 17  ASN 17  1308 ?    ?   ?   A . n 
A 1 18  LEU 18  1309 ?    ?   ?   A . n 
A 1 19  TYR 19  1310 ?    ?   ?   A . n 
A 1 20  PHE 20  1311 ?    ?   ?   A . n 
A 1 21  GLN 21  1312 ?    ?   ?   A . n 
A 1 22  SER 22  1313 ?    ?   ?   A . n 
A 1 23  MET 23  1314 ?    ?   ?   A . n 
A 1 24  SER 24  1315 1315 SER SER A . n 
A 1 25  TYR 25  1316 1316 TYR TYR A . n 
A 1 26  ASP 26  1317 1317 ASP ASP A . n 
A 1 27  ILE 27  1318 1318 ILE ILE A . n 
A 1 28  GLN 28  1319 1319 GLN GLN A . n 
A 1 29  ALA 29  1320 1320 ALA ALA A . n 
A 1 30  TRP 30  1321 1321 TRP TRP A . n 
A 1 31  LYS 31  1322 1322 LYS LYS A . n 
A 1 32  LYS 32  1323 1323 LYS LYS A . n 
A 1 33  GLN 33  1324 1324 GLN GLN A . n 
A 1 34  CYS 34  1325 1325 CYS CYS A . n 
A 1 35  GLU 35  1326 1326 GLU GLU A . n 
A 1 36  GLU 36  1327 1327 GLU GLU A . n 
A 1 37  LEU 37  1328 1328 LEU LEU A . n 
A 1 38  LEU 38  1329 1329 LEU LEU A . n 
A 1 39  ASN 39  1330 1330 ASN ASN A . n 
A 1 40  LEU 40  1331 1331 LEU LEU A . n 
A 1 41  ILE 41  1332 1332 ILE ILE A . n 
A 1 42  PHE 42  1333 1333 PHE PHE A . n 
A 1 43  GLN 43  1334 1334 GLN GLN A . n 
A 1 44  CYS 44  1335 1335 CYS CYS A . n 
A 1 45  GLU 45  1336 1336 GLU GLU A . n 
A 1 46  ASP 46  1337 1337 ASP ASP A . n 
A 1 47  SER 47  1338 1338 SER SER A . n 
A 1 48  GLU 48  1339 1339 GLU GLU A . n 
A 1 49  PRO 49  1340 1340 PRO PRO A . n 
A 1 50  PHE 50  1341 1341 PHE PHE A . n 
A 1 51  ARG 51  1342 1342 ARG ARG A . n 
A 1 52  GLN 52  1343 1343 GLN GLN A . n 
A 1 53  PRO 53  1344 1344 PRO PRO A . n 
A 1 54  VAL 54  1345 1345 VAL VAL A . n 
A 1 55  ASP 55  1346 1346 ASP ASP A . n 
A 1 56  LEU 56  1347 1347 LEU LEU A . n 
A 1 57  LEU 57  1348 1348 LEU LEU A . n 
A 1 58  GLU 58  1349 1349 GLU GLU A . n 
A 1 59  TYR 59  1350 1350 TYR TYR A . n 
A 1 60  PRO 60  1351 1351 PRO PRO A . n 
A 1 61  ASP 61  1352 1352 ASP ASP A . n 
A 1 62  TYR 62  1353 1353 TYR TYR A . n 
A 1 63  ARG 63  1354 1354 ARG ARG A . n 
A 1 64  ASP 64  1355 1355 ASP ASP A . n 
A 1 65  ILE 65  1356 1356 ILE ILE A . n 
A 1 66  ILE 66  1357 1357 ILE ILE A . n 
A 1 67  ASP 67  1358 1358 ASP ASP A . n 
A 1 68  THR 68  1359 1359 THR THR A . n 
A 1 69  PRO 69  1360 1360 PRO PRO A . n 
A 1 70  MET 70  1361 1361 MET MET A . n 
A 1 71  ASP 71  1362 1362 ASP ASP A . n 
A 1 72  PHE 72  1363 1363 PHE PHE A . n 
A 1 73  ALA 73  1364 1364 ALA ALA A . n 
A 1 74  THR 74  1365 1365 THR THR A . n 
A 1 75  VAL 75  1366 1366 VAL VAL A . n 
A 1 76  ARG 76  1367 1367 ARG ARG A . n 
A 1 77  GLU 77  1368 1368 GLU GLU A . n 
A 1 78  THR 78  1369 1369 THR THR A . n 
A 1 79  LEU 79  1370 1370 LEU LEU A . n 
A 1 80  GLU 80  1371 1371 GLU GLU A . n 
A 1 81  ALA 81  1372 1372 ALA ALA A . n 
A 1 82  GLY 82  1373 1373 GLY GLY A . n 
A 1 83  ASN 83  1374 1374 ASN ASN A . n 
A 1 84  TYR 84  1375 1375 TYR TYR A . n 
A 1 85  GLU 85  1376 1376 GLU GLU A . n 
A 1 86  SER 86  1377 1377 SER SER A . n 
A 1 87  PRO 87  1378 1378 PRO PRO A . n 
A 1 88  MET 88  1379 1379 MET MET A . n 
A 1 89  GLU 89  1380 1380 GLU GLU A . n 
A 1 90  LEU 90  1381 1381 LEU LEU A . n 
A 1 91  CYS 91  1382 1382 CYS CYS A . n 
A 1 92  LYS 92  1383 1383 LYS LYS A . n 
A 1 93  ASP 93  1384 1384 ASP ASP A . n 
A 1 94  VAL 94  1385 1385 VAL VAL A . n 
A 1 95  ARG 95  1386 1386 ARG ARG A . n 
A 1 96  LEU 96  1387 1387 LEU LEU A . n 
A 1 97  ILE 97  1388 1388 ILE ILE A . n 
A 1 98  PHE 98  1389 1389 PHE PHE A . n 
A 1 99  SER 99  1390 1390 SER SER A . n 
A 1 100 ASN 100 1391 1391 ASN ASN A . n 
A 1 101 SER 101 1392 1392 SER SER A . n 
A 1 102 LYS 102 1393 1393 LYS LYS A . n 
A 1 103 ALA 103 1394 1394 ALA ALA A . n 
A 1 104 TYR 104 1395 1395 TYR TYR A . n 
A 1 105 THR 105 1396 1396 THR THR A . n 
A 1 106 PRO 106 1397 1397 PRO PRO A . n 
A 1 107 SER 107 1398 1398 SER SER A . n 
A 1 108 LYS 108 1399 1399 LYS LYS A . n 
A 1 109 ARG 109 1400 1400 ARG ARG A . n 
A 1 110 SER 110 1401 1401 SER SER A . n 
A 1 111 ARG 111 1402 1402 ARG ARG A . n 
A 1 112 ILE 112 1403 1403 ILE ILE A . n 
A 1 113 TYR 113 1404 1404 TYR TYR A . n 
A 1 114 SER 114 1405 1405 SER SER A . n 
A 1 115 MET 115 1406 1406 MET MET A . n 
A 1 116 SER 116 1407 1407 SER SER A . n 
A 1 117 LEU 117 1408 1408 LEU LEU A . n 
A 1 118 ARG 118 1409 1409 ARG ARG A . n 
A 1 119 LEU 119 1410 1410 LEU LEU A . n 
A 1 120 SER 120 1411 1411 SER SER A . n 
A 1 121 ALA 121 1412 1412 ALA ALA A . n 
A 1 122 PHE 122 1413 1413 PHE PHE A . n 
A 1 123 PHE 123 1414 1414 PHE PHE A . n 
A 1 124 GLU 124 1415 1415 GLU GLU A . n 
A 1 125 GLU 125 1416 1416 GLU GLU A . n 
A 1 126 HIS 126 1417 1417 HIS HIS A . n 
A 1 127 ILE 127 1418 1418 ILE ILE A . n 
A 1 128 SER 128 1419 1419 SER SER A . n 
A 1 129 SER 129 1420 1420 SER SER A . n 
A 1 130 VAL 130 1421 1421 VAL VAL A . n 
A 1 131 LEU 131 1422 1422 LEU LEU A . n 
A 1 132 SER 132 1423 1423 SER SER A . n 
A 1 133 ASP 133 1424 1424 ASP ASP A . n 
A 1 134 TYR 134 1425 1425 TYR TYR A . n 
A 1 135 LYS 135 1426 1426 LYS LYS A . n 
A 1 136 SER 136 1427 1427 SER SER A . n 
A 1 137 ALA 137 1428 1428 ALA ALA A . n 
A 1 138 LEU 138 1429 1429 LEU LEU A . n 
A 1 139 ARG 139 1430 1430 ARG ARG A . n 
A 1 140 PHE 140 1431 1431 PHE PHE A . n 
A 1 141 HIS 141 1432 1432 HIS HIS A . n 
A 1 142 LYS 142 1433 1433 LYS LYS A . n 
A 1 143 ARG 143 1434 1434 ARG ARG A . n 
A 1 144 ASN 144 1435 1435 ASN ASN A . n 
A 1 145 THR 145 1436 ?    ?   ?   A . n 
A 1 146 ILE 146 1437 ?    ?   ?   A . n 
A 1 147 THR 147 1438 ?    ?   ?   A . n 
A 1 148 LYS 148 1439 ?    ?   ?   A . n 
A 1 149 ARG 149 1440 ?    ?   ?   A . n 
# 
loop_
_pdbx_nonpoly_scheme.asym_id 
_pdbx_nonpoly_scheme.entity_id 
_pdbx_nonpoly_scheme.mon_id 
_pdbx_nonpoly_scheme.ndb_seq_num 
_pdbx_nonpoly_scheme.pdb_seq_num 
_pdbx_nonpoly_scheme.auth_seq_num 
_pdbx_nonpoly_scheme.pdb_mon_id 
_pdbx_nonpoly_scheme.auth_mon_id 
_pdbx_nonpoly_scheme.pdb_strand_id 
_pdbx_nonpoly_scheme.pdb_ins_code 
B 2 ZM6 1   1901 1901 ZM6 LIG A . 
C 3 HOH 1   2001 29   HOH HOH A . 
C 3 HOH 2   2002 3    HOH HOH A . 
C 3 HOH 3   2003 1610 HOH HOH A . 
C 3 HOH 4   2004 1605 HOH HOH A . 
C 3 HOH 5   2005 28   HOH HOH A . 
C 3 HOH 6   2006 1618 HOH HOH A . 
C 3 HOH 7   2007 1615 HOH HOH A . 
C 3 HOH 8   2008 8    HOH HOH A . 
C 3 HOH 9   2009 1662 HOH HOH A . 
C 3 HOH 10  2010 25   HOH HOH A . 
C 3 HOH 11  2011 1695 HOH HOH A . 
C 3 HOH 12  2012 1739 HOH HOH A . 
C 3 HOH 13  2013 1712 HOH HOH A . 
C 3 HOH 14  2014 1606 HOH HOH A . 
C 3 HOH 15  2015 1629 HOH HOH A . 
C 3 HOH 16  2016 1676 HOH HOH A . 
C 3 HOH 17  2017 1609 HOH HOH A . 
C 3 HOH 18  2018 1607 HOH HOH A . 
C 3 HOH 19  2019 1624 HOH HOH A . 
C 3 HOH 20  2020 1664 HOH HOH A . 
C 3 HOH 21  2021 1670 HOH HOH A . 
C 3 HOH 22  2022 1700 HOH HOH A . 
C 3 HOH 23  2023 1608 HOH HOH A . 
C 3 HOH 24  2024 1685 HOH HOH A . 
C 3 HOH 25  2025 1638 HOH HOH A . 
C 3 HOH 26  2026 1755 HOH HOH A . 
C 3 HOH 27  2027 1622 HOH HOH A . 
C 3 HOH 28  2028 1612 HOH HOH A . 
C 3 HOH 29  2029 1633 HOH HOH A . 
C 3 HOH 30  2030 1654 HOH HOH A . 
C 3 HOH 31  2031 1616 HOH HOH A . 
C 3 HOH 32  2032 1604 HOH HOH A . 
C 3 HOH 33  2033 1632 HOH HOH A . 
C 3 HOH 34  2034 1630 HOH HOH A . 
C 3 HOH 35  2035 1603 HOH HOH A . 
C 3 HOH 36  2036 1625 HOH HOH A . 
C 3 HOH 37  2037 1631 HOH HOH A . 
C 3 HOH 38  2038 1620 HOH HOH A . 
C 3 HOH 39  2039 1671 HOH HOH A . 
C 3 HOH 40  2040 1732 HOH HOH A . 
C 3 HOH 41  2041 1668 HOH HOH A . 
C 3 HOH 42  2042 1660 HOH HOH A . 
C 3 HOH 43  2043 1757 HOH HOH A . 
C 3 HOH 44  2044 1677 HOH HOH A . 
C 3 HOH 45  2045 1648 HOH HOH A . 
C 3 HOH 46  2046 1649 HOH HOH A . 
C 3 HOH 47  2047 1643 HOH HOH A . 
C 3 HOH 48  2048 1661 HOH HOH A . 
C 3 HOH 49  2049 1614 HOH HOH A . 
C 3 HOH 50  2050 1673 HOH HOH A . 
C 3 HOH 51  2051 1628 HOH HOH A . 
C 3 HOH 52  2052 1634 HOH HOH A . 
C 3 HOH 53  2053 1767 HOH HOH A . 
C 3 HOH 54  2054 1627 HOH HOH A . 
C 3 HOH 55  2055 1617 HOH HOH A . 
C 3 HOH 56  2056 1658 HOH HOH A . 
C 3 HOH 57  2057 1646 HOH HOH A . 
C 3 HOH 58  2058 1678 HOH HOH A . 
C 3 HOH 59  2059 9    HOH HOH A . 
C 3 HOH 60  2060 1642 HOH HOH A . 
C 3 HOH 61  2061 1653 HOH HOH A . 
C 3 HOH 62  2062 1659 HOH HOH A . 
C 3 HOH 63  2063 1623 HOH HOH A . 
C 3 HOH 64  2064 1672 HOH HOH A . 
C 3 HOH 65  2065 1696 HOH HOH A . 
C 3 HOH 66  2066 1645 HOH HOH A . 
C 3 HOH 67  2067 1663 HOH HOH A . 
C 3 HOH 68  2068 1733 HOH HOH A . 
C 3 HOH 69  2069 1680 HOH HOH A . 
C 3 HOH 70  2070 1644 HOH HOH A . 
C 3 HOH 71  2071 1655 HOH HOH A . 
C 3 HOH 72  2072 1650 HOH HOH A . 
C 3 HOH 73  2073 23   HOH HOH A . 
C 3 HOH 74  2074 27   HOH HOH A . 
C 3 HOH 75  2075 1665 HOH HOH A . 
C 3 HOH 76  2076 1652 HOH HOH A . 
C 3 HOH 77  2077 1619 HOH HOH A . 
C 3 HOH 78  2078 1690 HOH HOH A . 
C 3 HOH 79  2079 24   HOH HOH A . 
C 3 HOH 80  2080 1693 HOH HOH A . 
C 3 HOH 81  2081 1674 HOH HOH A . 
C 3 HOH 82  2082 1684 HOH HOH A . 
C 3 HOH 83  2083 1683 HOH HOH A . 
C 3 HOH 84  2084 1689 HOH HOH A . 
C 3 HOH 85  2085 1666 HOH HOH A . 
C 3 HOH 86  2086 1686 HOH HOH A . 
C 3 HOH 87  2087 1639 HOH HOH A . 
C 3 HOH 88  2088 1745 HOH HOH A . 
C 3 HOH 89  2089 1647 HOH HOH A . 
C 3 HOH 90  2090 1694 HOH HOH A . 
C 3 HOH 91  2091 22   HOH HOH A . 
C 3 HOH 92  2092 1687 HOH HOH A . 
C 3 HOH 93  2093 1651 HOH HOH A . 
C 3 HOH 94  2094 1736 HOH HOH A . 
C 3 HOH 95  2095 1682 HOH HOH A . 
C 3 HOH 96  2096 1688 HOH HOH A . 
C 3 HOH 97  2097 1699 HOH HOH A . 
C 3 HOH 98  2098 1    HOH HOH A . 
C 3 HOH 99  2099 1722 HOH HOH A . 
C 3 HOH 100 2100 1718 HOH HOH A . 
C 3 HOH 101 2101 1681 HOH HOH A . 
C 3 HOH 102 2102 1601 HOH HOH A . 
C 3 HOH 103 2103 1679 HOH HOH A . 
C 3 HOH 104 2104 1721 HOH HOH A . 
C 3 HOH 105 2105 1675 HOH HOH A . 
C 3 HOH 106 2106 1725 HOH HOH A . 
C 3 HOH 107 2107 1613 HOH HOH A . 
C 3 HOH 108 2108 1691 HOH HOH A . 
C 3 HOH 109 2109 1709 HOH HOH A . 
C 3 HOH 110 2110 1738 HOH HOH A . 
C 3 HOH 111 2111 1704 HOH HOH A . 
C 3 HOH 112 2112 1637 HOH HOH A . 
C 3 HOH 113 2113 19   HOH HOH A . 
C 3 HOH 114 2114 1714 HOH HOH A . 
C 3 HOH 115 2115 21   HOH HOH A . 
C 3 HOH 116 2116 1741 HOH HOH A . 
C 3 HOH 117 2117 1707 HOH HOH A . 
C 3 HOH 118 2118 1706 HOH HOH A . 
C 3 HOH 119 2119 1669 HOH HOH A . 
C 3 HOH 120 2120 1740 HOH HOH A . 
C 3 HOH 121 2121 1692 HOH HOH A . 
C 3 HOH 122 2122 1713 HOH HOH A . 
C 3 HOH 123 2123 26   HOH HOH A . 
C 3 HOH 124 2124 1720 HOH HOH A . 
C 3 HOH 125 2125 1708 HOH HOH A . 
C 3 HOH 126 2126 1716 HOH HOH A . 
C 3 HOH 127 2127 1719 HOH HOH A . 
C 3 HOH 128 2128 1621 HOH HOH A . 
C 3 HOH 129 2129 1724 HOH HOH A . 
C 3 HOH 130 2130 1697 HOH HOH A . 
C 3 HOH 131 2131 1729 HOH HOH A . 
C 3 HOH 132 2132 1715 HOH HOH A . 
C 3 HOH 133 2133 1734 HOH HOH A . 
C 3 HOH 134 2134 1657 HOH HOH A . 
C 3 HOH 135 2135 1698 HOH HOH A . 
C 3 HOH 136 2136 4    HOH HOH A . 
C 3 HOH 137 2137 1611 HOH HOH A . 
C 3 HOH 138 2138 1641 HOH HOH A . 
C 3 HOH 139 2139 1737 HOH HOH A . 
C 3 HOH 140 2140 1667 HOH HOH A . 
C 3 HOH 141 2141 1726 HOH HOH A . 
C 3 HOH 142 2142 1727 HOH HOH A . 
C 3 HOH 143 2143 1730 HOH HOH A . 
C 3 HOH 144 2144 1735 HOH HOH A . 
C 3 HOH 145 2145 1731 HOH HOH A . 
C 3 HOH 146 2146 1744 HOH HOH A . 
C 3 HOH 147 2147 1635 HOH HOH A . 
C 3 HOH 148 2148 1746 HOH HOH A . 
C 3 HOH 149 2149 7    HOH HOH A . 
C 3 HOH 150 2150 1703 HOH HOH A . 
C 3 HOH 151 2151 1702 HOH HOH A . 
C 3 HOH 152 2152 1711 HOH HOH A . 
C 3 HOH 153 2153 1710 HOH HOH A . 
C 3 HOH 154 2154 20   HOH HOH A . 
C 3 HOH 155 2155 1750 HOH HOH A . 
C 3 HOH 156 2156 1640 HOH HOH A . 
C 3 HOH 157 2157 1772 HOH HOH A . 
C 3 HOH 158 2158 1749 HOH HOH A . 
C 3 HOH 159 2159 1752 HOH HOH A . 
C 3 HOH 160 2160 1756 HOH HOH A . 
C 3 HOH 161 2161 18   HOH HOH A . 
C 3 HOH 162 2162 1777 HOH HOH A . 
C 3 HOH 163 2163 1751 HOH HOH A . 
C 3 HOH 164 2164 1753 HOH HOH A . 
C 3 HOH 165 2165 1742 HOH HOH A . 
C 3 HOH 166 2166 1748 HOH HOH A . 
C 3 HOH 167 2167 1743 HOH HOH A . 
C 3 HOH 168 2168 1766 HOH HOH A . 
C 3 HOH 169 2169 13   HOH HOH A . 
C 3 HOH 170 2170 16   HOH HOH A . 
C 3 HOH 171 2171 1769 HOH HOH A . 
C 3 HOH 172 2172 1794 HOH HOH A . 
C 3 HOH 173 2173 1762 HOH HOH A . 
C 3 HOH 174 2174 1759 HOH HOH A . 
C 3 HOH 175 2175 12   HOH HOH A . 
C 3 HOH 176 2176 1747 HOH HOH A . 
C 3 HOH 177 2177 1758 HOH HOH A . 
C 3 HOH 178 2178 1784 HOH HOH A . 
C 3 HOH 179 2179 1754 HOH HOH A . 
C 3 HOH 180 2180 1773 HOH HOH A . 
C 3 HOH 181 2181 1765 HOH HOH A . 
C 3 HOH 182 2182 1763 HOH HOH A . 
C 3 HOH 183 2183 1764 HOH HOH A . 
C 3 HOH 184 2184 17   HOH HOH A . 
C 3 HOH 185 2185 1786 HOH HOH A . 
C 3 HOH 186 2186 1768 HOH HOH A . 
C 3 HOH 187 2187 14   HOH HOH A . 
C 3 HOH 188 2188 1795 HOH HOH A . 
C 3 HOH 189 2189 1760 HOH HOH A . 
C 3 HOH 190 2190 1776 HOH HOH A . 
C 3 HOH 191 2191 1782 HOH HOH A . 
C 3 HOH 192 2192 1778 HOH HOH A . 
C 3 HOH 193 2193 1775 HOH HOH A . 
C 3 HOH 194 2194 1785 HOH HOH A . 
C 3 HOH 195 2195 11   HOH HOH A . 
C 3 HOH 196 2196 1796 HOH HOH A . 
C 3 HOH 197 2197 1781 HOH HOH A . 
C 3 HOH 198 2198 1780 HOH HOH A . 
C 3 HOH 199 2199 1774 HOH HOH A . 
C 3 HOH 200 2200 1787 HOH HOH A . 
C 3 HOH 201 2201 6    HOH HOH A . 
C 3 HOH 202 2202 1789 HOH HOH A . 
C 3 HOH 203 2203 10   HOH HOH A . 
C 3 HOH 204 2204 5    HOH HOH A . 
C 3 HOH 205 2205 1792 HOH HOH A . 
C 3 HOH 206 2206 1790 HOH HOH A . 
C 3 HOH 207 2207 1783 HOH HOH A . 
C 3 HOH 208 2208 1791 HOH HOH A . 
C 3 HOH 209 2209 1793 HOH HOH A . 
C 3 HOH 210 2210 15   HOH HOH A . 
C 3 HOH 211 2211 1798 HOH HOH A . 
C 3 HOH 212 2212 1799 HOH HOH A . 
C 3 HOH 213 2213 1800 HOH HOH A . 
# 
loop_
_pdbx_unobs_or_zero_occ_atoms.id 
_pdbx_unobs_or_zero_occ_atoms.PDB_model_num 
_pdbx_unobs_or_zero_occ_atoms.polymer_flag 
_pdbx_unobs_or_zero_occ_atoms.occupancy_flag 
_pdbx_unobs_or_zero_occ_atoms.auth_asym_id 
_pdbx_unobs_or_zero_occ_atoms.auth_comp_id 
_pdbx_unobs_or_zero_occ_atoms.auth_seq_id 
_pdbx_unobs_or_zero_occ_atoms.PDB_ins_code 
_pdbx_unobs_or_zero_occ_atoms.auth_atom_id 
_pdbx_unobs_or_zero_occ_atoms.label_alt_id 
_pdbx_unobs_or_zero_occ_atoms.label_asym_id 
_pdbx_unobs_or_zero_occ_atoms.label_comp_id 
_pdbx_unobs_or_zero_occ_atoms.label_seq_id 
_pdbx_unobs_or_zero_occ_atoms.label_atom_id 
1 1 Y 1 A GLN 1334 ? CD  ? A GLN 43 CD  
2 1 Y 1 A GLN 1334 ? OE1 ? A GLN 43 OE1 
3 1 Y 1 A GLN 1334 ? NE2 ? A GLN 43 NE2 
# 
loop_
_software.pdbx_ordinal 
_software.name 
_software.version 
_software.date 
_software.type 
_software.contact_author 
_software.contact_author_email 
_software.classification 
_software.location 
_software.language 
_software.citation_id 
1 REFMAC      5.8.0267 ?               program 'Garib N. Murshudov' garib@ysbl.york.ac.uk    refinement        
http://www.ccp4.ac.uk/dist/html/refmac5.html        Fortran_77 ? 
2 Aimless     0.7.7    23/04/21        program 'Phil Evans'         ?                        'data scaling'    
http://www.mrc-lmb.cam.ac.uk/harry/pre/aimless.html ?          ? 
3 PDB_EXTRACT 3.23     'SEP. 23, 2016' package PDB                  deposit@deposit.rcsb.org 'data extraction' 
http://sw-tools.pdb.org/apps/PDB_EXTRACT/           C++        ? 
4 XDS         .        ?               program ?                    ?                        'data reduction'  ? ?          ? 
5 REFMAC      .        ?               program ?                    ?                        phasing           ? ?          ? 
# 
_cell.entry_id           7FVC 
_cell.length_a           81.897 
_cell.length_b           27.340 
_cell.length_c           56.351 
_cell.angle_alpha        90.000 
_cell.angle_beta         100.050 
_cell.angle_gamma        90.000 
_cell.Z_PDB              4 
_cell.pdbx_unique_axis   ? 
# 
_symmetry.entry_id                         7FVC 
_symmetry.space_group_name_H-M             'C 1 2 1' 
_symmetry.pdbx_full_space_group_name_H-M   ? 
_symmetry.cell_setting                     ? 
_symmetry.Int_Tables_number                5 
# 
_exptl.crystals_number   1 
_exptl.entry_id          7FVC 
_exptl.method            'X-RAY DIFFRACTION' 
# 
_exptl_crystal.id                    1 
_exptl_crystal.pdbx_mosaicity        0.000 
_exptl_crystal.pdbx_mosaicity_esd    ? 
_exptl_crystal.density_Matthews      1.76 
_exptl_crystal.density_diffrn        ? 
_exptl_crystal.density_meas          ? 
_exptl_crystal.density_meas_temp     ? 
_exptl_crystal.density_percent_sol   30.19 
_exptl_crystal.size_max              ? 
_exptl_crystal.size_mid              ? 
_exptl_crystal.size_min              ? 
_exptl_crystal.size_rad              ? 
_exptl_crystal.description           ? 
# 
_exptl_crystal_grow.crystal_id      1 
_exptl_crystal_grow.method          'VAPOR DIFFUSION, SITTING DROP' 
_exptl_crystal_grow.pH              5.6 
_exptl_crystal_grow.temp            277 
_exptl_crystal_grow.pdbx_details    '20% PEG 8000, 0.04M potassium phosphate' 
_exptl_crystal_grow.temp_details    ? 
_exptl_crystal_grow.pdbx_pH_range   ? 
# 
_diffrn.id                     1 
_diffrn.ambient_temp           100 
_diffrn.crystal_id             1 
_diffrn.ambient_temp_details   ? 
# 
_diffrn_detector.detector               PIXEL 
_diffrn_detector.type                   'DECTRIS PILATUS 6M' 
_diffrn_detector.pdbx_collection_date   2022-09-24 
_diffrn_detector.diffrn_id              1 
_diffrn_detector.details                ? 
# 
_diffrn_radiation.diffrn_id                        1 
_diffrn_radiation.wavelength_id                    1 
_diffrn_radiation.pdbx_diffrn_protocol             'SINGLE WAVELENGTH' 
_diffrn_radiation.pdbx_monochromatic_or_laue_m_l   ? 
_diffrn_radiation.monochromator                    ? 
_diffrn_radiation.pdbx_scattering_type             x-ray 
# 
_diffrn_radiation_wavelength.id           1 
_diffrn_radiation_wavelength.wavelength   0.92124 
_diffrn_radiation_wavelength.wt           1.0 
# 
_diffrn_source.diffrn_id                   1 
_diffrn_source.source                      SYNCHROTRON 
_diffrn_source.type                        'DIAMOND BEAMLINE I04-1' 
_diffrn_source.pdbx_wavelength_list        0.92124 
_diffrn_source.pdbx_synchrotron_site       Diamond 
_diffrn_source.pdbx_synchrotron_beamline   I04-1 
_diffrn_source.pdbx_wavelength             ? 
# 
_reflns.entry_id                     7FVC 
_reflns.pdbx_diffrn_id               1 
_reflns.pdbx_ordinal                 1 
_reflns.observed_criterion_sigma_I   ? 
_reflns.observed_criterion_sigma_F   ? 
_reflns.d_resolution_low             27.750 
_reflns.d_resolution_high            1.180 
_reflns.number_obs                   33449 
_reflns.number_all                   ? 
_reflns.percent_possible_obs         81.900 
_reflns.pdbx_Rmerge_I_obs            0.043 
_reflns.pdbx_Rsym_value              ? 
_reflns.pdbx_netI_over_sigmaI        23.800 
_reflns.B_iso_Wilson_estimate        ? 
_reflns.pdbx_redundancy              5.200 
_reflns.pdbx_Rrim_I_all              0.048 
_reflns.pdbx_Rpim_I_all              0.019 
_reflns.pdbx_CC_half                 0.997 
_reflns.pdbx_netI_over_av_sigmaI     ? 
_reflns.pdbx_number_measured_all     173051 
_reflns.pdbx_scaling_rejects         0 
_reflns.pdbx_chi_squared             ? 
_reflns.Rmerge_F_all                 ? 
_reflns.Rmerge_F_obs                 ? 
_reflns.observed_criterion_F_max     ? 
_reflns.observed_criterion_F_min     ? 
_reflns.observed_criterion_I_max     ? 
_reflns.observed_criterion_I_min     ? 
_reflns.pdbx_d_res_high_opt          ? 
_reflns.pdbx_d_res_low_opt           ? 
_reflns.details                      ? 
# 
loop_
_reflns_shell.pdbx_diffrn_id 
_reflns_shell.pdbx_ordinal 
_reflns_shell.d_res_high 
_reflns_shell.d_res_low 
_reflns_shell.number_measured_obs 
_reflns_shell.number_measured_all 
_reflns_shell.number_unique_obs 
_reflns_shell.pdbx_rejects 
_reflns_shell.Rmerge_I_obs 
_reflns_shell.meanI_over_sigI_obs 
_reflns_shell.pdbx_Rsym_value 
_reflns_shell.pdbx_chi_squared 
_reflns_shell.pdbx_redundancy 
_reflns_shell.percent_possible_obs 
_reflns_shell.pdbx_netI_over_sigmaI_obs 
_reflns_shell.number_possible 
_reflns_shell.number_unique_all 
_reflns_shell.Rmerge_F_all 
_reflns_shell.Rmerge_F_obs 
_reflns_shell.Rmerge_I_all 
_reflns_shell.meanI_over_sigI_all 
_reflns_shell.percent_possible_all 
_reflns_shell.pdbx_Rrim_I_all 
_reflns_shell.pdbx_Rpim_I_all 
_reflns_shell.pdbx_CC_half 
1 1 1.180 1.200  ? 432  ? ? 0.215 ? ? ? 1.100 ? 1.000  ? 382 ? ? ? ? 19.100 0.304 0.214 0.945 
1 2 6.470 27.750 ? 1594 ? ? 0.058 ? ? ? 5.600 ? 68.300 ? 283 ? ? ? ? 99.000 0.065 0.028 0.991 
# 
_refine.entry_id                                 7FVC 
_refine.pdbx_refine_id                           'X-RAY DIFFRACTION' 
_refine.ls_d_res_high                            1.1800 
_refine.ls_d_res_low                             27.7600 
_refine.pdbx_ls_sigma_F                          0.000 
_refine.pdbx_data_cutoff_high_absF               ? 
_refine.pdbx_data_cutoff_low_absF                ? 
_refine.ls_percent_reflns_obs                    81.8800 
_refine.ls_number_reflns_obs                     31787 
_refine.ls_number_reflns_all                     ? 
_refine.pdbx_ls_cross_valid_method               THROUGHOUT 
_refine.ls_matrix_type                           ? 
_refine.pdbx_R_Free_selection_details            RANDOM 
_refine.details                                  
'HYDROGENS HAVE BEEN ADDED IN THE RIDING POSITIONS U VALUES      : REFINED INDIVIDUALLY' 
_refine.ls_R_factor_all                          ? 
_refine.ls_R_factor_obs                          0.1742 
_refine.ls_R_factor_R_work                       0.1731 
_refine.ls_wR_factor_R_work                      ? 
_refine.ls_R_factor_R_free                       0.1961 
_refine.ls_wR_factor_R_free                      ? 
_refine.ls_percent_reflns_R_free                 5.0000 
_refine.ls_number_reflns_R_free                  1662 
_refine.ls_number_reflns_R_work                  ? 
_refine.ls_R_factor_R_free_error                 ? 
_refine.B_iso_mean                               19.4760 
_refine.solvent_model_param_bsol                 ? 
_refine.solvent_model_param_ksol                 ? 
_refine.pdbx_isotropic_thermal_model             ? 
_refine.aniso_B[1][1]                            -0.0800 
_refine.aniso_B[2][2]                            0.9200 
_refine.aniso_B[3][3]                            -0.9200 
_refine.aniso_B[1][2]                            -0.0000 
_refine.aniso_B[1][3]                            0.4000 
_refine.aniso_B[2][3]                            0.0000 
_refine.correlation_coeff_Fo_to_Fc               0.9680 
_refine.correlation_coeff_Fo_to_Fc_free          0.9570 
_refine.overall_SU_R_Cruickshank_DPI             ? 
_refine.pdbx_overall_SU_R_free_Cruickshank_DPI   ? 
_refine.pdbx_overall_SU_R_Blow_DPI               ? 
_refine.pdbx_overall_SU_R_free_Blow_DPI          ? 
_refine.overall_SU_R_free                        ? 
_refine.pdbx_overall_ESU_R                       0.0700 
_refine.pdbx_overall_ESU_R_Free                  0.0670 
_refine.overall_SU_ML                            0.0540 
_refine.overall_SU_B                             1.2730 
_refine.solvent_model_details                    MASK 
_refine.pdbx_solvent_vdw_probe_radii             1.2000 
_refine.pdbx_solvent_ion_probe_radii             0.8000 
_refine.pdbx_solvent_shrinkage_radii             0.8000 
_refine.ls_number_parameters                     ? 
_refine.ls_number_restraints                     ? 
_refine.pdbx_starting_model                      7av9 
_refine.pdbx_method_to_determine_struct          'FOURIER SYNTHESIS' 
_refine.pdbx_stereochemistry_target_values       'MAXIMUM LIKELIHOOD' 
_refine.pdbx_stereochem_target_val_spec_case     ? 
_refine.overall_FOM_work_R_set                   ? 
_refine.B_iso_max                                74.480 
_refine.B_iso_min                                9.910 
_refine.pdbx_overall_phase_error                 ? 
_refine.occupancy_max                            ? 
_refine.occupancy_min                            ? 
_refine.pdbx_diffrn_id                           1 
_refine.pdbx_TLS_residual_ADP_flag               ? 
_refine.pdbx_ls_sigma_I                          ? 
_refine.pdbx_data_cutoff_high_rms_absF           ? 
_refine.ls_R_factor_R_free_error_details         ? 
# 
_refine_hist.cycle_id                         final 
_refine_hist.pdbx_refine_id                   'X-RAY DIFFRACTION' 
_refine_hist.d_res_high                       1.1800 
_refine_hist.d_res_low                        27.7600 
_refine_hist.pdbx_number_atoms_ligand         23 
_refine_hist.number_atoms_solvent             213 
_refine_hist.number_atoms_total               1239 
_refine_hist.pdbx_number_residues_total       121 
_refine_hist.pdbx_B_iso_mean_ligand           65.18 
_refine_hist.pdbx_B_iso_mean_solvent          28.50 
_refine_hist.pdbx_number_atoms_protein        1003 
_refine_hist.pdbx_number_atoms_nucleic_acid   0 
# 
loop_
_refine_ls_restr.pdbx_refine_id 
_refine_ls_restr.type 
_refine_ls_restr.number 
_refine_ls_restr.dev_ideal 
_refine_ls_restr.dev_ideal_target 
_refine_ls_restr.weight 
_refine_ls_restr.pdbx_restraint_function 
'X-RAY DIFFRACTION' r_bond_refined_d       2739 0.011  0.015  ? ? 
'X-RAY DIFFRACTION' r_bond_other_d         1883 0.001  0.014  ? ? 
'X-RAY DIFFRACTION' r_angle_refined_deg    2831 1.647  1.647  ? ? 
'X-RAY DIFFRACTION' r_angle_other_deg      4385 1.498  1.579  ? ? 
'X-RAY DIFFRACTION' r_dihedral_angle_1_deg 270  5.316  5.000  ? ? 
'X-RAY DIFFRACTION' r_dihedral_angle_2_deg 122  27.793 20.246 ? ? 
'X-RAY DIFFRACTION' r_dihedral_angle_3_deg 356  12.834 15.000 ? ? 
'X-RAY DIFFRACTION' r_dihedral_angle_4_deg 18   15.942 15.000 ? ? 
'X-RAY DIFFRACTION' r_chiral_restr         259  0.091  0.200  ? ? 
'X-RAY DIFFRACTION' r_gen_planes_refined   2489 0.008  0.020  ? ? 
'X-RAY DIFFRACTION' r_gen_planes_other     531  0.003  0.020  ? ? 
'X-RAY DIFFRACTION' r_mcbond_it            1299 1.497  1.744  ? ? 
'X-RAY DIFFRACTION' r_mcbond_other         1246 1.525  1.673  ? ? 
'X-RAY DIFFRACTION' r_mcangle_it           1274 2.977  2.439  ? ? 
# 
_refine_ls_shell.d_res_high                       1.1800 
_refine_ls_shell.d_res_low                        1.2110 
_refine_ls_shell.pdbx_total_number_of_bins_used   20 
_refine_ls_shell.percent_reflns_obs               20.3600 
_refine_ls_shell.number_reflns_R_work             579 
_refine_ls_shell.R_factor_all                     ? 
_refine_ls_shell.R_factor_R_work                  0.3160 
_refine_ls_shell.R_factor_R_free                  0.3730 
_refine_ls_shell.percent_reflns_R_free            ? 
_refine_ls_shell.number_reflns_R_free             26 
_refine_ls_shell.R_factor_R_free_error            ? 
_refine_ls_shell.number_reflns_all                605 
_refine_ls_shell.number_reflns_obs                ? 
_refine_ls_shell.pdbx_refine_id                   'X-RAY DIFFRACTION' 
# 
_struct.entry_id                  7FVC 
_struct.title                     'PanDDA analysis group deposition -- PHIP in complex with Z495704106' 
_struct.pdbx_model_details        ? 
_struct.pdbx_CASP_flag            ? 
_struct.pdbx_model_type_details   ? 
# 
_struct_keywords.entry_id        7FVC 
_struct_keywords.text            
'False negatives, ligand features, rescreening, catalogue, fragment follow-ups, automated chemistry, SIGNALING PROTEIN' 
_struct_keywords.pdbx_keywords   'SIGNALING PROTEIN' 
# 
loop_
_struct_asym.id 
_struct_asym.pdbx_blank_PDB_chainid_flag 
_struct_asym.pdbx_modified 
_struct_asym.entity_id 
_struct_asym.details 
A N N 1 ? 
B N N 2 ? 
C N N 3 ? 
# 
_struct_ref.id                         1 
_struct_ref.db_name                    UNP 
_struct_ref.db_code                    PHIP_HUMAN 
_struct_ref.pdbx_db_accession          Q8WWQ0 
_struct_ref.pdbx_db_isoform            ? 
_struct_ref.entity_id                  1 
_struct_ref.pdbx_seq_one_letter_code   
;SYDIQAWKKQCEELLNLIFQCEDSEPFRQPVDLLEYPDYRDIIDTPMDFATVRETLEAGNYESPMELCKDVRLIFSNSKA
YTPSKRSRIYSMSLRLSAFFEEHISSVLSDYKSALRFHKRNTITKR
;
_struct_ref.pdbx_align_begin           1315 
# 
_struct_ref_seq.align_id                      1 
_struct_ref_seq.ref_id                        1 
_struct_ref_seq.pdbx_PDB_id_code              7FVC 
_struct_ref_seq.pdbx_strand_id                A 
_struct_ref_seq.seq_align_beg                 24 
_struct_ref_seq.pdbx_seq_align_beg_ins_code   ? 
_struct_ref_seq.seq_align_end                 149 
_struct_ref_seq.pdbx_seq_align_end_ins_code   ? 
_struct_ref_seq.pdbx_db_accession             Q8WWQ0 
_struct_ref_seq.db_align_beg                  1315 
_struct_ref_seq.pdbx_db_align_beg_ins_code    ? 
_struct_ref_seq.db_align_end                  1440 
_struct_ref_seq.pdbx_db_align_end_ins_code    ? 
_struct_ref_seq.pdbx_auth_seq_align_beg       1315 
_struct_ref_seq.pdbx_auth_seq_align_end       1440 
# 
loop_
_struct_ref_seq_dif.align_id 
_struct_ref_seq_dif.pdbx_pdb_id_code 
_struct_ref_seq_dif.mon_id 
_struct_ref_seq_dif.pdbx_pdb_strand_id 
_struct_ref_seq_dif.seq_num 
_struct_ref_seq_dif.pdbx_pdb_ins_code 
_struct_ref_seq_dif.pdbx_seq_db_name 
_struct_ref_seq_dif.pdbx_seq_db_accession_code 
_struct_ref_seq_dif.db_mon_id 
_struct_ref_seq_dif.pdbx_seq_db_seq_num 
_struct_ref_seq_dif.details 
_struct_ref_seq_dif.pdbx_auth_seq_num 
_struct_ref_seq_dif.pdbx_ordinal 
1 7FVC MET A 1  ? UNP Q8WWQ0 ? ? 'initiating methionine' 1292 1  
1 7FVC HIS A 2  ? UNP Q8WWQ0 ? ? 'expression tag'        1293 2  
1 7FVC HIS A 3  ? UNP Q8WWQ0 ? ? 'expression tag'        1294 3  
1 7FVC HIS A 4  ? UNP Q8WWQ0 ? ? 'expression tag'        1295 4  
1 7FVC HIS A 5  ? UNP Q8WWQ0 ? ? 'expression tag'        1296 5  
1 7FVC HIS A 6  ? UNP Q8WWQ0 ? ? 'expression tag'        1297 6  
1 7FVC HIS A 7  ? UNP Q8WWQ0 ? ? 'expression tag'        1298 7  
1 7FVC SER A 8  ? UNP Q8WWQ0 ? ? 'expression tag'        1299 8  
1 7FVC SER A 9  ? UNP Q8WWQ0 ? ? 'expression tag'        1300 9  
1 7FVC GLY A 10 ? UNP Q8WWQ0 ? ? 'expression tag'        1301 10 
1 7FVC VAL A 11 ? UNP Q8WWQ0 ? ? 'expression tag'        1302 11 
1 7FVC ASP A 12 ? UNP Q8WWQ0 ? ? 'expression tag'        1303 12 
1 7FVC LEU A 13 ? UNP Q8WWQ0 ? ? 'expression tag'        1304 13 
1 7FVC GLY A 14 ? UNP Q8WWQ0 ? ? 'expression tag'        1305 14 
1 7FVC THR A 15 ? UNP Q8WWQ0 ? ? 'expression tag'        1306 15 
1 7FVC GLU A 16 ? UNP Q8WWQ0 ? ? 'expression tag'        1307 16 
1 7FVC ASN A 17 ? UNP Q8WWQ0 ? ? 'expression tag'        1308 17 
1 7FVC LEU A 18 ? UNP Q8WWQ0 ? ? 'expression tag'        1309 18 
1 7FVC TYR A 19 ? UNP Q8WWQ0 ? ? 'expression tag'        1310 19 
1 7FVC PHE A 20 ? UNP Q8WWQ0 ? ? 'expression tag'        1311 20 
1 7FVC GLN A 21 ? UNP Q8WWQ0 ? ? 'expression tag'        1312 21 
1 7FVC SER A 22 ? UNP Q8WWQ0 ? ? 'expression tag'        1313 22 
1 7FVC MET A 23 ? UNP Q8WWQ0 ? ? 'expression tag'        1314 23 
# 
_pdbx_struct_assembly.id                   1 
_pdbx_struct_assembly.details              author_and_software_defined_assembly 
_pdbx_struct_assembly.method_details       PISA 
_pdbx_struct_assembly.oligomeric_details   monomeric 
_pdbx_struct_assembly.oligomeric_count     1 
# 
_pdbx_struct_assembly_gen.assembly_id       1 
_pdbx_struct_assembly_gen.oper_expression   1 
_pdbx_struct_assembly_gen.asym_id_list      A,B,C 
# 
_pdbx_struct_oper_list.id                   1 
_pdbx_struct_oper_list.type                 'identity operation' 
_pdbx_struct_oper_list.name                 1_555 
_pdbx_struct_oper_list.symmetry_operation   x,y,z 
_pdbx_struct_oper_list.matrix[1][1]         1.0000000000 
_pdbx_struct_oper_list.matrix[1][2]         0.0000000000 
_pdbx_struct_oper_list.matrix[1][3]         0.0000000000 
_pdbx_struct_oper_list.vector[1]            0.0000000000 
_pdbx_struct_oper_list.matrix[2][1]         0.0000000000 
_pdbx_struct_oper_list.matrix[2][2]         1.0000000000 
_pdbx_struct_oper_list.matrix[2][3]         0.0000000000 
_pdbx_struct_oper_list.vector[2]            0.0000000000 
_pdbx_struct_oper_list.matrix[3][1]         0.0000000000 
_pdbx_struct_oper_list.matrix[3][2]         0.0000000000 
_pdbx_struct_oper_list.matrix[3][3]         1.0000000000 
_pdbx_struct_oper_list.vector[3]            0.0000000000 
# 
loop_
_struct_conf.conf_type_id 
_struct_conf.id 
_struct_conf.pdbx_PDB_helix_id 
_struct_conf.beg_label_comp_id 
_struct_conf.beg_label_asym_id 
_struct_conf.beg_label_seq_id 
_struct_conf.pdbx_beg_PDB_ins_code 
_struct_conf.end_label_comp_id 
_struct_conf.end_label_asym_id 
_struct_conf.end_label_seq_id 
_struct_conf.pdbx_end_PDB_ins_code 
_struct_conf.beg_auth_comp_id 
_struct_conf.beg_auth_asym_id 
_struct_conf.beg_auth_seq_id 
_struct_conf.end_auth_comp_id 
_struct_conf.end_auth_asym_id 
_struct_conf.end_auth_seq_id 
_struct_conf.pdbx_PDB_helix_class 
_struct_conf.details 
_struct_conf.pdbx_PDB_helix_length 
HELX_P HELX_P1 AA1 ALA A 29  ? GLN A 43  ? ALA A 1320 GLN A 1334 1 ? 15 
HELX_P HELX_P2 AA2 CYS A 44  ? ARG A 51  ? CYS A 1335 ARG A 1342 5 ? 8  
HELX_P HELX_P3 AA3 ASP A 61  ? ILE A 66  ? ASP A 1352 ILE A 1357 1 ? 6  
HELX_P HELX_P4 AA4 ASP A 71  ? ALA A 81  ? ASP A 1362 ALA A 1372 1 ? 11 
HELX_P HELX_P5 AA5 SER A 86  ? THR A 105 ? SER A 1377 THR A 1396 1 ? 20 
HELX_P HELX_P6 AA6 SER A 110 ? LYS A 142 ? SER A 1401 LYS A 1433 1 ? 33 
# 
_struct_conf_type.id          HELX_P 
_struct_conf_type.criteria    ? 
_struct_conf_type.reference   ? 
# 
loop_
_pdbx_validate_close_contact.id 
_pdbx_validate_close_contact.PDB_model_num 
_pdbx_validate_close_contact.auth_atom_id_1 
_pdbx_validate_close_contact.auth_asym_id_1 
_pdbx_validate_close_contact.auth_comp_id_1 
_pdbx_validate_close_contact.auth_seq_id_1 
_pdbx_validate_close_contact.PDB_ins_code_1 
_pdbx_validate_close_contact.label_alt_id_1 
_pdbx_validate_close_contact.auth_atom_id_2 
_pdbx_validate_close_contact.auth_asym_id_2 
_pdbx_validate_close_contact.auth_comp_id_2 
_pdbx_validate_close_contact.auth_seq_id_2 
_pdbx_validate_close_contact.PDB_ins_code_2 
_pdbx_validate_close_contact.label_alt_id_2 
_pdbx_validate_close_contact.dist 
1 1 O A HOH 2069 ? ? O A HOH 2073 ? ? 1.75 
2 1 O A HOH 2022 ? ? O A HOH 2110 ? ? 2.18 
# 
loop_
_pdbx_validate_symm_contact.id 
_pdbx_validate_symm_contact.PDB_model_num 
_pdbx_validate_symm_contact.auth_atom_id_1 
_pdbx_validate_symm_contact.auth_asym_id_1 
_pdbx_validate_symm_contact.auth_comp_id_1 
_pdbx_validate_symm_contact.auth_seq_id_1 
_pdbx_validate_symm_contact.PDB_ins_code_1 
_pdbx_validate_symm_contact.label_alt_id_1 
_pdbx_validate_symm_contact.site_symmetry_1 
_pdbx_validate_symm_contact.auth_atom_id_2 
_pdbx_validate_symm_contact.auth_asym_id_2 
_pdbx_validate_symm_contact.auth_comp_id_2 
_pdbx_validate_symm_contact.auth_seq_id_2 
_pdbx_validate_symm_contact.PDB_ins_code_2 
_pdbx_validate_symm_contact.label_alt_id_2 
_pdbx_validate_symm_contact.site_symmetry_2 
_pdbx_validate_symm_contact.dist 
1 1 O A HOH 2053 ? ? 1_555 O A HOH 2155 ? ? 4_446 1.95 
2 1 O A HOH 2168 ? ? 1_555 O A HOH 2199 ? ? 4_445 2.08 
# 
loop_
_pdbx_struct_special_symmetry.id 
_pdbx_struct_special_symmetry.PDB_model_num 
_pdbx_struct_special_symmetry.auth_asym_id 
_pdbx_struct_special_symmetry.auth_comp_id 
_pdbx_struct_special_symmetry.auth_seq_id 
_pdbx_struct_special_symmetry.PDB_ins_code 
_pdbx_struct_special_symmetry.label_asym_id 
_pdbx_struct_special_symmetry.label_comp_id 
_pdbx_struct_special_symmetry.label_seq_id 
1 1 A HOH 2144 ? C HOH . 
2 1 A HOH 2206 ? C HOH . 
# 
_phasing.method   MR 
# 
_pdbx_entry_details.entry_id                 7FVC 
_pdbx_entry_details.compound_details         ? 
_pdbx_entry_details.source_details           ? 
_pdbx_entry_details.nonpolymer_details       ? 
_pdbx_entry_details.sequence_details         ? 
_pdbx_entry_details.has_ligand_of_interest   Y 
# 
loop_
_pdbx_unobs_or_zero_occ_residues.id 
_pdbx_unobs_or_zero_occ_residues.PDB_model_num 
_pdbx_unobs_or_zero_occ_residues.polymer_flag 
_pdbx_unobs_or_zero_occ_residues.occupancy_flag 
_pdbx_unobs_or_zero_occ_residues.auth_asym_id 
_pdbx_unobs_or_zero_occ_residues.auth_comp_id 
_pdbx_unobs_or_zero_occ_residues.auth_seq_id 
_pdbx_unobs_or_zero_occ_residues.PDB_ins_code 
_pdbx_unobs_or_zero_occ_residues.label_asym_id 
_pdbx_unobs_or_zero_occ_residues.label_comp_id 
_pdbx_unobs_or_zero_occ_residues.label_seq_id 
1  1 Y 1 A MET 1292 ? A MET 1   
2  1 Y 1 A HIS 1293 ? A HIS 2   
3  1 Y 1 A HIS 1294 ? A HIS 3   
4  1 Y 1 A HIS 1295 ? A HIS 4   
5  1 Y 1 A HIS 1296 ? A HIS 5   
6  1 Y 1 A HIS 1297 ? A HIS 6   
7  1 Y 1 A HIS 1298 ? A HIS 7   
8  1 Y 1 A SER 1299 ? A SER 8   
9  1 Y 1 A SER 1300 ? A SER 9   
10 1 Y 1 A GLY 1301 ? A GLY 10  
11 1 Y 1 A VAL 1302 ? A VAL 11  
12 1 Y 1 A ASP 1303 ? A ASP 12  
13 1 Y 1 A LEU 1304 ? A LEU 13  
14 1 Y 1 A GLY 1305 ? A GLY 14  
15 1 Y 1 A THR 1306 ? A THR 15  
16 1 Y 1 A GLU 1307 ? A GLU 16  
17 1 Y 1 A ASN 1308 ? A ASN 17  
18 1 Y 1 A LEU 1309 ? A LEU 18  
19 1 Y 1 A TYR 1310 ? A TYR 19  
20 1 Y 1 A PHE 1311 ? A PHE 20  
21 1 Y 1 A GLN 1312 ? A GLN 21  
22 1 Y 1 A SER 1313 ? A SER 22  
23 1 Y 1 A MET 1314 ? A MET 23  
24 1 Y 1 A THR 1436 ? A THR 145 
25 1 Y 1 A ILE 1437 ? A ILE 146 
26 1 Y 1 A THR 1438 ? A THR 147 
27 1 Y 1 A LYS 1439 ? A LYS 148 
28 1 Y 1 A ARG 1440 ? A ARG 149 
# 
loop_
_chem_comp_atom.comp_id 
_chem_comp_atom.atom_id 
_chem_comp_atom.type_symbol 
_chem_comp_atom.pdbx_aromatic_flag 
_chem_comp_atom.pdbx_stereo_config 
_chem_comp_atom.pdbx_ordinal 
ALA N    N  N N 1   
ALA CA   C  N S 2   
ALA C    C  N N 3   
ALA O    O  N N 4   
ALA CB   C  N N 5   
ALA OXT  O  N N 6   
ALA H    H  N N 7   
ALA H2   H  N N 8   
ALA HA   H  N N 9   
ALA HB1  H  N N 10  
ALA HB2  H  N N 11  
ALA HB3  H  N N 12  
ALA HXT  H  N N 13  
ARG N    N  N N 14  
ARG CA   C  N S 15  
ARG C    C  N N 16  
ARG O    O  N N 17  
ARG CB   C  N N 18  
ARG CG   C  N N 19  
ARG CD   C  N N 20  
ARG NE   N  N N 21  
ARG CZ   C  N N 22  
ARG NH1  N  N N 23  
ARG NH2  N  N N 24  
ARG OXT  O  N N 25  
ARG H    H  N N 26  
ARG H2   H  N N 27  
ARG HA   H  N N 28  
ARG HB2  H  N N 29  
ARG HB3  H  N N 30  
ARG HG2  H  N N 31  
ARG HG3  H  N N 32  
ARG HD2  H  N N 33  
ARG HD3  H  N N 34  
ARG HE   H  N N 35  
ARG HH11 H  N N 36  
ARG HH12 H  N N 37  
ARG HH21 H  N N 38  
ARG HH22 H  N N 39  
ARG HXT  H  N N 40  
ASN N    N  N N 41  
ASN CA   C  N S 42  
ASN C    C  N N 43  
ASN O    O  N N 44  
ASN CB   C  N N 45  
ASN CG   C  N N 46  
ASN OD1  O  N N 47  
ASN ND2  N  N N 48  
ASN OXT  O  N N 49  
ASN H    H  N N 50  
ASN H2   H  N N 51  
ASN HA   H  N N 52  
ASN HB2  H  N N 53  
ASN HB3  H  N N 54  
ASN HD21 H  N N 55  
ASN HD22 H  N N 56  
ASN HXT  H  N N 57  
ASP N    N  N N 58  
ASP CA   C  N S 59  
ASP C    C  N N 60  
ASP O    O  N N 61  
ASP CB   C  N N 62  
ASP CG   C  N N 63  
ASP OD1  O  N N 64  
ASP OD2  O  N N 65  
ASP OXT  O  N N 66  
ASP H    H  N N 67  
ASP H2   H  N N 68  
ASP HA   H  N N 69  
ASP HB2  H  N N 70  
ASP HB3  H  N N 71  
ASP HD2  H  N N 72  
ASP HXT  H  N N 73  
CYS N    N  N N 74  
CYS CA   C  N R 75  
CYS C    C  N N 76  
CYS O    O  N N 77  
CYS CB   C  N N 78  
CYS SG   S  N N 79  
CYS OXT  O  N N 80  
CYS H    H  N N 81  
CYS H2   H  N N 82  
CYS HA   H  N N 83  
CYS HB2  H  N N 84  
CYS HB3  H  N N 85  
CYS HG   H  N N 86  
CYS HXT  H  N N 87  
GLN N    N  N N 88  
GLN CA   C  N S 89  
GLN C    C  N N 90  
GLN O    O  N N 91  
GLN CB   C  N N 92  
GLN CG   C  N N 93  
GLN CD   C  N N 94  
GLN OE1  O  N N 95  
GLN NE2  N  N N 96  
GLN OXT  O  N N 97  
GLN H    H  N N 98  
GLN H2   H  N N 99  
GLN HA   H  N N 100 
GLN HB2  H  N N 101 
GLN HB3  H  N N 102 
GLN HG2  H  N N 103 
GLN HG3  H  N N 104 
GLN HE21 H  N N 105 
GLN HE22 H  N N 106 
GLN HXT  H  N N 107 
GLU N    N  N N 108 
GLU CA   C  N S 109 
GLU C    C  N N 110 
GLU O    O  N N 111 
GLU CB   C  N N 112 
GLU CG   C  N N 113 
GLU CD   C  N N 114 
GLU OE1  O  N N 115 
GLU OE2  O  N N 116 
GLU OXT  O  N N 117 
GLU H    H  N N 118 
GLU H2   H  N N 119 
GLU HA   H  N N 120 
GLU HB2  H  N N 121 
GLU HB3  H  N N 122 
GLU HG2  H  N N 123 
GLU HG3  H  N N 124 
GLU HE2  H  N N 125 
GLU HXT  H  N N 126 
GLY N    N  N N 127 
GLY CA   C  N N 128 
GLY C    C  N N 129 
GLY O    O  N N 130 
GLY OXT  O  N N 131 
GLY H    H  N N 132 
GLY H2   H  N N 133 
GLY HA2  H  N N 134 
GLY HA3  H  N N 135 
GLY HXT  H  N N 136 
HIS N    N  N N 137 
HIS CA   C  N S 138 
HIS C    C  N N 139 
HIS O    O  N N 140 
HIS CB   C  N N 141 
HIS CG   C  Y N 142 
HIS ND1  N  Y N 143 
HIS CD2  C  Y N 144 
HIS CE1  C  Y N 145 
HIS NE2  N  Y N 146 
HIS OXT  O  N N 147 
HIS H    H  N N 148 
HIS H2   H  N N 149 
HIS HA   H  N N 150 
HIS HB2  H  N N 151 
HIS HB3  H  N N 152 
HIS HD1  H  N N 153 
HIS HD2  H  N N 154 
HIS HE1  H  N N 155 
HIS HE2  H  N N 156 
HIS HXT  H  N N 157 
HOH O    O  N N 158 
HOH H1   H  N N 159 
HOH H2   H  N N 160 
ILE N    N  N N 161 
ILE CA   C  N S 162 
ILE C    C  N N 163 
ILE O    O  N N 164 
ILE CB   C  N S 165 
ILE CG1  C  N N 166 
ILE CG2  C  N N 167 
ILE CD1  C  N N 168 
ILE OXT  O  N N 169 
ILE H    H  N N 170 
ILE H2   H  N N 171 
ILE HA   H  N N 172 
ILE HB   H  N N 173 
ILE HG12 H  N N 174 
ILE HG13 H  N N 175 
ILE HG21 H  N N 176 
ILE HG22 H  N N 177 
ILE HG23 H  N N 178 
ILE HD11 H  N N 179 
ILE HD12 H  N N 180 
ILE HD13 H  N N 181 
ILE HXT  H  N N 182 
LEU N    N  N N 183 
LEU CA   C  N S 184 
LEU C    C  N N 185 
LEU O    O  N N 186 
LEU CB   C  N N 187 
LEU CG   C  N N 188 
LEU CD1  C  N N 189 
LEU CD2  C  N N 190 
LEU OXT  O  N N 191 
LEU H    H  N N 192 
LEU H2   H  N N 193 
LEU HA   H  N N 194 
LEU HB2  H  N N 195 
LEU HB3  H  N N 196 
LEU HG   H  N N 197 
LEU HD11 H  N N 198 
LEU HD12 H  N N 199 
LEU HD13 H  N N 200 
LEU HD21 H  N N 201 
LEU HD22 H  N N 202 
LEU HD23 H  N N 203 
LEU HXT  H  N N 204 
LYS N    N  N N 205 
LYS CA   C  N S 206 
LYS C    C  N N 207 
LYS O    O  N N 208 
LYS CB   C  N N 209 
LYS CG   C  N N 210 
LYS CD   C  N N 211 
LYS CE   C  N N 212 
LYS NZ   N  N N 213 
LYS OXT  O  N N 214 
LYS H    H  N N 215 
LYS H2   H  N N 216 
LYS HA   H  N N 217 
LYS HB2  H  N N 218 
LYS HB3  H  N N 219 
LYS HG2  H  N N 220 
LYS HG3  H  N N 221 
LYS HD2  H  N N 222 
LYS HD3  H  N N 223 
LYS HE2  H  N N 224 
LYS HE3  H  N N 225 
LYS HZ1  H  N N 226 
LYS HZ2  H  N N 227 
LYS HZ3  H  N N 228 
LYS HXT  H  N N 229 
MET N    N  N N 230 
MET CA   C  N S 231 
MET C    C  N N 232 
MET O    O  N N 233 
MET CB   C  N N 234 
MET CG   C  N N 235 
MET SD   S  N N 236 
MET CE   C  N N 237 
MET OXT  O  N N 238 
MET H    H  N N 239 
MET H2   H  N N 240 
MET HA   H  N N 241 
MET HB2  H  N N 242 
MET HB3  H  N N 243 
MET HG2  H  N N 244 
MET HG3  H  N N 245 
MET HE1  H  N N 246 
MET HE2  H  N N 247 
MET HE3  H  N N 248 
MET HXT  H  N N 249 
PHE N    N  N N 250 
PHE CA   C  N S 251 
PHE C    C  N N 252 
PHE O    O  N N 253 
PHE CB   C  N N 254 
PHE CG   C  Y N 255 
PHE CD1  C  Y N 256 
PHE CD2  C  Y N 257 
PHE CE1  C  Y N 258 
PHE CE2  C  Y N 259 
PHE CZ   C  Y N 260 
PHE OXT  O  N N 261 
PHE H    H  N N 262 
PHE H2   H  N N 263 
PHE HA   H  N N 264 
PHE HB2  H  N N 265 
PHE HB3  H  N N 266 
PHE HD1  H  N N 267 
PHE HD2  H  N N 268 
PHE HE1  H  N N 269 
PHE HE2  H  N N 270 
PHE HZ   H  N N 271 
PHE HXT  H  N N 272 
PRO N    N  N N 273 
PRO CA   C  N S 274 
PRO C    C  N N 275 
PRO O    O  N N 276 
PRO CB   C  N N 277 
PRO CG   C  N N 278 
PRO CD   C  N N 279 
PRO OXT  O  N N 280 
PRO H    H  N N 281 
PRO HA   H  N N 282 
PRO HB2  H  N N 283 
PRO HB3  H  N N 284 
PRO HG2  H  N N 285 
PRO HG3  H  N N 286 
PRO HD2  H  N N 287 
PRO HD3  H  N N 288 
PRO HXT  H  N N 289 
SER N    N  N N 290 
SER CA   C  N S 291 
SER C    C  N N 292 
SER O    O  N N 293 
SER CB   C  N N 294 
SER OG   O  N N 295 
SER OXT  O  N N 296 
SER H    H  N N 297 
SER H2   H  N N 298 
SER HA   H  N N 299 
SER HB2  H  N N 300 
SER HB3  H  N N 301 
SER HG   H  N N 302 
SER HXT  H  N N 303 
THR N    N  N N 304 
THR CA   C  N S 305 
THR C    C  N N 306 
THR O    O  N N 307 
THR CB   C  N R 308 
THR OG1  O  N N 309 
THR CG2  C  N N 310 
THR OXT  O  N N 311 
THR H    H  N N 312 
THR H2   H  N N 313 
THR HA   H  N N 314 
THR HB   H  N N 315 
THR HG1  H  N N 316 
THR HG21 H  N N 317 
THR HG22 H  N N 318 
THR HG23 H  N N 319 
THR HXT  H  N N 320 
TRP N    N  N N 321 
TRP CA   C  N S 322 
TRP C    C  N N 323 
TRP O    O  N N 324 
TRP CB   C  N N 325 
TRP CG   C  Y N 326 
TRP CD1  C  Y N 327 
TRP CD2  C  Y N 328 
TRP NE1  N  Y N 329 
TRP CE2  C  Y N 330 
TRP CE3  C  Y N 331 
TRP CZ2  C  Y N 332 
TRP CZ3  C  Y N 333 
TRP CH2  C  Y N 334 
TRP OXT  O  N N 335 
TRP H    H  N N 336 
TRP H2   H  N N 337 
TRP HA   H  N N 338 
TRP HB2  H  N N 339 
TRP HB3  H  N N 340 
TRP HD1  H  N N 341 
TRP HE1  H  N N 342 
TRP HE3  H  N N 343 
TRP HZ2  H  N N 344 
TRP HZ3  H  N N 345 
TRP HH2  H  N N 346 
TRP HXT  H  N N 347 
TYR N    N  N N 348 
TYR CA   C  N S 349 
TYR C    C  N N 350 
TYR O    O  N N 351 
TYR CB   C  N N 352 
TYR CG   C  Y N 353 
TYR CD1  C  Y N 354 
TYR CD2  C  Y N 355 
TYR CE1  C  Y N 356 
TYR CE2  C  Y N 357 
TYR CZ   C  Y N 358 
TYR OH   O  N N 359 
TYR OXT  O  N N 360 
TYR H    H  N N 361 
TYR H2   H  N N 362 
TYR HA   H  N N 363 
TYR HB2  H  N N 364 
TYR HB3  H  N N 365 
TYR HD1  H  N N 366 
TYR HD2  H  N N 367 
TYR HE1  H  N N 368 
TYR HE2  H  N N 369 
TYR HH   H  N N 370 
TYR HXT  H  N N 371 
VAL N    N  N N 372 
VAL CA   C  N S 373 
VAL C    C  N N 374 
VAL O    O  N N 375 
VAL CB   C  N N 376 
VAL CG1  C  N N 377 
VAL CG2  C  N N 378 
VAL OXT  O  N N 379 
VAL H    H  N N 380 
VAL H2   H  N N 381 
VAL HA   H  N N 382 
VAL HB   H  N N 383 
VAL HG11 H  N N 384 
VAL HG12 H  N N 385 
VAL HG13 H  N N 386 
VAL HG21 H  N N 387 
VAL HG22 H  N N 388 
VAL HG23 H  N N 389 
VAL HXT  H  N N 390 
ZM6 N1   N  N N 391 
ZM6 N3   N  N N 392 
ZM6 C4   C  Y N 393 
ZM6 C5   C  Y N 394 
ZM6 C6   C  Y N 395 
ZM6 C7   C  N N 396 
ZM6 C8   C  N N 397 
ZM6 C10  C  N N 398 
ZM6 C13  C  N N 399 
ZM6 C15  C  N N 400 
ZM6 C1   C  Y N 401 
ZM6 C11  C  N N 402 
ZM6 C12  C  N N 403 
ZM6 C14  C  N N 404 
ZM6 C16  C  N N 405 
ZM6 C2   C  Y N 406 
ZM6 C3   C  Y N 407 
ZM6 C9   C  N N 408 
ZM6 N2   N  N N 409 
ZM6 O1   O  N N 410 
ZM6 O2   O  N N 411 
ZM6 CL1  CL N N 412 
ZM6 CL2  CL N N 413 
ZM6 H12  H  N N 414 
ZM6 H3   H  N N 415 
ZM6 H5   H  N N 416 
ZM6 H4   H  N N 417 
ZM6 H9   H  N N 418 
ZM6 H8   H  N N 419 
ZM6 H13  H  N N 420 
ZM6 H14  H  N N 421 
ZM6 H17  H  N N 422 
ZM6 H16  H  N N 423 
ZM6 H11  H  N N 424 
ZM6 H10  H  N N 425 
ZM6 H15  H  N N 426 
ZM6 H18  H  N N 427 
ZM6 H19  H  N N 428 
ZM6 H1   H  N N 429 
ZM6 H2   H  N N 430 
ZM6 H6   H  N N 431 
ZM6 H7   H  N N 432 
# 
loop_
_chem_comp_bond.comp_id 
_chem_comp_bond.atom_id_1 
_chem_comp_bond.atom_id_2 
_chem_comp_bond.value_order 
_chem_comp_bond.pdbx_aromatic_flag 
_chem_comp_bond.pdbx_stereo_config 
_chem_comp_bond.pdbx_ordinal 
ALA N   CA   sing N N 1   
ALA N   H    sing N N 2   
ALA N   H2   sing N N 3   
ALA CA  C    sing N N 4   
ALA CA  CB   sing N N 5   
ALA CA  HA   sing N N 6   
ALA C   O    doub N N 7   
ALA C   OXT  sing N N 8   
ALA CB  HB1  sing N N 9   
ALA CB  HB2  sing N N 10  
ALA CB  HB3  sing N N 11  
ALA OXT HXT  sing N N 12  
ARG N   CA   sing N N 13  
ARG N   H    sing N N 14  
ARG N   H2   sing N N 15  
ARG CA  C    sing N N 16  
ARG CA  CB   sing N N 17  
ARG CA  HA   sing N N 18  
ARG C   O    doub N N 19  
ARG C   OXT  sing N N 20  
ARG CB  CG   sing N N 21  
ARG CB  HB2  sing N N 22  
ARG CB  HB3  sing N N 23  
ARG CG  CD   sing N N 24  
ARG CG  HG2  sing N N 25  
ARG CG  HG3  sing N N 26  
ARG CD  NE   sing N N 27  
ARG CD  HD2  sing N N 28  
ARG CD  HD3  sing N N 29  
ARG NE  CZ   sing N N 30  
ARG NE  HE   sing N N 31  
ARG CZ  NH1  sing N N 32  
ARG CZ  NH2  doub N N 33  
ARG NH1 HH11 sing N N 34  
ARG NH1 HH12 sing N N 35  
ARG NH2 HH21 sing N N 36  
ARG NH2 HH22 sing N N 37  
ARG OXT HXT  sing N N 38  
ASN N   CA   sing N N 39  
ASN N   H    sing N N 40  
ASN N   H2   sing N N 41  
ASN CA  C    sing N N 42  
ASN CA  CB   sing N N 43  
ASN CA  HA   sing N N 44  
ASN C   O    doub N N 45  
ASN C   OXT  sing N N 46  
ASN CB  CG   sing N N 47  
ASN CB  HB2  sing N N 48  
ASN CB  HB3  sing N N 49  
ASN CG  OD1  doub N N 50  
ASN CG  ND2  sing N N 51  
ASN ND2 HD21 sing N N 52  
ASN ND2 HD22 sing N N 53  
ASN OXT HXT  sing N N 54  
ASP N   CA   sing N N 55  
ASP N   H    sing N N 56  
ASP N   H2   sing N N 57  
ASP CA  C    sing N N 58  
ASP CA  CB   sing N N 59  
ASP CA  HA   sing N N 60  
ASP C   O    doub N N 61  
ASP C   OXT  sing N N 62  
ASP CB  CG   sing N N 63  
ASP CB  HB2  sing N N 64  
ASP CB  HB3  sing N N 65  
ASP CG  OD1  doub N N 66  
ASP CG  OD2  sing N N 67  
ASP OD2 HD2  sing N N 68  
ASP OXT HXT  sing N N 69  
CYS N   CA   sing N N 70  
CYS N   H    sing N N 71  
CYS N   H2   sing N N 72  
CYS CA  C    sing N N 73  
CYS CA  CB   sing N N 74  
CYS CA  HA   sing N N 75  
CYS C   O    doub N N 76  
CYS C   OXT  sing N N 77  
CYS CB  SG   sing N N 78  
CYS CB  HB2  sing N N 79  
CYS CB  HB3  sing N N 80  
CYS SG  HG   sing N N 81  
CYS OXT HXT  sing N N 82  
GLN N   CA   sing N N 83  
GLN N   H    sing N N 84  
GLN N   H2   sing N N 85  
GLN CA  C    sing N N 86  
GLN CA  CB   sing N N 87  
GLN CA  HA   sing N N 88  
GLN C   O    doub N N 89  
GLN C   OXT  sing N N 90  
GLN CB  CG   sing N N 91  
GLN CB  HB2  sing N N 92  
GLN CB  HB3  sing N N 93  
GLN CG  CD   sing N N 94  
GLN CG  HG2  sing N N 95  
GLN CG  HG3  sing N N 96  
GLN CD  OE1  doub N N 97  
GLN CD  NE2  sing N N 98  
GLN NE2 HE21 sing N N 99  
GLN NE2 HE22 sing N N 100 
GLN OXT HXT  sing N N 101 
GLU N   CA   sing N N 102 
GLU N   H    sing N N 103 
GLU N   H2   sing N N 104 
GLU CA  C    sing N N 105 
GLU CA  CB   sing N N 106 
GLU CA  HA   sing N N 107 
GLU C   O    doub N N 108 
GLU C   OXT  sing N N 109 
GLU CB  CG   sing N N 110 
GLU CB  HB2  sing N N 111 
GLU CB  HB3  sing N N 112 
GLU CG  CD   sing N N 113 
GLU CG  HG2  sing N N 114 
GLU CG  HG3  sing N N 115 
GLU CD  OE1  doub N N 116 
GLU CD  OE2  sing N N 117 
GLU OE2 HE2  sing N N 118 
GLU OXT HXT  sing N N 119 
GLY N   CA   sing N N 120 
GLY N   H    sing N N 121 
GLY N   H2   sing N N 122 
GLY CA  C    sing N N 123 
GLY CA  HA2  sing N N 124 
GLY CA  HA3  sing N N 125 
GLY C   O    doub N N 126 
GLY C   OXT  sing N N 127 
GLY OXT HXT  sing N N 128 
HIS N   CA   sing N N 129 
HIS N   H    sing N N 130 
HIS N   H2   sing N N 131 
HIS CA  C    sing N N 132 
HIS CA  CB   sing N N 133 
HIS CA  HA   sing N N 134 
HIS C   O    doub N N 135 
HIS C   OXT  sing N N 136 
HIS CB  CG   sing N N 137 
HIS CB  HB2  sing N N 138 
HIS CB  HB3  sing N N 139 
HIS CG  ND1  sing Y N 140 
HIS CG  CD2  doub Y N 141 
HIS ND1 CE1  doub Y N 142 
HIS ND1 HD1  sing N N 143 
HIS CD2 NE2  sing Y N 144 
HIS CD2 HD2  sing N N 145 
HIS CE1 NE2  sing Y N 146 
HIS CE1 HE1  sing N N 147 
HIS NE2 HE2  sing N N 148 
HIS OXT HXT  sing N N 149 
HOH O   H1   sing N N 150 
HOH O   H2   sing N N 151 
ILE N   CA   sing N N 152 
ILE N   H    sing N N 153 
ILE N   H2   sing N N 154 
ILE CA  C    sing N N 155 
ILE CA  CB   sing N N 156 
ILE CA  HA   sing N N 157 
ILE C   O    doub N N 158 
ILE C   OXT  sing N N 159 
ILE CB  CG1  sing N N 160 
ILE CB  CG2  sing N N 161 
ILE CB  HB   sing N N 162 
ILE CG1 CD1  sing N N 163 
ILE CG1 HG12 sing N N 164 
ILE CG1 HG13 sing N N 165 
ILE CG2 HG21 sing N N 166 
ILE CG2 HG22 sing N N 167 
ILE CG2 HG23 sing N N 168 
ILE CD1 HD11 sing N N 169 
ILE CD1 HD12 sing N N 170 
ILE CD1 HD13 sing N N 171 
ILE OXT HXT  sing N N 172 
LEU N   CA   sing N N 173 
LEU N   H    sing N N 174 
LEU N   H2   sing N N 175 
LEU CA  C    sing N N 176 
LEU CA  CB   sing N N 177 
LEU CA  HA   sing N N 178 
LEU C   O    doub N N 179 
LEU C   OXT  sing N N 180 
LEU CB  CG   sing N N 181 
LEU CB  HB2  sing N N 182 
LEU CB  HB3  sing N N 183 
LEU CG  CD1  sing N N 184 
LEU CG  CD2  sing N N 185 
LEU CG  HG   sing N N 186 
LEU CD1 HD11 sing N N 187 
LEU CD1 HD12 sing N N 188 
LEU CD1 HD13 sing N N 189 
LEU CD2 HD21 sing N N 190 
LEU CD2 HD22 sing N N 191 
LEU CD2 HD23 sing N N 192 
LEU OXT HXT  sing N N 193 
LYS N   CA   sing N N 194 
LYS N   H    sing N N 195 
LYS N   H2   sing N N 196 
LYS CA  C    sing N N 197 
LYS CA  CB   sing N N 198 
LYS CA  HA   sing N N 199 
LYS C   O    doub N N 200 
LYS C   OXT  sing N N 201 
LYS CB  CG   sing N N 202 
LYS CB  HB2  sing N N 203 
LYS CB  HB3  sing N N 204 
LYS CG  CD   sing N N 205 
LYS CG  HG2  sing N N 206 
LYS CG  HG3  sing N N 207 
LYS CD  CE   sing N N 208 
LYS CD  HD2  sing N N 209 
LYS CD  HD3  sing N N 210 
LYS CE  NZ   sing N N 211 
LYS CE  HE2  sing N N 212 
LYS CE  HE3  sing N N 213 
LYS NZ  HZ1  sing N N 214 
LYS NZ  HZ2  sing N N 215 
LYS NZ  HZ3  sing N N 216 
LYS OXT HXT  sing N N 217 
MET N   CA   sing N N 218 
MET N   H    sing N N 219 
MET N   H2   sing N N 220 
MET CA  C    sing N N 221 
MET CA  CB   sing N N 222 
MET CA  HA   sing N N 223 
MET C   O    doub N N 224 
MET C   OXT  sing N N 225 
MET CB  CG   sing N N 226 
MET CB  HB2  sing N N 227 
MET CB  HB3  sing N N 228 
MET CG  SD   sing N N 229 
MET CG  HG2  sing N N 230 
MET CG  HG3  sing N N 231 
MET SD  CE   sing N N 232 
MET CE  HE1  sing N N 233 
MET CE  HE2  sing N N 234 
MET CE  HE3  sing N N 235 
MET OXT HXT  sing N N 236 
PHE N   CA   sing N N 237 
PHE N   H    sing N N 238 
PHE N   H2   sing N N 239 
PHE CA  C    sing N N 240 
PHE CA  CB   sing N N 241 
PHE CA  HA   sing N N 242 
PHE C   O    doub N N 243 
PHE C   OXT  sing N N 244 
PHE CB  CG   sing N N 245 
PHE CB  HB2  sing N N 246 
PHE CB  HB3  sing N N 247 
PHE CG  CD1  doub Y N 248 
PHE CG  CD2  sing Y N 249 
PHE CD1 CE1  sing Y N 250 
PHE CD1 HD1  sing N N 251 
PHE CD2 CE2  doub Y N 252 
PHE CD2 HD2  sing N N 253 
PHE CE1 CZ   doub Y N 254 
PHE CE1 HE1  sing N N 255 
PHE CE2 CZ   sing Y N 256 
PHE CE2 HE2  sing N N 257 
PHE CZ  HZ   sing N N 258 
PHE OXT HXT  sing N N 259 
PRO N   CA   sing N N 260 
PRO N   CD   sing N N 261 
PRO N   H    sing N N 262 
PRO CA  C    sing N N 263 
PRO CA  CB   sing N N 264 
PRO CA  HA   sing N N 265 
PRO C   O    doub N N 266 
PRO C   OXT  sing N N 267 
PRO CB  CG   sing N N 268 
PRO CB  HB2  sing N N 269 
PRO CB  HB3  sing N N 270 
PRO CG  CD   sing N N 271 
PRO CG  HG2  sing N N 272 
PRO CG  HG3  sing N N 273 
PRO CD  HD2  sing N N 274 
PRO CD  HD3  sing N N 275 
PRO OXT HXT  sing N N 276 
SER N   CA   sing N N 277 
SER N   H    sing N N 278 
SER N   H2   sing N N 279 
SER CA  C    sing N N 280 
SER CA  CB   sing N N 281 
SER CA  HA   sing N N 282 
SER C   O    doub N N 283 
SER C   OXT  sing N N 284 
SER CB  OG   sing N N 285 
SER CB  HB2  sing N N 286 
SER CB  HB3  sing N N 287 
SER OG  HG   sing N N 288 
SER OXT HXT  sing N N 289 
THR N   CA   sing N N 290 
THR N   H    sing N N 291 
THR N   H2   sing N N 292 
THR CA  C    sing N N 293 
THR CA  CB   sing N N 294 
THR CA  HA   sing N N 295 
THR C   O    doub N N 296 
THR C   OXT  sing N N 297 
THR CB  OG1  sing N N 298 
THR CB  CG2  sing N N 299 
THR CB  HB   sing N N 300 
THR OG1 HG1  sing N N 301 
THR CG2 HG21 sing N N 302 
THR CG2 HG22 sing N N 303 
THR CG2 HG23 sing N N 304 
THR OXT HXT  sing N N 305 
TRP N   CA   sing N N 306 
TRP N   H    sing N N 307 
TRP N   H2   sing N N 308 
TRP CA  C    sing N N 309 
TRP CA  CB   sing N N 310 
TRP CA  HA   sing N N 311 
TRP C   O    doub N N 312 
TRP C   OXT  sing N N 313 
TRP CB  CG   sing N N 314 
TRP CB  HB2  sing N N 315 
TRP CB  HB3  sing N N 316 
TRP CG  CD1  doub Y N 317 
TRP CG  CD2  sing Y N 318 
TRP CD1 NE1  sing Y N 319 
TRP CD1 HD1  sing N N 320 
TRP CD2 CE2  doub Y N 321 
TRP CD2 CE3  sing Y N 322 
TRP NE1 CE2  sing Y N 323 
TRP NE1 HE1  sing N N 324 
TRP CE2 CZ2  sing Y N 325 
TRP CE3 CZ3  doub Y N 326 
TRP CE3 HE3  sing N N 327 
TRP CZ2 CH2  doub Y N 328 
TRP CZ2 HZ2  sing N N 329 
TRP CZ3 CH2  sing Y N 330 
TRP CZ3 HZ3  sing N N 331 
TRP CH2 HH2  sing N N 332 
TRP OXT HXT  sing N N 333 
TYR N   CA   sing N N 334 
TYR N   H    sing N N 335 
TYR N   H2   sing N N 336 
TYR CA  C    sing N N 337 
TYR CA  CB   sing N N 338 
TYR CA  HA   sing N N 339 
TYR C   O    doub N N 340 
TYR C   OXT  sing N N 341 
TYR CB  CG   sing N N 342 
TYR CB  HB2  sing N N 343 
TYR CB  HB3  sing N N 344 
TYR CG  CD1  doub Y N 345 
TYR CG  CD2  sing Y N 346 
TYR CD1 CE1  sing Y N 347 
TYR CD1 HD1  sing N N 348 
TYR CD2 CE2  doub Y N 349 
TYR CD2 HD2  sing N N 350 
TYR CE1 CZ   doub Y N 351 
TYR CE1 HE1  sing N N 352 
TYR CE2 CZ   sing Y N 353 
TYR CE2 HE2  sing N N 354 
TYR CZ  OH   sing N N 355 
TYR OH  HH   sing N N 356 
TYR OXT HXT  sing N N 357 
VAL N   CA   sing N N 358 
VAL N   H    sing N N 359 
VAL N   H2   sing N N 360 
VAL CA  C    sing N N 361 
VAL CA  CB   sing N N 362 
VAL CA  HA   sing N N 363 
VAL C   O    doub N N 364 
VAL C   OXT  sing N N 365 
VAL CB  CG1  sing N N 366 
VAL CB  CG2  sing N N 367 
VAL CB  HB   sing N N 368 
VAL CG1 HG11 sing N N 369 
VAL CG1 HG12 sing N N 370 
VAL CG1 HG13 sing N N 371 
VAL CG2 HG21 sing N N 372 
VAL CG2 HG22 sing N N 373 
VAL CG2 HG23 sing N N 374 
VAL OXT HXT  sing N N 375 
ZM6 C1  C2   doub Y N 376 
ZM6 C2  C3   sing Y N 377 
ZM6 C3  C4   doub Y N 378 
ZM6 C4  C5   sing Y N 379 
ZM6 C5  C6   doub Y N 380 
ZM6 C4  C7   sing N N 381 
ZM6 C7  O1   doub N N 382 
ZM6 C7  N1   sing N N 383 
ZM6 N1  C8   sing N N 384 
ZM6 C8  C9   sing N N 385 
ZM6 C9  N2   sing N N 386 
ZM6 N2  C10  sing N N 387 
ZM6 C10 C11  sing N N 388 
ZM6 N2  C12  sing N N 389 
ZM6 C12 O2   doub N N 390 
ZM6 C12 N3   sing N N 391 
ZM6 N3  C13  sing N N 392 
ZM6 C13 C14  sing N N 393 
ZM6 C14 C15  sing N N 394 
ZM6 C15 C16  sing N N 395 
ZM6 C1  C6   sing Y N 396 
ZM6 N1  C11  sing N N 397 
ZM6 C14 C16  sing N N 398 
ZM6 N3  H12  sing N N 399 
ZM6 C5  H3   sing N N 400 
ZM6 C8  H5   sing N N 401 
ZM6 C8  H4   sing N N 402 
ZM6 C10 H9   sing N N 403 
ZM6 C10 H8   sing N N 404 
ZM6 C13 H13  sing N N 405 
ZM6 C13 H14  sing N N 406 
ZM6 C15 H17  sing N N 407 
ZM6 C15 H16  sing N N 408 
ZM6 C11 H11  sing N N 409 
ZM6 C11 H10  sing N N 410 
ZM6 C14 H15  sing N N 411 
ZM6 C16 H18  sing N N 412 
ZM6 C16 H19  sing N N 413 
ZM6 C2  H1   sing N N 414 
ZM6 C3  H2   sing N N 415 
ZM6 C9  H6   sing N N 416 
ZM6 C9  H7   sing N N 417 
ZM6 C1  CL1  sing N N 418 
ZM6 C6  CL2  sing N N 419 
# 
_pdbx_audit_support.ordinal                1 
_pdbx_audit_support.funding_organization   'Wellcome Trust' 
_pdbx_audit_support.grant_number           None 
_pdbx_audit_support.country                'United Kingdom' 
# 
_pdbx_deposit_group.group_id            G_1002265 
_pdbx_deposit_group.group_description   
;XDomainX of XOrganismX PHIP screened against predicted false negatives and catalogue compounds by X-ray Crystallography at the XChem facility of Diamond Light Source beamline I04-1
;
_pdbx_deposit_group.group_title         'PanDDA analysis group deposition' 
_pdbx_deposit_group.group_type          'changed state' 
# 
_pdbx_entity_instance_feature.ordinal        1 
_pdbx_entity_instance_feature.comp_id        ZM6 
_pdbx_entity_instance_feature.asym_id        ? 
_pdbx_entity_instance_feature.seq_num        ? 
_pdbx_entity_instance_feature.auth_comp_id   ZM6 
_pdbx_entity_instance_feature.auth_asym_id   ? 
_pdbx_entity_instance_feature.auth_seq_num   ? 
_pdbx_entity_instance_feature.feature_type   'SUBJECT OF INVESTIGATION' 
_pdbx_entity_instance_feature.details        ? 
# 
_atom_sites.entry_id                    7FVC 
_atom_sites.fract_transf_matrix[1][1]   -0.00321817 
_atom_sites.fract_transf_matrix[1][2]   0.00133929 
_atom_sites.fract_transf_matrix[1][3]   0.01190010 
_atom_sites.fract_transf_matrix[2][1]   -0.03495689 
_atom_sites.fract_transf_matrix[2][2]   -0.00626833 
_atom_sites.fract_transf_matrix[2][3]   -0.00874800 
_atom_sites.fract_transf_matrix[3][1]   0.00164432 
_atom_sites.fract_transf_matrix[3][2]   -0.01703825 
_atom_sites.fract_transf_matrix[3][3]   0.00563797 
_atom_sites.fract_transf_vector[1]      -0.145990 
_atom_sites.fract_transf_vector[2]      0.445585 
_atom_sites.fract_transf_vector[3]      0.217050 
# 
loop_
_atom_type.symbol 
C  
CL 
N  
O  
S  
# 
loop_
_atom_site.group_PDB 
_atom_site.id 
_atom_site.type_symbol 
_atom_site.label_atom_id 
_atom_site.label_alt_id 
_atom_site.label_comp_id 
_atom_site.label_asym_id 
_atom_site.label_entity_id 
_atom_site.label_seq_id 
_atom_site.pdbx_PDB_ins_code 
_atom_site.Cartn_x 
_atom_site.Cartn_y 
_atom_site.Cartn_z 
_atom_site.occupancy 
_atom_site.B_iso_or_equiv 
_atom_site.pdbx_formal_charge 
_atom_site.auth_seq_id 
_atom_site.auth_comp_id 
_atom_site.auth_asym_id 
_atom_site.auth_atom_id 
_atom_site.pdbx_PDB_model_num 
ATOM   1    N  N   . SER A 1 24  ? -3.643  23.759  -4.797  1.00 30.21 ? 1315 SER A N   1 
ATOM   2    C  CA  . SER A 1 24  ? -4.361  22.657  -4.075  1.00 29.13 ? 1315 SER A CA  1 
ATOM   3    C  C   . SER A 1 24  ? -3.620  22.341  -2.768  1.00 24.76 ? 1315 SER A C   1 
ATOM   4    O  O   . SER A 1 24  ? -2.900  21.318  -2.745  1.00 24.97 ? 1315 SER A O   1 
ATOM   5    C  CB  . SER A 1 24  ? -4.489  21.432  -4.963  1.00 31.44 ? 1315 SER A CB  1 
ATOM   6    O  OG  . SER A 1 24  ? -5.222  20.402  -4.312  1.00 36.48 ? 1315 SER A OG  1 
ATOM   7    N  N   . TYR A 1 25  ? -3.787  23.169  -1.724  1.00 20.43 ? 1316 TYR A N   1 
ATOM   8    C  CA  . TYR A 1 25  ? -2.857  23.212  -0.560  1.00 16.30 ? 1316 TYR A CA  1 
ATOM   9    C  C   . TYR A 1 25  ? -3.538  22.642  0.696   1.00 14.29 ? 1316 TYR A C   1 
ATOM   10   O  O   . TYR A 1 25  ? -3.137  23.006  1.807   1.00 13.97 ? 1316 TYR A O   1 
ATOM   11   C  CB  . TYR A 1 25  ? -2.283  24.606  -0.324  1.00 16.28 ? 1316 TYR A CB  1 
ATOM   12   C  CG  . TYR A 1 25  ? -1.589  25.235  -1.511  1.00 15.01 ? 1316 TYR A CG  1 
ATOM   13   C  CD1 . TYR A 1 25  ? -0.514  24.628  -2.135  1.00 14.82 ? 1316 TYR A CD1 1 
ATOM   14   C  CD2 . TYR A 1 25  ? -1.930  26.511  -1.919  1.00 15.99 ? 1316 TYR A CD2 1 
ATOM   15   C  CE1 . TYR A 1 25  ? 0.137   25.222  -3.208  1.00 14.53 ? 1316 TYR A CE1 1 
ATOM   16   C  CE2 . TYR A 1 25  ? -1.291  27.127  -2.985  1.00 16.24 ? 1316 TYR A CE2 1 
ATOM   17   C  CZ  . TYR A 1 25  ? -0.249  26.481  -3.623  1.00 15.69 ? 1316 TYR A CZ  1 
ATOM   18   O  OH  . TYR A 1 25  ? 0.392   27.100  -4.670  1.00 16.63 ? 1316 TYR A OH  1 
ATOM   19   N  N   . ASP A 1 26  ? -4.498  21.740  0.518   1.00 13.91 ? 1317 ASP A N   1 
ATOM   20   C  CA  . ASP A 1 26  ? -5.185  21.061  1.663   1.00 12.94 ? 1317 ASP A CA  1 
ATOM   21   C  C   . ASP A 1 26  ? -4.261  19.972  2.230   1.00 12.72 ? 1317 ASP A C   1 
ATOM   22   O  O   . ASP A 1 26  ? -4.018  18.940  1.595   1.00 13.55 ? 1317 ASP A O   1 
ATOM   23   C  CB  . ASP A 1 26  ? -6.519  20.517  1.217   1.00 14.12 ? 1317 ASP A CB  1 
ATOM   24   C  CG  . ASP A 1 26  ? -7.368  19.877  2.282   1.00 13.36 ? 1317 ASP A CG  1 
ATOM   25   O  OD1 . ASP A 1 26  ? -6.856  19.529  3.336   1.00 14.38 ? 1317 ASP A OD1 1 
ATOM   26   O  OD2 . ASP A 1 26  ? -8.601  19.796  2.041   1.00 19.21 ? 1317 ASP A OD2 1 
ATOM   27   N  N   . ILE A 1 27  ? -3.744  20.195  3.439   1.00 12.09 ? 1318 ILE A N   1 
ATOM   28   C  CA  . ILE A 1 27  ? -2.790  19.294  4.159   1.00 12.43 ? 1318 ILE A CA  1 
ATOM   29   C  C   . ILE A 1 27  ? -3.495  17.988  4.564   1.00 12.54 ? 1318 ILE A C   1 
ATOM   30   O  O   . ILE A 1 27  ? -2.786  16.989  4.768   1.00 13.28 ? 1318 ILE A O   1 
ATOM   31   C  CB  . ILE A 1 27  ? -2.188  20.017  5.391   1.00 12.82 ? 1318 ILE A CB  1 
ATOM   32   C  CG1 . ILE A 1 27  ? -1.439  21.307  5.020   1.00 12.96 ? 1318 ILE A CG1 1 
ATOM   33   C  CG2 . ILE A 1 27  ? -1.308  19.090  6.236   1.00 13.15 ? 1318 ILE A CG2 1 
ATOM   34   C  CD1 . ILE A 1 27  ? -1.112  22.191  6.203   1.00 13.37 ? 1318 ILE A CD1 1 
ATOM   35   N  N   . GLN A 1 28  ? -4.830  17.965  4.636   1.00 11.90 ? 1319 GLN A N   1 
ATOM   36   C  CA  . GLN A 1 28  ? -5.586  16.747  5.084   1.00 11.58 ? 1319 GLN A CA  1 
ATOM   37   C  C   . GLN A 1 28  ? -6.140  15.922  3.923   1.00 12.86 ? 1319 GLN A C   1 
ATOM   38   O  O   . GLN A 1 28  ? -6.666  14.811  4.166   1.00 13.30 ? 1319 GLN A O   1 
ATOM   39   C  CB  . GLN A 1 28  ? -6.738  17.128  6.041   1.00 13.06 ? 1319 GLN A CB  1 
ATOM   40   C  CG  . GLN A 1 28  ? -6.273  17.473  7.456   1.00 14.56 ? 1319 GLN A CG  1 
ATOM   41   C  CD  . GLN A 1 28  ? -5.967  18.955  7.665   1.00 12.19 ? 1319 GLN A CD  1 
ATOM   42   O  OE1 . GLN A 1 28  ? -6.773  19.819  7.347   1.00 13.31 ? 1319 GLN A OE1 1 
ATOM   43   N  NE2 . GLN A 1 28  ? -4.849  19.256  8.245   1.00 12.52 ? 1319 GLN A NE2 1 
ATOM   44   N  N   . ALA A 1 29  ? -6.051  16.410  2.655   1.00 12.57 ? 1320 ALA A N   1 
ATOM   45   C  CA  . ALA A 1 29  ? -6.812  15.796  1.540   1.00 11.55 ? 1320 ALA A CA  1 
ATOM   46   C  C   . ALA A 1 29  ? -6.335  14.340  1.227   1.00 10.86 ? 1320 ALA A C   1 
ATOM   47   O  O   . ALA A 1 29  ? -7.125  13.557  0.717   1.00 12.72 ? 1320 ALA A O   1 
ATOM   48   C  CB  . ALA A 1 29  ? -6.712  16.664  0.307   1.00 12.97 ? 1320 ALA A CB  1 
ATOM   49   N  N   . TRP A 1 30  ? -5.083  14.035  1.577   1.00 10.98 ? 1321 TRP A N   1 
ATOM   50   C  CA  . TRP A 1 30  ? -4.524  12.716  1.253   1.00 11.68 ? 1321 TRP A CA  1 
ATOM   51   C  C   . TRP A 1 30  ? -5.331  11.589  1.874   1.00 12.33 ? 1321 TRP A C   1 
ATOM   52   O  O   . TRP A 1 30  ? -5.350  10.491  1.285   1.00 11.67 ? 1321 TRP A O   1 
ATOM   53   C  CB  . TRP A 1 30  ? -3.079  12.660  1.749   1.00 12.88 ? 1321 TRP A CB  1 
ATOM   54   C  CG  . TRP A 1 30  ? -2.966  12.739  3.248   1.00 12.27 ? 1321 TRP A CG  1 
ATOM   55   C  CD1 . TRP A 1 30  ? -2.892  13.870  4.000   1.00 12.78 ? 1321 TRP A CD1 1 
ATOM   56   C  CD2 . TRP A 1 30  ? -2.967  11.639  4.195   1.00 12.00 ? 1321 TRP A CD2 1 
ATOM   57   N  NE1 . TRP A 1 30  ? -2.842  13.548  5.342   1.00 13.25 ? 1321 TRP A NE1 1 
ATOM   58   C  CE2 . TRP A 1 30  ? -2.841  12.206  5.479   1.00 12.64 ? 1321 TRP A CE2 1 
ATOM   59   C  CE3 . TRP A 1 30  ? -2.941  10.245  4.110   1.00 13.14 ? 1321 TRP A CE3 1 
ATOM   60   C  CZ2 . TRP A 1 30  ? -2.808  11.451  6.652   1.00 14.12 ? 1321 TRP A CZ2 1 
ATOM   61   C  CZ3 . TRP A 1 30  ? -2.917  9.492   5.265   1.00 14.09 ? 1321 TRP A CZ3 1 
ATOM   62   C  CH2 . TRP A 1 30  ? -2.839  10.098  6.515   1.00 15.05 ? 1321 TRP A CH2 1 
ATOM   63   N  N   . LYS A 1 31  ? -6.021  11.821  2.998   1.00 11.57 ? 1322 LYS A N   1 
ATOM   64   C  CA  . LYS A 1 31  ? -6.629  10.690  3.718   1.00 12.09 ? 1322 LYS A CA  1 
ATOM   65   C  C   . LYS A 1 31  ? -7.815  10.123  2.918   1.00 12.15 ? 1322 LYS A C   1 
ATOM   66   O  O   . LYS A 1 31  ? -7.853  8.903   2.652   1.00 12.83 ? 1322 LYS A O   1 
ATOM   67   C  CB  . LYS A 1 31  ? -6.964  11.108  5.145   1.00 13.00 ? 1322 LYS A CB  1 
ATOM   68   C  CG  . LYS A 1 31  ? -7.622  9.985   5.943   1.00 13.34 ? 1322 LYS A CG  1 
ATOM   69   C  CD  . LYS A 1 31  ? -7.816  10.384  7.371   1.00 14.04 ? 1322 LYS A CD  1 
ATOM   70   C  CE  . LYS A 1 31  ? -8.349  9.271   8.250   1.00 14.01 ? 1322 LYS A CE  1 
ATOM   71   N  NZ  . LYS A 1 31  ? -8.430  9.718   9.648   1.00 14.65 ? 1322 LYS A NZ  1 
ATOM   72   N  N   . LYS A 1 32  ? -8.719  10.975  2.451   1.00 13.84 ? 1323 LYS A N   1 
ATOM   73   C  CA  . LYS A 1 32  ? -9.832  10.500  1.622   1.00 13.61 ? 1323 LYS A CA  1 
ATOM   74   C  C   . LYS A 1 32  ? -9.311  9.983   0.264   1.00 12.62 ? 1323 LYS A C   1 
ATOM   75   O  O   . LYS A 1 32  ? -9.878  9.031   -0.253  1.00 14.27 ? 1323 LYS A O   1 
ATOM   76   C  CB  . LYS A 1 32  ? -10.857 11.630  1.441   1.00 17.42 ? 1323 LYS A CB  1 
ATOM   77   C  CG  . LYS A 1 32  ? -12.014 11.318  0.529   1.00 26.08 ? 1323 LYS A CG  1 
ATOM   78   C  CD  . LYS A 1 32  ? -13.316 12.114  0.758   1.00 33.20 ? 1323 LYS A CD  1 
ATOM   79   C  CE  . LYS A 1 32  ? -14.530 11.226  0.516   1.00 41.21 ? 1323 LYS A CE  1 
ATOM   80   N  NZ  . LYS A 1 32  ? -15.811 11.970  0.444   1.00 43.86 ? 1323 LYS A NZ  1 
ATOM   81   N  N   . GLN A 1 33  ? -8.261  10.611  -0.266  1.00 13.12 ? 1324 GLN A N   1 
ATOM   82   C  CA  . GLN A 1 33  ? -7.704  10.150  -1.558  1.00 13.48 ? 1324 GLN A CA  1 
ATOM   83   C  C   . GLN A 1 33  ? -7.163  8.721   -1.362  1.00 13.68 ? 1324 GLN A C   1 
ATOM   84   O  O   . GLN A 1 33  ? -7.393  7.839   -2.219  1.00 13.24 ? 1324 GLN A O   1 
ATOM   85   C  CB  . GLN A 1 33  ? -6.587  11.047  -2.052  1.00 13.86 ? 1324 GLN A CB  1 
ATOM   86   C  CG  . GLN A 1 33  ? -7.086  12.407  -2.497  1.00 14.48 ? 1324 GLN A CG  1 
ATOM   87   C  CD  . GLN A 1 33  ? -6.051  13.473  -2.570  1.00 14.93 ? 1324 GLN A CD  1 
ATOM   88   O  OE1 . GLN A 1 33  ? -4.872  13.289  -2.249  1.00 16.27 ? 1324 GLN A OE1 1 
ATOM   89   N  NE2 . GLN A 1 33  ? -6.478  14.688  -2.905  1.00 17.71 ? 1324 GLN A NE2 1 
ATOM   90   N  N   . CYS A 1 34  ? -6.530  8.433   -0.223  1.00 12.43 ? 1325 CYS A N   1 
ATOM   91   C  CA  . CYS A 1 34  ? -6.045  7.054   0.068   1.00 12.57 ? 1325 CYS A CA  1 
ATOM   92   C  C   . CYS A 1 34  ? -7.195  6.105   0.340   1.00 12.09 ? 1325 CYS A C   1 
ATOM   93   O  O   . CYS A 1 34  ? -7.168  4.940   -0.116  1.00 12.54 ? 1325 CYS A O   1 
ATOM   94   C  CB  . CYS A 1 34  ? -5.079  7.079   1.235   1.00 12.81 ? 1325 CYS A CB  1 
ATOM   95   S  SG  . CYS A 1 34  ? -3.435  7.768   0.851   1.00 13.55 ? 1325 CYS A SG  1 
ATOM   96   N  N   . GLU A 1 35  ? -8.244  6.533   1.018   1.00 12.97 ? 1326 GLU A N   1 
ATOM   97   C  CA  . GLU A 1 35  ? -9.444  5.689   1.203   1.00 14.86 ? 1326 GLU A CA  1 
ATOM   98   C  C   . GLU A 1 35  ? -10.012 5.259   -0.156  1.00 14.41 ? 1326 GLU A C   1 
ATOM   99   O  O   . GLU A 1 35  ? -10.332 4.052   -0.321  1.00 15.47 ? 1326 GLU A O   1 
ATOM   100  C  CB  . GLU A 1 35  ? -10.525 6.446   1.988   1.00 16.47 ? 1326 GLU A CB  1 
ATOM   101  C  CG  . GLU A 1 35  ? -10.248 6.690   3.446   1.00 19.22 ? 1326 GLU A CG  1 
ATOM   102  C  CD  . GLU A 1 35  ? -11.146 7.707   4.137   1.00 24.98 ? 1326 GLU A CD  1 
ATOM   103  O  OE1 . GLU A 1 35  ? -12.035 8.308   3.495   1.00 28.35 ? 1326 GLU A OE1 1 
ATOM   104  O  OE2 . GLU A 1 35  ? -10.918 7.921   5.336   1.00 26.75 ? 1326 GLU A OE2 1 
ATOM   105  N  N   . GLU A 1 36  ? -10.109 6.183   -1.083  1.00 14.66 ? 1327 GLU A N   1 
ATOM   106  C  CA  . GLU A 1 36  ? -10.672 5.958   -2.432  1.00 15.64 ? 1327 GLU A CA  1 
ATOM   107  C  C   . GLU A 1 36  ? -9.770  4.985   -3.175  1.00 15.39 ? 1327 GLU A C   1 
ATOM   108  O  O   . GLU A 1 36  ? -10.309 4.066   -3.825  1.00 16.60 ? 1327 GLU A O   1 
ATOM   109  C  CB  . GLU A 1 36  ? -10.846 7.291   -3.178  1.00 19.82 ? 1327 GLU A CB  1 
ATOM   110  C  CG  . GLU A 1 36  ? -11.943 8.136   -2.544  1.00 26.90 ? 1327 GLU A CG  1 
ATOM   111  C  CD  . GLU A 1 36  ? -12.077 9.600   -2.954  1.00 35.18 ? 1327 GLU A CD  1 
ATOM   112  O  OE1 . GLU A 1 36  ? -11.157 10.167  -3.640  1.00 43.25 ? 1327 GLU A OE1 1 
ATOM   113  O  OE2 . GLU A 1 36  ? -13.079 10.206  -2.525  1.00 45.28 ? 1327 GLU A OE2 1 
ATOM   114  N  N   . LEU A 1 37  ? -8.461  5.176   -3.094  1.00 14.81 ? 1328 LEU A N   1 
ATOM   115  C  CA  . LEU A 1 37  ? -7.532  4.276   -3.827  1.00 13.27 ? 1328 LEU A CA  1 
ATOM   116  C  C   . LEU A 1 37  ? -7.619  2.878   -3.218  1.00 13.35 ? 1328 LEU A C   1 
ATOM   117  O  O   . LEU A 1 37  ? -7.607  1.858   -3.979  1.00 14.45 ? 1328 LEU A O   1 
ATOM   118  C  CB  . LEU A 1 37  ? -6.136  4.881   -3.826  1.00 14.29 ? 1328 LEU A CB  1 
ATOM   119  C  CG  . LEU A 1 37  ? -5.028  4.008   -4.389  1.00 14.66 ? 1328 LEU A CG  1 
ATOM   120  C  CD1 . LEU A 1 37  ? -5.361  3.577   -5.815  1.00 15.37 ? 1328 LEU A CD1 1 
ATOM   121  C  CD2 . LEU A 1 37  ? -3.735  4.732   -4.330  1.00 15.80 ? 1328 LEU A CD2 1 
ATOM   122  N  N   . LEU A 1 38  ? -7.713  2.739   -1.911  1.00 13.66 ? 1329 LEU A N   1 
ATOM   123  C  CA  . LEU A 1 38  ? -7.881  1.395   -1.304  1.00 13.40 ? 1329 LEU A CA  1 
ATOM   124  C  C   . LEU A 1 38  ? -9.185  0.755   -1.766  1.00 15.05 ? 1329 LEU A C   1 
ATOM   125  O  O   . LEU A 1 38  ? -9.185  -0.463  -2.041  1.00 16.10 ? 1329 LEU A O   1 
ATOM   126  C  CB  . LEU A 1 38  ? -7.852  1.472   0.221   1.00 14.67 ? 1329 LEU A CB  1 
ATOM   127  C  CG  . LEU A 1 38  ? -6.490  1.780   0.823   1.00 14.85 ? 1329 LEU A CG  1 
ATOM   128  C  CD1 . LEU A 1 38  ? -6.615  2.161   2.293   1.00 18.07 ? 1329 LEU A CD1 1 
ATOM   129  C  CD2 . LEU A 1 38  ? -5.555  0.585   0.686   1.00 17.67 ? 1329 LEU A CD2 1 
ATOM   130  N  N   . ASN A 1 39  ? -10.258 1.512   -1.896  1.00 16.26 ? 1330 ASN A N   1 
ATOM   131  C  CA  . ASN A 1 39  ? -11.524 1.008   -2.480  1.00 18.29 ? 1330 ASN A CA  1 
ATOM   132  C  C   . ASN A 1 39  ? -11.278 0.430   -3.883  1.00 16.34 ? 1330 ASN A C   1 
ATOM   133  O  O   . ASN A 1 39  ? -11.753 -0.736  -4.165  1.00 18.67 ? 1330 ASN A O   1 
ATOM   134  C  CB  . ASN A 1 39  ? -12.584 2.107   -2.467  1.00 20.75 ? 1330 ASN A CB  1 
ATOM   135  C  CG  . ASN A 1 39  ? -13.165 2.333   -1.085  1.00 25.20 ? 1330 ASN A CG  1 
ATOM   136  O  OD1 . ASN A 1 39  ? -13.036 1.507   -0.185  1.00 27.28 ? 1330 ASN A OD1 1 
ATOM   137  N  ND2 . ASN A 1 39  ? -13.832 3.457   -0.909  1.00 28.21 ? 1330 ASN A ND2 1 
ATOM   138  N  N   . LEU A 1 40  ? -10.544 1.145   -4.738  1.00 17.54 ? 1331 LEU A N   1 
ATOM   139  C  CA  . LEU A 1 40  ? -10.191 0.680   -6.113  1.00 19.35 ? 1331 LEU A CA  1 
ATOM   140  C  C   . LEU A 1 40  ? -9.326  -0.590  -6.066  1.00 18.95 ? 1331 LEU A C   1 
ATOM   141  O  O   . LEU A 1 40  ? -9.474  -1.449  -6.971  1.00 18.13 ? 1331 LEU A O   1 
ATOM   142  C  CB  . LEU A 1 40  ? -9.469  1.786   -6.886  1.00 20.10 ? 1331 LEU A CB  1 
ATOM   143  C  CG  . LEU A 1 40  ? -10.315 2.976   -7.350  1.00 21.50 ? 1331 LEU A CG  1 
ATOM   144  C  CD1 . LEU A 1 40  ? -9.488  4.245   -7.410  1.00 23.09 ? 1331 LEU A CD1 1 
ATOM   145  C  CD2 . LEU A 1 40  ? -10.969 2.724   -8.702  1.00 23.04 ? 1331 LEU A CD2 1 
ATOM   146  N  N   . ILE A 1 41  ? -8.425  -0.728  -5.083  1.00 17.46 ? 1332 ILE A N   1 
ATOM   147  C  CA  . ILE A 1 41  ? -7.569  -1.944  -4.965  1.00 17.03 ? 1332 ILE A CA  1 
ATOM   148  C  C   . ILE A 1 41  ? -8.426  -3.112  -4.447  1.00 17.95 ? 1332 ILE A C   1 
ATOM   149  O  O   . ILE A 1 41  ? -8.295  -4.214  -4.986  1.00 15.55 ? 1332 ILE A O   1 
ATOM   150  C  CB  . ILE A 1 41  ? -6.310  -1.657  -4.108  1.00 17.27 ? 1332 ILE A CB  1 
ATOM   151  C  CG1 . ILE A 1 41  ? -5.373  -0.701  -4.857  1.00 18.30 ? 1332 ILE A CG1 1 
ATOM   152  C  CG2 . ILE A 1 41  ? -5.602  -2.942  -3.692  1.00 17.24 ? 1332 ILE A CG2 1 
ATOM   153  C  CD1 . ILE A 1 41  ? -4.126  -0.324  -4.092  1.00 18.40 ? 1332 ILE A CD1 1 
ATOM   154  N  N   . PHE A 1 42  ? -9.323  -2.879  -3.487  1.00 20.38 ? 1333 PHE A N   1 
ATOM   155  C  CA  . PHE A 1 42  ? -10.231 -3.928  -2.943  1.00 22.98 ? 1333 PHE A CA  1 
ATOM   156  C  C   . PHE A 1 42  ? -11.206 -4.432  -4.032  1.00 24.65 ? 1333 PHE A C   1 
ATOM   157  O  O   . PHE A 1 42  ? -11.564 -5.625  -3.976  1.00 28.75 ? 1333 PHE A O   1 
ATOM   158  C  CB  . PHE A 1 42  ? -10.925 -3.414  -1.676  1.00 22.79 ? 1333 PHE A CB  1 
ATOM   159  C  CG  . PHE A 1 42  ? -10.217 -3.744  -0.381  1.00 22.71 ? 1333 PHE A CG  1 
ATOM   160  C  CD1 . PHE A 1 42  ? -10.501 -4.928  0.281   1.00 23.91 ? 1333 PHE A CD1 1 
ATOM   161  C  CD2 . PHE A 1 42  ? -9.312  -2.866  0.206   1.00 24.79 ? 1333 PHE A CD2 1 
ATOM   162  C  CE1 . PHE A 1 42  ? -9.883  -5.240  1.486   1.00 25.74 ? 1333 PHE A CE1 1 
ATOM   163  C  CE2 . PHE A 1 42  ? -8.696  -3.182  1.410   1.00 24.02 ? 1333 PHE A CE2 1 
ATOM   164  C  CZ  . PHE A 1 42  ? -8.973  -4.373  2.040   1.00 25.18 ? 1333 PHE A CZ  1 
ATOM   165  N  N   . GLN A 1 43  ? -11.566 -3.599  -5.017  1.00 25.55 ? 1334 GLN A N   1 
ATOM   166  C  CA  . GLN A 1 43  ? -12.487 -3.940  -6.145  1.00 27.85 ? 1334 GLN A CA  1 
ATOM   167  C  C   . GLN A 1 43  ? -11.741 -4.645  -7.289  1.00 26.26 ? 1334 GLN A C   1 
ATOM   168  O  O   . GLN A 1 43  ? -12.374 -4.938  -8.334  1.00 26.83 ? 1334 GLN A O   1 
ATOM   169  C  CB  . GLN A 1 43  ? -13.120 -2.664  -6.702  1.00 28.52 ? 1334 GLN A CB  1 
ATOM   170  C  CG  . GLN A 1 43  ? -14.163 -2.033  -5.793  1.00 30.90 ? 1334 GLN A CG  1 
ATOM   171  N  N   . CYS A 1 44  ? -10.436 -4.886  -7.138  1.00 22.80 ? 1335 CYS A N   1 
ATOM   172  C  CA  . CYS A 1 44  ? -9.577  -5.512  -8.176  1.00 21.72 ? 1335 CYS A CA  1 
ATOM   173  C  C   . CYS A 1 44  ? -9.364  -6.982  -7.813  1.00 19.67 ? 1335 CYS A C   1 
ATOM   174  O  O   . CYS A 1 44  ? -8.997  -7.252  -6.672  1.00 17.49 ? 1335 CYS A O   1 
ATOM   175  C  CB  . CYS A 1 44  ? -8.230  -4.803  -8.294  1.00 23.98 ? 1335 CYS A CB  1 
ATOM   176  S  SG  . CYS A 1 44  ? -7.259  -5.355  -9.717  1.00 28.60 ? 1335 CYS A SG  1 
ATOM   177  N  N   . GLU A 1 45  ? -9.572  -7.901  -8.758  1.00 17.39 ? 1336 GLU A N   1 
ATOM   178  C  CA  . GLU A 1 45  ? -9.322  -9.347  -8.544  1.00 16.99 ? 1336 GLU A CA  1 
ATOM   179  C  C   . GLU A 1 45  ? -7.861  -9.581  -8.131  1.00 15.53 ? 1336 GLU A C   1 
ATOM   180  O  O   . GLU A 1 45  ? -7.618  -10.470 -7.290  1.00 15.27 ? 1336 GLU A O   1 
ATOM   181  C  CB  . GLU A 1 45  ? -9.614  -10.158 -9.810  1.00 17.35 ? 1336 GLU A CB  1 
ATOM   182  C  CG  . GLU A 1 45  ? -10.974 -9.861  -10.431 1.00 19.35 ? 1336 GLU A CG  1 
ATOM   183  C  CD  . GLU A 1 45  ? -11.540 -10.902 -11.392 1.00 20.27 ? 1336 GLU A CD  1 
ATOM   184  O  OE1 . GLU A 1 45  ? -10.771 -11.690 -11.952 1.00 19.70 ? 1336 GLU A OE1 1 
ATOM   185  O  OE2 . GLU A 1 45  ? -12.764 -10.900 -11.598 1.00 19.02 ? 1336 GLU A OE2 1 
ATOM   186  N  N   . ASP A 1 46  ? -6.916  -8.839  -8.720  1.00 14.75 ? 1337 ASP A N   1 
ATOM   187  C  CA  . ASP A 1 46  ? -5.465  -9.002  -8.428  1.00 14.34 ? 1337 ASP A CA  1 
ATOM   188  C  C   . ASP A 1 46  ? -5.161  -8.729  -6.948  1.00 14.22 ? 1337 ASP A C   1 
ATOM   189  O  O   . ASP A 1 46  ? -4.114  -9.201  -6.470  1.00 13.83 ? 1337 ASP A O   1 
ATOM   190  C  CB  . ASP A 1 46  ? -4.588  -8.133  -9.332  1.00 14.63 ? 1337 ASP A CB  1 
ATOM   191  C  CG  . ASP A 1 46  ? -4.427  -8.664  -10.754 1.00 15.37 ? 1337 ASP A CG  1 
ATOM   192  O  OD1 . ASP A 1 46  ? -4.804  -9.829  -11.002 1.00 15.99 ? 1337 ASP A OD1 1 
ATOM   193  O  OD2 . ASP A 1 46  ? -3.841  -7.929  -11.584 1.00 15.02 ? 1337 ASP A OD2 1 
ATOM   194  N  N   . SER A 1 47  ? -6.014  -8.005  -6.228  1.00 12.87 ? 1338 SER A N   1 
ATOM   195  C  CA  . SER A 1 47  ? -5.788  -7.820  -4.778  1.00 13.67 ? 1338 SER A CA  1 
ATOM   196  C  C   . SER A 1 47  ? -6.131  -9.034  -3.933  1.00 13.34 ? 1338 SER A C   1 
ATOM   197  O  O   . SER A 1 47  ? -5.790  -9.047  -2.737  1.00 13.45 ? 1338 SER A O   1 
ATOM   198  C  CB  . SER A 1 47  ? -6.398  -6.584  -4.245  1.00 12.58 ? 1338 SER A CB  1 
ATOM   199  O  OG  . SER A 1 47  ? -7.844  -6.682  -4.168  1.00 14.13 ? 1338 SER A OG  1 
ATOM   200  N  N   . GLU A 1 48  ? -6.839  -10.027 -4.474  1.00 13.90 ? 1339 GLU A N   1 
ATOM   201  C  CA  . GLU A 1 48  ? -7.441  -11.040 -3.573  1.00 16.64 ? 1339 GLU A CA  1 
ATOM   202  C  C   . GLU A 1 48  ? -6.397  -11.742 -2.688  1.00 14.44 ? 1339 GLU A C   1 
ATOM   203  O  O   . GLU A 1 48  ? -6.691  -11.903 -1.485  1.00 15.12 ? 1339 GLU A O   1 
ATOM   204  C  CB  . GLU A 1 48  ? -8.334  -11.992 -4.367  1.00 22.70 ? 1339 GLU A CB  1 
ATOM   205  C  CG  . GLU A 1 48  ? -9.313  -12.702 -3.454  1.00 25.80 ? 1339 GLU A CG  1 
ATOM   206  C  CD  . GLU A 1 48  ? -8.686  -13.808 -2.639  1.00 27.83 ? 1339 GLU A CD  1 
ATOM   207  O  OE1 . GLU A 1 48  ? -7.655  -14.309 -3.076  1.00 27.70 ? 1339 GLU A OE1 1 
ATOM   208  O  OE2 . GLU A 1 48  ? -9.241  -14.158 -1.551  1.00 31.49 ? 1339 GLU A OE2 1 
ATOM   209  N  N   . PRO A 1 49  ? -5.166  -12.070 -3.144  1.00 13.53 ? 1340 PRO A N   1 
ATOM   210  C  CA  . PRO A 1 49  ? -4.192  -12.719 -2.246  1.00 13.24 ? 1340 PRO A CA  1 
ATOM   211  C  C   . PRO A 1 49  ? -3.658  -11.834 -1.110  1.00 12.75 ? 1340 PRO A C   1 
ATOM   212  O  O   . PRO A 1 49  ? -3.038  -12.349 -0.215  1.00 13.92 ? 1340 PRO A O   1 
ATOM   213  C  CB  . PRO A 1 49  ? -3.008  -13.104 -3.153  1.00 14.52 ? 1340 PRO A CB  1 
ATOM   214  C  CG  . PRO A 1 49  ? -3.636  -13.152 -4.560  1.00 15.11 ? 1340 PRO A CG  1 
ATOM   215  C  CD  . PRO A 1 49  ? -4.663  -12.017 -4.538  1.00 14.29 ? 1340 PRO A CD  1 
ATOM   216  N  N   . PHE A 1 50  ? -3.944  -10.537 -1.170  1.00 12.05 ? 1341 PHE A N   1 
ATOM   217  C  CA  . PHE A 1 50  ? -3.336  -9.484  -0.307  1.00 11.91 ? 1341 PHE A CA  1 
ATOM   218  C  C   . PHE A 1 50  ? -4.394  -8.779  0.534   1.00 13.01 ? 1341 PHE A C   1 
ATOM   219  O  O   . PHE A 1 50  ? -4.032  -7.827  1.213   1.00 13.28 ? 1341 PHE A O   1 
ATOM   220  C  CB  . PHE A 1 50  ? -2.579  -8.491  -1.198  1.00 11.21 ? 1341 PHE A CB  1 
ATOM   221  C  CG  . PHE A 1 50  ? -1.689  -9.164  -2.228  1.00 11.37 ? 1341 PHE A CG  1 
ATOM   222  C  CD1 . PHE A 1 50  ? -0.571  -9.874  -1.808  1.00 12.72 ? 1341 PHE A CD1 1 
ATOM   223  C  CD2 . PHE A 1 50  ? -1.977  -9.141  -3.582  1.00 12.23 ? 1341 PHE A CD2 1 
ATOM   224  C  CE1 . PHE A 1 50  ? 0.206   -10.567 -2.712  1.00 13.44 ? 1341 PHE A CE1 1 
ATOM   225  C  CE2 . PHE A 1 50  ? -1.172  -9.821  -4.475  1.00 13.22 ? 1341 PHE A CE2 1 
ATOM   226  C  CZ  . PHE A 1 50  ? -0.084  -10.516 -4.037  1.00 13.46 ? 1341 PHE A CZ  1 
ATOM   227  N  N   . ARG A 1 51  ? -5.652  -9.195  0.520   1.00 13.19 ? 1342 ARG A N   1 
ATOM   228  C  CA  . ARG A 1 51  ? -6.730  -8.470  1.227   1.00 13.82 ? 1342 ARG A CA  1 
ATOM   229  C  C   . ARG A 1 51  ? -6.659  -8.740  2.721   1.00 15.72 ? 1342 ARG A C   1 
ATOM   230  O  O   . ARG A 1 51  ? -7.156  -7.871  3.469   1.00 20.99 ? 1342 ARG A O   1 
ATOM   231  C  CB  . ARG A 1 51  ? -8.127  -8.821  0.710   1.00 14.93 ? 1342 ARG A CB  1 
ATOM   232  C  CG  . ARG A 1 51  ? -8.324  -8.300  -0.696  1.00 16.09 ? 1342 ARG A CG  1 
ATOM   233  C  CD  . ARG A 1 51  ? -9.641  -8.719  -1.326  1.00 17.59 ? 1342 ARG A CD  1 
ATOM   234  N  NE  . ARG A 1 51  ? -9.668  -8.404  -2.731  1.00 18.98 ? 1342 ARG A NE  1 
ATOM   235  C  CZ  . ARG A 1 51  ? -10.437 -9.008  -3.624  1.00 21.91 ? 1342 ARG A CZ  1 
ATOM   236  N  NH1 . ARG A 1 51  ? -11.302 -9.938  -3.235  1.00 25.99 ? 1342 ARG A NH1 1 
ATOM   237  N  NH2 . ARG A 1 51  ? -10.362 -8.679  -4.888  1.00 21.94 ? 1342 ARG A NH2 1 
ATOM   238  N  N   . GLN A 1 52  ? -6.141  -9.878  3.168   1.00 14.18 ? 1343 GLN A N   1 
ATOM   239  C  CA  . GLN A 1 52  ? -6.083  -10.315 4.571   1.00 15.83 ? 1343 GLN A CA  1 
ATOM   240  C  C   . GLN A 1 52  ? -4.704  -10.882 4.822   1.00 15.97 ? 1343 GLN A C   1 
ATOM   241  O  O   . GLN A 1 52  ? -3.993  -11.191 3.856   1.00 15.35 ? 1343 GLN A O   1 
ATOM   242  C  CB  . GLN A 1 52  ? -7.157  -11.380 4.872   1.00 19.23 ? 1343 GLN A CB  1 
ATOM   243  C  CG  . GLN A 1 52  ? -8.560  -10.895 4.577   1.00 27.52 ? 1343 GLN A CG  1 
ATOM   244  C  CD  . GLN A 1 52  ? -9.057  -9.985  5.672   1.00 33.69 ? 1343 GLN A CD  1 
ATOM   245  O  OE1 . GLN A 1 52  ? -8.658  -10.125 6.828   1.00 43.44 ? 1343 GLN A OE1 1 
ATOM   246  N  NE2 . GLN A 1 52  ? -9.893  -9.025  5.307   1.00 38.97 ? 1343 GLN A NE2 1 
ATOM   247  N  N   . PRO A 1 53  ? -4.251  -11.019 6.092   1.00 17.31 ? 1344 PRO A N   1 
ATOM   248  C  CA  . PRO A 1 53  ? -2.919  -11.566 6.350   1.00 17.91 ? 1344 PRO A CA  1 
ATOM   249  C  C   . PRO A 1 53  ? -2.743  -12.941 5.694   1.00 18.49 ? 1344 PRO A C   1 
ATOM   250  O  O   . PRO A 1 53  ? -3.720  -13.722 5.537   1.00 18.12 ? 1344 PRO A O   1 
ATOM   251  C  CB  . PRO A 1 53  ? -2.798  -11.642 7.882   1.00 18.32 ? 1344 PRO A CB  1 
ATOM   252  C  CG  . PRO A 1 53  ? -3.803  -10.642 8.357   1.00 18.54 ? 1344 PRO A CG  1 
ATOM   253  C  CD  . PRO A 1 53  ? -4.923  -10.590 7.327   1.00 18.63 ? 1344 PRO A CD  1 
ATOM   254  N  N   . VAL A 1 54  ? -1.555  -13.216 5.185   1.00 17.91 ? 1345 VAL A N   1 
ATOM   255  C  CA  . VAL A 1 54  ? -1.166  -14.541 4.647   1.00 18.71 ? 1345 VAL A CA  1 
ATOM   256  C  C   . VAL A 1 54  ? -1.509  -15.605 5.687   1.00 19.67 ? 1345 VAL A C   1 
ATOM   257  O  O   . VAL A 1 54  ? -1.222  -15.421 6.869   1.00 21.31 ? 1345 VAL A O   1 
ATOM   258  C  CB  . VAL A 1 54  ? 0.313   -14.559 4.265   1.00 18.65 ? 1345 VAL A CB  1 
ATOM   259  C  CG1 . VAL A 1 54  ? 0.740   -15.960 3.876   1.00 19.30 ? 1345 VAL A CG1 1 
ATOM   260  C  CG2 . VAL A 1 54  ? 0.571   -13.592 3.124   1.00 17.37 ? 1345 VAL A CG2 1 
ATOM   261  N  N   . ASP A 1 55  ? -2.148  -16.676 5.206   1.00 21.32 ? 1346 ASP A N   1 
ATOM   262  C  CA  . ASP A 1 55  ? -2.606  -17.799 6.058   1.00 24.20 ? 1346 ASP A CA  1 
ATOM   263  C  C   . ASP A 1 55  ? -1.421  -18.701 6.391   1.00 20.92 ? 1346 ASP A C   1 
ATOM   264  O  O   . ASP A 1 55  ? -0.899  -19.398 5.529   1.00 19.25 ? 1346 ASP A O   1 
ATOM   265  C  CB  . ASP A 1 55  ? -3.722  -18.587 5.360   1.00 26.44 ? 1346 ASP A CB  1 
ATOM   266  C  CG  . ASP A 1 55  ? -4.474  -19.527 6.293   1.00 32.89 ? 1346 ASP A CG  1 
ATOM   267  O  OD1 . ASP A 1 55  ? -4.018  -19.719 7.461   1.00 35.13 ? 1346 ASP A OD1 1 
ATOM   268  O  OD2 . ASP A 1 55  ? -5.522  -20.051 5.848   1.00 35.51 ? 1346 ASP A OD2 1 
ATOM   269  N  N   . LEU A 1 56  ? -1.104  -18.754 7.656   1.00 22.51 ? 1347 LEU A N   1 
ATOM   270  C  CA  . LEU A 1 56  ? 0.076   -19.484 8.137   1.00 22.80 ? 1347 LEU A CA  1 
ATOM   271  C  C   . LEU A 1 56  ? -0.203  -20.997 8.106   1.00 21.97 ? 1347 LEU A C   1 
ATOM   272  O  O   . LEU A 1 56  ? 0.732   -21.752 8.033   1.00 24.07 ? 1347 LEU A O   1 
ATOM   273  C  CB  . LEU A 1 56  ? 0.425   -18.929 9.520   1.00 25.55 ? 1347 LEU A CB  1 
ATOM   274  C  CG  . LEU A 1 56  ? 0.736   -17.429 9.550   1.00 28.86 ? 1347 LEU A CG  1 
ATOM   275  C  CD1 . LEU A 1 56  ? 1.091   -16.999 10.964  1.00 32.08 ? 1347 LEU A CD1 1 
ATOM   276  C  CD2 . LEU A 1 56  ? 1.835   -17.023 8.579   1.00 27.95 ? 1347 LEU A CD2 1 
ATOM   277  N  N   . LEU A 1 57  ? -1.456  -21.441 7.993   1.00 22.21 ? 1348 LEU A N   1 
ATOM   278  C  CA  . LEU A 1 57  ? -1.722  -22.883 7.892   1.00 23.54 ? 1348 LEU A CA  1 
ATOM   279  C  C   . LEU A 1 57  ? -1.432  -23.311 6.464   1.00 25.58 ? 1348 LEU A C   1 
ATOM   280  O  O   . LEU A 1 57  ? -0.910  -24.428 6.291   1.00 29.29 ? 1348 LEU A O   1 
ATOM   281  C  CB  . LEU A 1 57  ? -3.179  -23.155 8.286   1.00 26.44 ? 1348 LEU A CB  1 
ATOM   282  C  CG  . LEU A 1 57  ? -3.463  -22.904 9.764   1.00 30.92 ? 1348 LEU A CG  1 
ATOM   283  C  CD1 . LEU A 1 57  ? -4.931  -23.148 10.088  1.00 35.23 ? 1348 LEU A CD1 1 
ATOM   284  C  CD2 . LEU A 1 57  ? -2.570  -23.761 10.637  1.00 34.15 ? 1348 LEU A CD2 1 
ATOM   285  N  N   . GLU A 1 58  ? -1.767  -22.453 5.505   1.00 22.71 ? 1349 GLU A N   1 
ATOM   286  C  CA  . GLU A 1 58  ? -1.552  -22.666 4.044   1.00 24.92 ? 1349 GLU A CA  1 
ATOM   287  C  C   . GLU A 1 58  ? -0.030  -22.624 3.773   1.00 23.95 ? 1349 GLU A C   1 
ATOM   288  O  O   . GLU A 1 58  ? 0.491   -23.405 2.941   1.00 24.31 ? 1349 GLU A O   1 
ATOM   289  C  CB  . GLU A 1 58  ? -2.291  -21.589 3.220   1.00 26.96 ? 1349 GLU A CB  1 
ATOM   290  C  CG  . GLU A 1 58  ? -3.843  -21.618 3.217   1.00 29.90 ? 1349 GLU A CG  1 
ATOM   291  C  CD  . GLU A 1 58  ? -4.607  -20.458 2.546   1.00 32.66 ? 1349 GLU A CD  1 
ATOM   292  O  OE1 . GLU A 1 58  ? -3.978  -19.541 1.902   1.00 31.62 ? 1349 GLU A OE1 1 
ATOM   293  O  OE2 . GLU A 1 58  ? -5.887  -20.458 2.644   1.00 33.79 ? 1349 GLU A OE2 1 
ATOM   294  N  N   . TYR A 1 59  ? 0.700   -21.697 4.424   1.00 20.30 ? 1350 TYR A N   1 
ATOM   295  C  CA  . TYR A 1 59  ? 2.134   -21.402 4.137   1.00 19.30 ? 1350 TYR A CA  1 
ATOM   296  C  C   . TYR A 1 59  ? 2.906   -21.487 5.453   1.00 19.92 ? 1350 TYR A C   1 
ATOM   297  O  O   . TYR A 1 59  ? 3.230   -20.477 6.060   1.00 17.57 ? 1350 TYR A O   1 
ATOM   298  C  CB  . TYR A 1 59  ? 2.215   -20.012 3.467   1.00 17.62 ? 1350 TYR A CB  1 
ATOM   299  C  CG  . TYR A 1 59  ? 1.410   -19.919 2.184   1.00 17.95 ? 1350 TYR A CG  1 
ATOM   300  C  CD1 . TYR A 1 59  ? 1.837   -20.516 1.011   1.00 19.45 ? 1350 TYR A CD1 1 
ATOM   301  C  CD2 . TYR A 1 59  ? 0.192   -19.246 2.151   1.00 18.72 ? 1350 TYR A CD2 1 
ATOM   302  C  CE1 . TYR A 1 59  ? 1.055   -20.495 -0.141  1.00 18.73 ? 1350 TYR A CE1 1 
ATOM   303  C  CE2 . TYR A 1 59  ? -0.611  -19.230 1.003   1.00 18.92 ? 1350 TYR A CE2 1 
ATOM   304  C  CZ  . TYR A 1 59  ? -0.166  -19.848 -0.150  1.00 19.60 ? 1350 TYR A CZ  1 
ATOM   305  O  OH  . TYR A 1 59  ? -0.944  -19.767 -1.301  1.00 21.69 ? 1350 TYR A OH  1 
ATOM   306  N  N   . PRO A 1 60  ? 3.182   -22.706 5.993   1.00 21.08 ? 1351 PRO A N   1 
ATOM   307  C  CA  . PRO A 1 60  ? 3.659   -22.824 7.377   1.00 18.89 ? 1351 PRO A CA  1 
ATOM   308  C  C   . PRO A 1 60  ? 5.079   -22.259 7.652   1.00 19.18 ? 1351 PRO A C   1 
ATOM   309  O  O   . PRO A 1 60  ? 5.405   -21.971 8.778   1.00 19.67 ? 1351 PRO A O   1 
ATOM   310  C  CB  . PRO A 1 60  ? 3.518   -24.339 7.630   1.00 23.86 ? 1351 PRO A CB  1 
ATOM   311  C  CG  . PRO A 1 60  ? 3.711   -24.954 6.316   1.00 24.01 ? 1351 PRO A CG  1 
ATOM   312  C  CD  . PRO A 1 60  ? 3.021   -24.018 5.324   1.00 22.67 ? 1351 PRO A CD  1 
ATOM   313  N  N   . ASP A 1 61  ? 5.867   -22.032 6.609   1.00 18.73 ? 1352 ASP A N   1 
ATOM   314  C  CA  . ASP A 1 61  ? 7.227   -21.448 6.743   1.00 18.08 ? 1352 ASP A CA  1 
ATOM   315  C  C   . ASP A 1 61  ? 7.215   -19.927 6.495   1.00 17.17 ? 1352 ASP A C   1 
ATOM   316  O  O   . ASP A 1 61  ? 8.274   -19.302 6.490   1.00 16.32 ? 1352 ASP A O   1 
ATOM   317  C  CB  . ASP A 1 61  ? 8.172   -22.118 5.749   1.00 20.93 ? 1352 ASP A CB  1 
ATOM   318  C  CG  . ASP A 1 61  ? 7.789   -21.842 4.318   1.00 20.59 ? 1352 ASP A CG  1 
ATOM   319  O  OD1 . ASP A 1 61  ? 6.598   -21.510 4.072   1.00 27.76 ? 1352 ASP A OD1 1 
ATOM   320  O  OD2 . ASP A 1 61  ? 8.649   -22.026 3.433   1.00 36.58 ? 1352 ASP A OD2 1 
ATOM   321  N  N   . TYR A 1 62  ? 6.050   -19.281 6.390   1.00 15.41 ? 1353 TYR A N   1 
ATOM   322  C  CA  . TYR A 1 62  ? 6.002   -17.842 5.975   1.00 14.95 ? 1353 TYR A CA  1 
ATOM   323  C  C   . TYR A 1 62  ? 6.835   -16.970 6.908   1.00 16.47 ? 1353 TYR A C   1 
ATOM   324  O  O   . TYR A 1 62  ? 7.591   -16.111 6.399   1.00 14.95 ? 1353 TYR A O   1 
ATOM   325  C  CB  . TYR A 1 62  ? 4.539   -17.391 5.889   1.00 14.73 ? 1353 TYR A CB  1 
ATOM   326  C  CG  . TYR A 1 62  ? 4.350   -16.026 5.264   1.00 14.48 ? 1353 TYR A CG  1 
ATOM   327  C  CD1 . TYR A 1 62  ? 4.537   -15.891 3.917   1.00 14.19 ? 1353 TYR A CD1 1 
ATOM   328  C  CD2 . TYR A 1 62  ? 4.059   -14.880 5.998   1.00 14.16 ? 1353 TYR A CD2 1 
ATOM   329  C  CE1 . TYR A 1 62  ? 4.394   -14.663 3.290   1.00 13.63 ? 1353 TYR A CE1 1 
ATOM   330  C  CE2 . TYR A 1 62  ? 3.855   -13.654 5.371   1.00 14.38 ? 1353 TYR A CE2 1 
ATOM   331  C  CZ  . TYR A 1 62  ? 4.093   -13.540 4.031   1.00 13.81 ? 1353 TYR A CZ  1 
ATOM   332  O  OH  . TYR A 1 62  ? 3.967   -12.319 3.399   1.00 14.21 ? 1353 TYR A OH  1 
ATOM   333  N  N   . ARG A 1 63  ? 6.701   -17.107 8.223   1.00 15.83 ? 1354 ARG A N   1 
ATOM   334  C  CA  . ARG A 1 63  ? 7.394   -16.239 9.182   1.00 17.50 ? 1354 ARG A CA  1 
ATOM   335  C  C   . ARG A 1 63  ? 8.872   -16.593 9.357   1.00 17.85 ? 1354 ARG A C   1 
ATOM   336  O  O   . ARG A 1 63  ? 9.627   -15.788 9.960   1.00 19.58 ? 1354 ARG A O   1 
ATOM   337  C  CB  . ARG A 1 63  ? 6.695   -16.233 10.542  1.00 19.14 ? 1354 ARG A CB  1 
ATOM   338  C  CG  . ARG A 1 63  ? 5.288   -15.667 10.474  1.00 21.75 ? 1354 ARG A CG  1 
ATOM   339  C  CD  . ARG A 1 63  ? 5.217   -14.190 10.075  1.00 24.19 ? 1354 ARG A CD  1 
ATOM   340  N  NE  . ARG A 1 63  ? 6.056   -13.348 10.904  1.00 28.62 ? 1354 ARG A NE  1 
ATOM   341  C  CZ  . ARG A 1 63  ? 5.726   -12.865 12.100  1.00 30.51 ? 1354 ARG A CZ  1 
ATOM   342  N  NH1 . ARG A 1 63  ? 4.521   -13.066 12.611  1.00 34.05 ? 1354 ARG A NH1 1 
ATOM   343  N  NH2 . ARG A 1 63  ? 6.598   -12.143 12.768  1.00 35.26 ? 1354 ARG A NH2 1 
ATOM   344  N  N   . ASP A 1 64  ? 9.326   -17.674 8.736   1.00 16.72 ? 1355 ASP A N   1 
ATOM   345  C  CA  . ASP A 1 64  ? 10.794  -17.947 8.625   1.00 18.33 ? 1355 ASP A CA  1 
ATOM   346  C  C   . ASP A 1 64  ? 11.482  -17.079 7.561   1.00 18.93 ? 1355 ASP A C   1 
ATOM   347  O  O   . ASP A 1 64  ? 12.739  -16.915 7.578   1.00 22.23 ? 1355 ASP A O   1 
ATOM   348  C  CB  . ASP A 1 64  ? 11.056  -19.395 8.231   1.00 19.80 ? 1355 ASP A CB  1 
ATOM   349  C  CG  . ASP A 1 64  ? 10.453  -20.437 9.153   1.00 22.50 ? 1355 ASP A CG  1 
ATOM   350  O  OD1 . ASP A 1 64  ? 10.137  -20.119 10.319  1.00 27.19 ? 1355 ASP A OD1 1 
ATOM   351  O  OD2 . ASP A 1 64  ? 10.301  -21.539 8.696   1.00 26.95 ? 1355 ASP A OD2 1 
ATOM   352  N  N   . ILE A 1 65  ? 10.675  -16.574 6.619   1.00 16.52 ? 1356 ILE A N   1 
ATOM   353  C  CA  . ILE A 1 65  ? 11.108  -15.763 5.444   1.00 16.17 ? 1356 ILE A CA  1 
ATOM   354  C  C   . ILE A 1 65  ? 10.755  -14.285 5.675   1.00 16.36 ? 1356 ILE A C   1 
ATOM   355  O  O   . ILE A 1 65  ? 11.623  -13.436 5.375   1.00 19.15 ? 1356 ILE A O   1 
ATOM   356  C  CB  . ILE A 1 65  ? 10.484  -16.297 4.140   1.00 16.50 ? 1356 ILE A CB  1 
ATOM   357  C  CG1 . ILE A 1 65  ? 10.703  -17.803 3.944   1.00 16.77 ? 1356 ILE A CG1 1 
ATOM   358  C  CG2 . ILE A 1 65  ? 10.977  -15.494 2.952   1.00 16.27 ? 1356 ILE A CG2 1 
ATOM   359  C  CD1 . ILE A 1 65  ? 12.161  -18.212 3.818   1.00 17.08 ? 1356 ILE A CD1 1 
ATOM   360  N  N   . ILE A 1 66  ? 9.555   -14.000 6.206   1.00 14.88 ? 1357 ILE A N   1 
ATOM   361  C  CA  . ILE A 1 66  ? 8.949   -12.644 6.277   1.00 15.13 ? 1357 ILE A CA  1 
ATOM   362  C  C   . ILE A 1 66  ? 8.917   -12.184 7.723   1.00 15.94 ? 1357 ILE A C   1 
ATOM   363  O  O   . ILE A 1 66  ? 8.199   -12.769 8.549   1.00 17.11 ? 1357 ILE A O   1 
ATOM   364  C  CB  . ILE A 1 66  ? 7.550   -12.699 5.634   1.00 13.97 ? 1357 ILE A CB  1 
ATOM   365  C  CG1 . ILE A 1 66  ? 7.632   -13.124 4.154   1.00 15.63 ? 1357 ILE A CG1 1 
ATOM   366  C  CG2 . ILE A 1 66  ? 6.875   -11.367 5.833   1.00 15.13 ? 1357 ILE A CG2 1 
ATOM   367  C  CD1 . ILE A 1 66  ? 8.507   -12.271 3.294   1.00 17.91 ? 1357 ILE A CD1 1 
ATOM   368  N  N   . ASP A 1 67  ? 9.629   -11.094 7.989   1.00 18.74 ? 1358 ASP A N   1 
ATOM   369  C  CA  . ASP A 1 67  ? 9.712   -10.559 9.366   1.00 22.08 ? 1358 ASP A CA  1 
ATOM   370  C  C   . ASP A 1 67  ? 8.494   -9.721  9.744   1.00 19.93 ? 1358 ASP A C   1 
ATOM   371  O  O   . ASP A 1 67  ? 8.136   -9.634  10.915  1.00 20.93 ? 1358 ASP A O   1 
ATOM   372  C  CB  . ASP A 1 67  ? 10.914  -9.626  9.458   1.00 25.17 ? 1358 ASP A CB  1 
ATOM   373  C  CG  . ASP A 1 67  ? 12.258  -10.319 9.580   1.00 32.43 ? 1358 ASP A CG  1 
ATOM   374  O  OD1 . ASP A 1 67  ? 12.274  -11.534 9.765   1.00 38.11 ? 1358 ASP A OD1 1 
ATOM   375  O  OD2 . ASP A 1 67  ? 13.279  -9.635  9.456   1.00 38.26 ? 1358 ASP A OD2 1 
ATOM   376  N  N   . THR A 1 68  ? 7.916   -8.965  8.774   1.00 17.57 ? 1359 THR A N   1 
ATOM   377  C  CA  . THR A 1 68  ? 6.800   -8.039  9.081   1.00 18.14 ? 1359 THR A CA  1 
ATOM   378  C  C   . THR A 1 68  ? 5.668   -8.258  8.080   1.00 15.93 ? 1359 THR A C   1 
ATOM   379  O  O   . THR A 1 68  ? 5.691   -7.645  6.985   1.00 16.44 ? 1359 THR A O   1 
ATOM   380  C  CB  . THR A 1 68  ? 7.259   -6.578  9.036   1.00 18.65 ? 1359 THR A CB  1 
ATOM   381  O  OG1 . THR A 1 68  ? 8.430   -6.475  9.852   1.00 20.64 ? 1359 THR A OG1 1 
ATOM   382  C  CG2 . THR A 1 68  ? 6.185   -5.636  9.529   1.00 20.28 ? 1359 THR A CG2 1 
ATOM   383  N  N   . PRO A 1 69  ? 4.724   -9.143  8.388   1.00 14.87 ? 1360 PRO A N   1 
ATOM   384  C  CA  . PRO A 1 69  ? 3.541   -9.356  7.540   1.00 15.48 ? 1360 PRO A CA  1 
ATOM   385  C  C   . PRO A 1 69  ? 2.804   -8.028  7.347   1.00 13.92 ? 1360 PRO A C   1 
ATOM   386  O  O   . PRO A 1 69  ? 2.721   -7.199  8.213   1.00 15.55 ? 1360 PRO A O   1 
ATOM   387  C  CB  . PRO A 1 69  ? 2.685   -10.375 8.282   1.00 16.83 ? 1360 PRO A CB  1 
ATOM   388  C  CG  . PRO A 1 69  ? 3.738   -11.154 9.115   1.00 19.49 ? 1360 PRO A CG  1 
ATOM   389  C  CD  . PRO A 1 69  ? 4.694   -10.051 9.570   1.00 17.70 ? 1360 PRO A CD  1 
ATOM   390  N  N   . MET A 1 70  ? 2.180   -7.874  6.165   1.00 13.30 ? 1361 MET A N   1 
ATOM   391  C  CA  . MET A 1 70  ? 1.338   -6.689  5.889   1.00 12.75 ? 1361 MET A CA  1 
ATOM   392  C  C   . MET A 1 70  ? 0.296   -7.080  4.838   1.00 12.73 ? 1361 MET A C   1 
ATOM   393  O  O   . MET A 1 70  ? 0.547   -7.943  4.021   1.00 13.28 ? 1361 MET A O   1 
ATOM   394  C  CB  . MET A 1 70  ? 2.151   -5.502  5.388   1.00 13.22 ? 1361 MET A CB  1 
ATOM   395  C  CG  . MET A 1 70  ? 1.395   -4.196  5.346   1.00 12.44 ? 1361 MET A CG  1 
ATOM   396  S  SD  . MET A 1 70  ? 0.493   -3.656  6.795   1.00 13.81 ? 1361 MET A SD  1 
ATOM   397  C  CE  . MET A 1 70  ? 1.762   -3.574  8.070   1.00 16.04 ? 1361 MET A CE  1 
ATOM   398  N  N   . ASP A 1 71  ? -0.861  -6.457  4.904   1.00 12.21 ? 1362 ASP A N   1 
ATOM   399  C  CA  . ASP A 1 71  ? -1.991  -6.751  3.984   1.00 11.64 ? 1362 ASP A CA  1 
ATOM   400  C  C   . ASP A 1 71  ? -2.866  -5.503  3.879   1.00 11.17 ? 1362 ASP A C   1 
ATOM   401  O  O   . ASP A 1 71  ? -2.767  -4.601  4.719   1.00 11.63 ? 1362 ASP A O   1 
ATOM   402  C  CB  . ASP A 1 71  ? -2.792  -7.920  4.536   1.00 13.52 ? 1362 ASP A CB  1 
ATOM   403  C  CG  . ASP A 1 71  ? -3.453  -7.554  5.833   1.00 15.21 ? 1362 ASP A CG  1 
ATOM   404  O  OD1 . ASP A 1 71  ? -2.766  -7.644  6.875   1.00 17.50 ? 1362 ASP A OD1 1 
ATOM   405  O  OD2 . ASP A 1 71  ? -4.605  -7.111  5.778   1.00 16.34 ? 1362 ASP A OD2 1 
ATOM   406  N  N   . PHE A 1 72  ? -3.772  -5.455  2.906   1.00 10.52 ? 1363 PHE A N   1 
ATOM   407  C  CA  . PHE A 1 72  ? -4.546  -4.229  2.659   1.00 11.13 ? 1363 PHE A CA  1 
ATOM   408  C  C   . PHE A 1 72  ? -5.622  -3.974  3.708   1.00 12.09 ? 1363 PHE A C   1 
ATOM   409  O  O   . PHE A 1 72  ? -5.948  -2.807  3.920   1.00 12.05 ? 1363 PHE A O   1 
ATOM   410  C  CB  . PHE A 1 72  ? -5.157  -4.240  1.251   1.00 11.34 ? 1363 PHE A CB  1 
ATOM   411  C  CG  . PHE A 1 72  ? -4.131  -3.966  0.191   1.00 11.38 ? 1363 PHE A CG  1 
ATOM   412  C  CD1 . PHE A 1 72  ? -3.672  -2.685  -0.030  1.00 12.39 ? 1363 PHE A CD1 1 
ATOM   413  C  CD2 . PHE A 1 72  ? -3.717  -4.961  -0.678  1.00 12.12 ? 1363 PHE A CD2 1 
ATOM   414  C  CE1 . PHE A 1 72  ? -2.744  -2.418  -1.005  1.00 12.85 ? 1363 PHE A CE1 1 
ATOM   415  C  CE2 . PHE A 1 72  ? -2.792  -4.700  -1.662  1.00 11.98 ? 1363 PHE A CE2 1 
ATOM   416  C  CZ  . PHE A 1 72  ? -2.305  -3.433  -1.812  1.00 11.92 ? 1363 PHE A CZ  1 
ATOM   417  N  N   . ALA A 1 73  ? -6.158  -5.003  4.369   1.00 11.98 ? 1364 ALA A N   1 
ATOM   418  C  CA  . ALA A 1 73  ? -7.090  -4.781  5.484   1.00 12.64 ? 1364 ALA A CA  1 
ATOM   419  C  C   . ALA A 1 73  ? -6.373  -4.119  6.660   1.00 12.35 ? 1364 ALA A C   1 
ATOM   420  O  O   . ALA A 1 73  ? -6.928  -3.111  7.244   1.00 13.25 ? 1364 ALA A O   1 
ATOM   421  C  CB  . ALA A 1 73  ? -7.732  -6.095  5.909   1.00 14.02 ? 1364 ALA A CB  1 
ATOM   422  N  N   . THR A 1 74  ? -5.154  -4.509  6.940   1.00 12.31 ? 1365 THR A N   1 
ATOM   423  C  CA  . THR A 1 74  ? -4.377  -3.840  8.010   1.00 12.47 ? 1365 THR A CA  1 
ATOM   424  C  C   . THR A 1 74  ? -4.125  -2.387  7.607   1.00 11.58 ? 1365 THR A C   1 
ATOM   425  O  O   . THR A 1 74  ? -4.266  -1.476  8.470   1.00 12.19 ? 1365 THR A O   1 
ATOM   426  C  CB  . THR A 1 74  ? -3.092  -4.575  8.286   1.00 13.22 ? 1365 THR A CB  1 
ATOM   427  O  OG1 . THR A 1 74  ? -3.456  -5.896  8.734   1.00 16.21 ? 1365 THR A OG1 1 
ATOM   428  C  CG2 . THR A 1 74  ? -2.230  -3.893  9.314   1.00 13.39 ? 1365 THR A CG2 1 
ATOM   429  N  N   . VAL A 1 75  ? -3.728  -2.123  6.353   1.00 11.89 ? 1366 VAL A N   1 
ATOM   430  C  CA  . VAL A 1 75  ? -3.525  -0.706  5.926   1.00 11.30 ? 1366 VAL A CA  1 
ATOM   431  C  C   . VAL A 1 75  ? -4.809  0.112   6.099   1.00 12.35 ? 1366 VAL A C   1 
ATOM   432  O  O   . VAL A 1 75  ? -4.760  1.250   6.625   1.00 11.52 ? 1366 VAL A O   1 
ATOM   433  C  CB  . VAL A 1 75  ? -2.948  -0.675  4.487   1.00 11.76 ? 1366 VAL A CB  1 
ATOM   434  C  CG1 . VAL A 1 75  ? -2.906  0.767   4.027   1.00 12.34 ? 1366 VAL A CG1 1 
ATOM   435  C  CG2 . VAL A 1 75  ? -1.596  -1.358  4.384   1.00 11.41 ? 1366 VAL A CG2 1 
ATOM   436  N  N   . ARG A 1 76  ? -5.940  -0.406  5.642   1.00 11.34 ? 1367 ARG A N   1 
ATOM   437  C  CA  . ARG A 1 76  ? -7.211  0.334   5.764   1.00 13.06 ? 1367 ARG A CA  1 
ATOM   438  C  C   . ARG A 1 76  ? -7.572  0.579   7.234   1.00 12.22 ? 1367 ARG A C   1 
ATOM   439  O  O   . ARG A 1 76  ? -8.028  1.706   7.538   1.00 12.10 ? 1367 ARG A O   1 
ATOM   440  C  CB  . ARG A 1 76  ? -8.291  -0.484  5.055   1.00 15.23 ? 1367 ARG A CB  1 
ATOM   441  C  CG  . ARG A 1 76  ? -9.662  0.140   5.127   1.00 19.92 ? 1367 ARG A CG  1 
ATOM   442  C  CD  . ARG A 1 76  ? -10.625 -0.794  4.406   1.00 24.28 ? 1367 ARG A CD  1 
ATOM   443  N  NE  . ARG A 1 76  ? -10.853 -0.403  3.036   1.00 26.75 ? 1367 ARG A NE  1 
ATOM   444  C  CZ  . ARG A 1 76  ? -11.524 -1.134  2.127   1.00 26.29 ? 1367 ARG A CZ  1 
ATOM   445  N  NH1 . ARG A 1 76  ? -11.898 -2.387  2.379   1.00 25.52 ? 1367 ARG A NH1 1 
ATOM   446  N  NH2 . ARG A 1 76  ? -11.764 -0.616  0.945   1.00 27.91 ? 1367 ARG A NH2 1 
ATOM   447  N  N   . GLU A 1 77  ? -7.414  -0.417  8.085   1.00 12.28 ? 1368 GLU A N   1 
ATOM   448  C  CA  . GLU A 1 77  ? -7.727  -0.250  9.516   1.00 13.48 ? 1368 GLU A CA  1 
ATOM   449  C  C   . GLU A 1 77  ? -6.788  0.782   10.123  1.00 12.93 ? 1368 GLU A C   1 
ATOM   450  O  O   . GLU A 1 77  ? -7.245  1.578   10.962  1.00 13.94 ? 1368 GLU A O   1 
ATOM   451  C  CB  . GLU A 1 77  ? -7.581  -1.596  10.177  1.00 16.90 ? 1368 GLU A CB  1 
ATOM   452  C  CG  . GLU A 1 77  ? -8.724  -2.550  9.898   1.00 20.17 ? 1368 GLU A CG  1 
ATOM   453  C  CD  . GLU A 1 77  ? -8.388  -4.037  10.016  1.00 28.88 ? 1368 GLU A CD  1 
ATOM   454  O  OE1 . GLU A 1 77  ? -7.313  -4.387  10.580  1.00 33.43 ? 1368 GLU A OE1 1 
ATOM   455  O  OE2 . GLU A 1 77  ? -9.217  -4.848  9.501   1.00 36.27 ? 1368 GLU A OE2 1 
ATOM   456  N  N   . THR A 1 78  ? -5.502  0.780   9.801   1.00 12.94 ? 1369 THR A N   1 
ATOM   457  C  CA  . THR A 1 78  ? -4.552  1.771   10.357  1.00 12.25 ? 1369 THR A CA  1 
ATOM   458  C  C   . THR A 1 78  ? -4.991  3.167   9.925   1.00 13.75 ? 1369 THR A C   1 
ATOM   459  O  O   . THR A 1 78  ? -4.971  4.153   10.779  1.00 13.40 ? 1369 THR A O   1 
ATOM   460  C  CB  . THR A 1 78  ? -3.133  1.424   9.900   1.00 12.21 ? 1369 THR A CB  1 
ATOM   461  O  OG1 . THR A 1 78  ? -2.784  0.095   10.308  1.00 13.38 ? 1369 THR A OG1 1 
ATOM   462  C  CG2 . THR A 1 78  ? -2.092  2.360   10.448  1.00 12.94 ? 1369 THR A CG2 1 
ATOM   463  N  N   . LEU A 1 79  ? -5.360  3.344   8.641   1.00 11.91 ? 1370 LEU A N   1 
ATOM   464  C  CA  . LEU A 1 79  ? -5.825  4.655   8.145   1.00 12.28 ? 1370 LEU A CA  1 
ATOM   465  C  C   . LEU A 1 79  ? -7.057  5.103   8.905   1.00 12.61 ? 1370 LEU A C   1 
ATOM   466  O  O   . LEU A 1 79  ? -7.134  6.288   9.392   1.00 12.74 ? 1370 LEU A O   1 
ATOM   467  C  CB  . LEU A 1 79  ? -6.088  4.524   6.631   1.00 11.31 ? 1370 LEU A CB  1 
ATOM   468  C  CG  . LEU A 1 79  ? -6.446  5.820   5.909   1.00 12.03 ? 1370 LEU A CG  1 
ATOM   469  C  CD1 . LEU A 1 79  ? -5.285  6.795   5.964   1.00 12.63 ? 1370 LEU A CD1 1 
ATOM   470  C  CD2 . LEU A 1 79  ? -6.847  5.506   4.467   1.00 13.56 ? 1370 LEU A CD2 1 
ATOM   471  N  N   . GLU A 1 80  ? -8.062  4.234   9.007   1.00 13.11 ? 1371 GLU A N   1 
ATOM   472  C  CA  . GLU A 1 80  ? -9.357  4.594   9.639   1.00 14.82 ? 1371 GLU A CA  1 
ATOM   473  C  C   . GLU A 1 80  ? -9.182  4.858   11.140  1.00 14.14 ? 1371 GLU A C   1 
ATOM   474  O  O   . GLU A 1 80  ? -9.873  5.758   11.656  1.00 15.46 ? 1371 GLU A O   1 
ATOM   475  C  CB  . GLU A 1 80  ? -10.411 3.541   9.306   1.00 15.69 ? 1371 GLU A CB  1 
ATOM   476  C  CG  . GLU A 1 80  ? -11.107 3.871   7.996   1.00 19.35 ? 1371 GLU A CG  1 
ATOM   477  C  CD  . GLU A 1 80  ? -11.218 5.378   7.780   1.00 21.34 ? 1371 GLU A CD  1 
ATOM   478  O  OE1 . GLU A 1 80  ? -12.007 6.009   8.517   1.00 23.65 ? 1371 GLU A OE1 1 
ATOM   479  O  OE2 . GLU A 1 80  ? -10.451 5.928   6.929   1.00 22.51 ? 1371 GLU A OE2 1 
ATOM   480  N  N   . ALA A 1 81  ? -8.242  4.205   11.805  1.00 13.99 ? 1372 ALA A N   1 
ATOM   481  C  CA  . ALA A 1 81  ? -7.980  4.457   13.245  1.00 14.43 ? 1372 ALA A CA  1 
ATOM   482  C  C   . ALA A 1 81  ? -7.323  5.807   13.448  1.00 14.39 ? 1372 ALA A C   1 
ATOM   483  O  O   . ALA A 1 81  ? -7.125  6.254   14.576  1.00 15.66 ? 1372 ALA A O   1 
ATOM   484  C  CB  . ALA A 1 81  ? -7.093  3.379   13.790  1.00 15.43 ? 1372 ALA A CB  1 
ATOM   485  N  N   . GLY A 1 82  ? -6.880  6.490   12.377  1.00 14.26 ? 1373 GLY A N   1 
ATOM   486  C  CA  . GLY A 1 82  ? -6.098  7.712   12.524  1.00 13.68 ? 1373 GLY A CA  1 
ATOM   487  C  C   . GLY A 1 82  ? -4.704  7.453   12.993  1.00 12.63 ? 1373 GLY A C   1 
ATOM   488  O  O   . GLY A 1 82  ? -4.150  8.224   13.788  1.00 14.14 ? 1373 GLY A O   1 
ATOM   489  N  N   . ASN A 1 83  ? -4.061  6.358   12.541  1.00 12.16 ? 1374 ASN A N   1 
ATOM   490  C  CA  . ASN A 1 83  ? -2.710  5.951   12.976  1.00 12.40 ? 1374 ASN A CA  1 
ATOM   491  C  C   . ASN A 1 83  ? -1.654  6.086   11.847  1.00 11.52 ? 1374 ASN A C   1 
ATOM   492  O  O   . ASN A 1 83  ? -0.518  5.637   11.993  1.00 13.20 ? 1374 ASN A O   1 
ATOM   493  C  CB  . ASN A 1 83  ? -2.770  4.538   13.572  1.00 13.23 ? 1374 ASN A CB  1 
ATOM   494  C  CG  . ASN A 1 83  ? -3.414  4.446   14.944  1.00 15.22 ? 1374 ASN A CG  1 
ATOM   495  O  OD1 . ASN A 1 83  ? -3.588  3.328   15.443  1.00 17.86 ? 1374 ASN A OD1 1 
ATOM   496  N  ND2 . ASN A 1 83  ? -3.902  5.526   15.546  1.00 15.28 ? 1374 ASN A ND2 1 
ATOM   497  N  N   . TYR A 1 84  ? -2.037  6.759   10.738  1.00 12.49 ? 1375 TYR A N   1 
ATOM   498  C  CA  . TYR A 1 84  ? -1.061  7.284   9.759   1.00 12.16 ? 1375 TYR A CA  1 
ATOM   499  C  C   . TYR A 1 84  ? -1.010  8.808   9.912   1.00 12.30 ? 1375 TYR A C   1 
ATOM   500  O  O   . TYR A 1 84  ? -2.060  9.417   9.924   1.00 14.01 ? 1375 TYR A O   1 
ATOM   501  C  CB  . TYR A 1 84  ? -1.362  6.906   8.304   1.00 12.11 ? 1375 TYR A CB  1 
ATOM   502  C  CG  . TYR A 1 84  ? -1.149  5.460   7.947   1.00 11.35 ? 1375 TYR A CG  1 
ATOM   503  C  CD1 . TYR A 1 84  ? 0.028   4.784   8.208   1.00 11.66 ? 1375 TYR A CD1 1 
ATOM   504  C  CD2 . TYR A 1 84  ? -2.171  4.733   7.372   1.00 11.07 ? 1375 TYR A CD2 1 
ATOM   505  C  CE1 . TYR A 1 84  ? 0.232   3.466   7.843   1.00 11.06 ? 1375 TYR A CE1 1 
ATOM   506  C  CE2 . TYR A 1 84  ? -1.995  3.418   7.008   1.00 11.25 ? 1375 TYR A CE2 1 
ATOM   507  C  CZ  . TYR A 1 84  ? -0.798  2.779   7.238   1.00 11.18 ? 1375 TYR A CZ  1 
ATOM   508  O  OH  . TYR A 1 84  ? -0.719  1.458   6.895   1.00 12.82 ? 1375 TYR A OH  1 
ATOM   509  N  N   . GLU A 1 85  ? 0.203   9.350   10.020  1.00 13.60 ? 1376 GLU A N   1 
ATOM   510  C  CA  . GLU A 1 85  ? 0.358   10.841  10.016  1.00 15.48 ? 1376 GLU A CA  1 
ATOM   511  C  C   . GLU A 1 85  ? 0.498   11.423  8.595   1.00 14.51 ? 1376 GLU A C   1 
ATOM   512  O  O   . GLU A 1 85  ? 0.224   12.650  8.394   1.00 19.52 ? 1376 GLU A O   1 
ATOM   513  C  CB  . GLU A 1 85  ? 1.581   11.255  10.825  1.00 18.12 ? 1376 GLU A CB  1 
ATOM   514  C  CG  . GLU A 1 85  ? 1.652   12.762  10.995  1.00 24.82 ? 1376 GLU A CG  1 
ATOM   515  C  CD  . GLU A 1 85  ? 2.793   13.221  11.887  1.00 28.81 ? 1376 GLU A CD  1 
ATOM   516  O  OE1 . GLU A 1 85  ? 3.669   12.386  12.208  1.00 35.91 ? 1376 GLU A OE1 1 
ATOM   517  O  OE2 . GLU A 1 85  ? 2.773   14.432  12.291  1.00 33.53 ? 1376 GLU A OE2 1 
ATOM   518  N  N   . SER A 1 86  ? 0.872   10.635  7.598   1.00 14.20 ? 1377 SER A N   1 
ATOM   519  C  CA  . SER A 1 86  ? 1.169   11.132  6.244   1.00 13.88 ? 1377 SER A CA  1 
ATOM   520  C  C   . SER A 1 86  ? 0.914   10.022  5.257   1.00 13.39 ? 1377 SER A C   1 
ATOM   521  O  O   . SER A 1 86  ? 0.915   8.833   5.591   1.00 13.44 ? 1377 SER A O   1 
ATOM   522  C  CB  . SER A 1 86  ? 2.592   11.567  6.133   1.00 14.40 ? 1377 SER A CB  1 
ATOM   523  O  OG  . SER A 1 86  ? 3.465   10.470  6.176   1.00 15.15 ? 1377 SER A OG  1 
ATOM   524  N  N   . PRO A 1 87  ? 0.733   10.385  3.977   1.00 12.45 ? 1378 PRO A N   1 
ATOM   525  C  CA  . PRO A 1 87  ? 0.576   9.350   2.961   1.00 12.05 ? 1378 PRO A CA  1 
ATOM   526  C  C   . PRO A 1 87  ? 1.888   8.604   2.707   1.00 12.59 ? 1378 PRO A C   1 
ATOM   527  O  O   . PRO A 1 87  ? 1.823   7.472   2.215   1.00 12.08 ? 1378 PRO A O   1 
ATOM   528  C  CB  . PRO A 1 87  ? 0.173   10.131  1.699   1.00 13.35 ? 1378 PRO A CB  1 
ATOM   529  C  CG  . PRO A 1 87  ? 0.647   11.558  1.929   1.00 12.30 ? 1378 PRO A CG  1 
ATOM   530  C  CD  . PRO A 1 87  ? 0.530   11.746  3.428   1.00 12.05 ? 1378 PRO A CD  1 
ATOM   531  N  N   . MET A 1 88  ? 3.052   9.172   3.052   1.00 11.60 ? 1379 MET A N   1 
ATOM   532  C  CA  . MET A 1 88  ? 4.333   8.448   2.946   1.00 12.33 ? 1379 MET A CA  1 
ATOM   533  C  C   . MET A 1 88  ? 4.329   7.206   3.835   1.00 11.43 ? 1379 MET A C   1 
ATOM   534  O  O   . MET A 1 88  ? 4.849   6.174   3.457   1.00 11.80 ? 1379 MET A O   1 
ATOM   535  C  CB  . MET A 1 88  ? 5.540   9.332   3.275   1.00 12.82 ? 1379 MET A CB  1 
ATOM   536  C  CG  . MET A 1 88  ? 5.664   10.517  2.303   1.00 13.15 ? 1379 MET A CG  1 
ATOM   537  S  SD  . MET A 1 88  ? 4.657   11.981  2.631   1.00 15.38 ? 1379 MET A SD  1 
ATOM   538  C  CE  . MET A 1 88  ? 5.618   12.714  3.956   1.00 17.40 ? 1379 MET A CE  1 
ATOM   539  N  N   . GLU A 1 89  ? 3.747   7.308   5.036   1.00 11.20 ? 1380 GLU A N   1 
ATOM   540  C  CA  . GLU A 1 89  ? 3.690   6.147   5.926   1.00 11.72 ? 1380 GLU A CA  1 
ATOM   541  C  C   . GLU A 1 89  ? 2.786   5.077   5.318   1.00 11.38 ? 1380 GLU A C   1 
ATOM   542  O  O   . GLU A 1 89  ? 3.105   3.855   5.415   1.00 11.95 ? 1380 GLU A O   1 
ATOM   543  C  CB  . GLU A 1 89  ? 3.167   6.566   7.291   1.00 13.48 ? 1380 GLU A CB  1 
ATOM   544  C  CG  . GLU A 1 89  ? 4.080   7.451   8.100   1.00 14.60 ? 1380 GLU A CG  1 
ATOM   545  C  CD  . GLU A 1 89  ? 3.487   7.852   9.437   1.00 15.85 ? 1380 GLU A CD  1 
ATOM   546  O  OE1 . GLU A 1 89  ? 2.334   7.640   9.661   1.00 16.31 ? 1380 GLU A OE1 1 
ATOM   547  O  OE2 . GLU A 1 89  ? 4.281   8.420   10.253  1.00 21.20 ? 1380 GLU A OE2 1 
ATOM   548  N  N   . LEU A 1 90  ? 1.619   5.431   4.801   1.00 11.24 ? 1381 LEU A N   1 
ATOM   549  C  CA  . LEU A 1 90  ? 0.723   4.454   4.146   1.00 11.92 ? 1381 LEU A CA  1 
ATOM   550  C  C   . LEU A 1 90  ? 1.441   3.788   2.974   1.00 11.43 ? 1381 LEU A C   1 
ATOM   551  O  O   . LEU A 1 90  ? 1.369   2.563   2.796   1.00 11.26 ? 1381 LEU A O   1 
ATOM   552  C  CB  . LEU A 1 90  ? -0.571  5.140   3.706   1.00 11.99 ? 1381 LEU A CB  1 
ATOM   553  C  CG  . LEU A 1 90  ? -1.593  4.247   2.973   1.00 12.44 ? 1381 LEU A CG  1 
ATOM   554  C  CD1 . LEU A 1 90  ? -3.015  4.633   3.333   1.00 12.12 ? 1381 LEU A CD1 1 
ATOM   555  C  CD2 . LEU A 1 90  ? -1.369  4.274   1.467   1.00 12.46 ? 1381 LEU A CD2 1 
ATOM   556  N  N   A CYS A 1 91  ? 2.151   4.590   2.178   0.30 10.82 ? 1382 CYS A N   1 
ATOM   557  N  N   B CYS A 1 91  ? 2.158   4.562   2.155   0.29 12.14 ? 1382 CYS A N   1 
ATOM   558  C  CA  A CYS A 1 91  ? 2.875   4.110   0.981   0.30 11.08 ? 1382 CYS A CA  1 
ATOM   559  C  CA  B CYS A 1 91  ? 2.923   4.001   1.013   0.29 13.22 ? 1382 CYS A CA  1 
ATOM   560  C  C   A CYS A 1 91  ? 3.945   3.089   1.424   0.30 11.64 ? 1382 CYS A C   1 
ATOM   561  C  C   B CYS A 1 91  ? 3.921   2.967   1.498   0.29 12.64 ? 1382 CYS A C   1 
ATOM   562  O  O   A CYS A 1 91  ? 4.087   2.054   0.740   0.30 12.02 ? 1382 CYS A O   1 
ATOM   563  O  O   B CYS A 1 91  ? 4.077   1.903   0.869   0.29 11.78 ? 1382 CYS A O   1 
ATOM   564  C  CB  A CYS A 1 91  ? 3.398   5.309   0.205   0.30 10.53 ? 1382 CYS A CB  1 
ATOM   565  C  CB  B CYS A 1 91  ? 3.753   5.047   0.311   0.29 14.29 ? 1382 CYS A CB  1 
ATOM   566  S  SG  A CYS A 1 91  ? 4.158   4.882   -1.377  0.30 9.91  ? 1382 CYS A SG  1 
ATOM   567  S  SG  B CYS A 1 91  ? 2.695   5.999   -0.773  0.29 17.63 ? 1382 CYS A SG  1 
ATOM   568  N  N   . LYS A 1 92  ? 4.660   3.316   2.539   1.00 12.25 ? 1383 LYS A N   1 
ATOM   569  C  CA  . LYS A 1 92  ? 5.680   2.377   3.022   1.00 13.10 ? 1383 LYS A CA  1 
ATOM   570  C  C   . LYS A 1 92  ? 5.031   1.021   3.351   1.00 12.50 ? 1383 LYS A C   1 
ATOM   571  O  O   . LYS A 1 92  ? 5.573   -0.039  2.996   1.00 12.61 ? 1383 LYS A O   1 
ATOM   572  C  CB  . LYS A 1 92  ? 6.385   3.031   4.210   1.00 14.83 ? 1383 LYS A CB  1 
ATOM   573  C  CG  . LYS A 1 92  ? 7.460   2.175   4.823   1.00 16.95 ? 1383 LYS A CG  1 
ATOM   574  C  CD  . LYS A 1 92  ? 8.282   2.883   5.894   1.00 21.57 ? 1383 LYS A CD  1 
ATOM   575  C  CE  . LYS A 1 92  ? 9.105   1.884   6.694   1.00 29.71 ? 1383 LYS A CE  1 
ATOM   576  N  NZ  . LYS A 1 92  ? 9.849   2.517   7.818   1.00 35.35 ? 1383 LYS A NZ  1 
ATOM   577  N  N   . ASP A 1 93  ? 3.868   1.023   4.007   1.00 11.63 ? 1384 ASP A N   1 
ATOM   578  C  CA  . ASP A 1 93  ? 3.180   -0.242  4.338   1.00 11.39 ? 1384 ASP A CA  1 
ATOM   579  C  C   . ASP A 1 93  ? 2.686   -0.974  3.073   1.00 10.36 ? 1384 ASP A C   1 
ATOM   580  O  O   . ASP A 1 93  ? 2.802   -2.176  2.979   1.00 10.50 ? 1384 ASP A O   1 
ATOM   581  C  CB  . ASP A 1 93  ? 2.057   -0.034  5.340   1.00 12.10 ? 1384 ASP A CB  1 
ATOM   582  C  CG  . ASP A 1 93  ? 2.492   0.153   6.779   1.00 15.63 ? 1384 ASP A CG  1 
ATOM   583  O  OD1 . ASP A 1 93  ? 3.724   -0.023  7.045   1.00 18.52 ? 1384 ASP A OD1 1 
ATOM   584  O  OD2 . ASP A 1 93  ? 1.619   0.473   7.630   1.00 14.55 ? 1384 ASP A OD2 1 
ATOM   585  N  N   . VAL A 1 94  ? 2.089   -0.247  2.124   1.00 10.96 ? 1385 VAL A N   1 
ATOM   586  C  CA  . VAL A 1 94  ? 1.604   -0.890  0.871   1.00 11.41 ? 1385 VAL A CA  1 
ATOM   587  C  C   . VAL A 1 94  ? 2.812   -1.481  0.141   1.00 11.12 ? 1385 VAL A C   1 
ATOM   588  O  O   . VAL A 1 94  ? 2.739   -2.621  -0.333  1.00 11.45 ? 1385 VAL A O   1 
ATOM   589  C  CB  . VAL A 1 94  ? 0.807   0.102   0.003   1.00 11.42 ? 1385 VAL A CB  1 
ATOM   590  C  CG1 . VAL A 1 94  ? 0.599   -0.433  -1.397  1.00 11.95 ? 1385 VAL A CG1 1 
ATOM   591  C  CG2 . VAL A 1 94  ? -0.526  0.439   0.652   1.00 11.54 ? 1385 VAL A CG2 1 
ATOM   592  N  N   . ARG A 1 95  ? 3.937   -0.768  0.105   1.00 11.25 ? 1386 ARG A N   1 
ATOM   593  C  CA  . ARG A 1 95  ? 5.153   -1.282  -0.564  1.00 11.91 ? 1386 ARG A CA  1 
ATOM   594  C  C   . ARG A 1 95  ? 5.656   -2.542  0.143   1.00 11.41 ? 1386 ARG A C   1 
ATOM   595  O  O   . ARG A 1 95  ? 6.183   -3.429  -0.545  1.00 12.13 ? 1386 ARG A O   1 
ATOM   596  C  CB  . ARG A 1 95  ? 6.211   -0.182  -0.631  1.00 13.01 ? 1386 ARG A CB  1 
ATOM   597  C  CG  . ARG A 1 95  ? 5.824   0.871   -1.654  1.00 14.90 ? 1386 ARG A CG  1 
ATOM   598  C  CD  . ARG A 1 95  ? 6.619   2.154   -1.599  1.00 16.39 ? 1386 ARG A CD  1 
ATOM   599  N  NE  . ARG A 1 95  ? 6.154   3.058   -2.646  1.00 16.73 ? 1386 ARG A NE  1 
ATOM   600  C  CZ  . ARG A 1 95  ? 6.400   4.368   -2.690  1.00 17.41 ? 1386 ARG A CZ  1 
ATOM   601  N  NH1 . ARG A 1 95  ? 7.139   4.951   -1.757  1.00 18.69 ? 1386 ARG A NH1 1 
ATOM   602  N  NH2 . ARG A 1 95  ? 5.915   5.098   -3.680  1.00 18.63 ? 1386 ARG A NH2 1 
ATOM   603  N  N   . LEU A 1 96  ? 5.498   -2.643  1.460   1.00 11.60 ? 1387 LEU A N   1 
ATOM   604  C  CA  . LEU A 1 96  ? 5.871   -3.857  2.233   1.00 12.18 ? 1387 LEU A CA  1 
ATOM   605  C  C   . LEU A 1 96  ? 5.044   -5.054  1.740   1.00 11.65 ? 1387 LEU A C   1 
ATOM   606  O  O   . LEU A 1 96  ? 5.608   -6.181  1.640   1.00 12.41 ? 1387 LEU A O   1 
ATOM   607  C  CB  . LEU A 1 96  ? 5.653   -3.593  3.726   1.00 12.48 ? 1387 LEU A CB  1 
ATOM   608  C  CG  . LEU A 1 96  ? 5.965   -4.744  4.677   1.00 14.21 ? 1387 LEU A CG  1 
ATOM   609  C  CD1 . LEU A 1 96  ? 7.393   -5.222  4.546   1.00 14.36 ? 1387 LEU A CD1 1 
ATOM   610  C  CD2 . LEU A 1 96  ? 5.664   -4.334  6.107   1.00 14.70 ? 1387 LEU A CD2 1 
ATOM   611  N  N   . ILE A 1 97  ? 3.748   -4.849  1.457   1.00 11.34 ? 1388 ILE A N   1 
ATOM   612  C  CA  . ILE A 1 97  ? 2.907   -5.951  0.928   1.00 11.52 ? 1388 ILE A CA  1 
ATOM   613  C  C   . ILE A 1 97  ? 3.626   -6.532  -0.296  1.00 10.91 ? 1388 ILE A C   1 
ATOM   614  O  O   . ILE A 1 97  ? 3.757   -7.741  -0.449  1.00 11.53 ? 1388 ILE A O   1 
ATOM   615  C  CB  . ILE A 1 97  ? 1.493   -5.499  0.576   1.00 11.04 ? 1388 ILE A CB  1 
ATOM   616  C  CG1 . ILE A 1 97  ? 0.740   -4.996  1.818   1.00 10.63 ? 1388 ILE A CG1 1 
ATOM   617  C  CG2 . ILE A 1 97  ? 0.752   -6.615  -0.118  1.00 11.89 ? 1388 ILE A CG2 1 
ATOM   618  C  CD1 . ILE A 1 97  ? -0.599  -4.267  1.508   1.00 11.08 ? 1388 ILE A CD1 1 
ATOM   619  N  N   . PHE A 1 98  ? 4.075   -5.661  -1.198  1.00 10.56 ? 1389 PHE A N   1 
ATOM   620  C  CA  . PHE A 1 98  ? 4.678   -6.118  -2.480  1.00 11.14 ? 1389 PHE A CA  1 
ATOM   621  C  C   . PHE A 1 98  ? 6.059   -6.733  -2.214  1.00 11.10 ? 1389 PHE A C   1 
ATOM   622  O  O   . PHE A 1 98  ? 6.359   -7.776  -2.777  1.00 11.04 ? 1389 PHE A O   1 
ATOM   623  C  CB  . PHE A 1 98  ? 4.730   -4.989  -3.513  1.00 11.92 ? 1389 PHE A CB  1 
ATOM   624  C  CG  . PHE A 1 98  ? 3.396   -4.311  -3.765  1.00 11.65 ? 1389 PHE A CG  1 
ATOM   625  C  CD1 . PHE A 1 98  ? 2.208   -5.019  -3.886  1.00 12.30 ? 1389 PHE A CD1 1 
ATOM   626  C  CD2 . PHE A 1 98  ? 3.326   -2.929  -3.874  1.00 12.19 ? 1389 PHE A CD2 1 
ATOM   627  C  CE1 . PHE A 1 98  ? 0.999   -4.370  -4.142  1.00 13.23 ? 1389 PHE A CE1 1 
ATOM   628  C  CE2 . PHE A 1 98  ? 2.119   -2.282  -4.106  1.00 12.81 ? 1389 PHE A CE2 1 
ATOM   629  C  CZ  . PHE A 1 98  ? 0.967   -3.005  -4.248  1.00 12.52 ? 1389 PHE A CZ  1 
ATOM   630  N  N   . SER A 1 99  ? 6.884   -6.110  -1.368  1.00 11.29 ? 1390 SER A N   1 
ATOM   631  C  CA  . SER A 1 99  ? 8.229   -6.668  -1.111  1.00 11.40 ? 1390 SER A CA  1 
ATOM   632  C  C   . SER A 1 99  ? 8.106   -8.040  -0.427  1.00 11.08 ? 1390 SER A C   1 
ATOM   633  O  O   . SER A 1 99  ? 8.932   -8.967  -0.694  1.00 12.06 ? 1390 SER A O   1 
ATOM   634  C  CB  . SER A 1 99  ? 9.120   -5.725  -0.370  1.00 13.33 ? 1390 SER A CB  1 
ATOM   635  O  OG  . SER A 1 99  ? 8.642   -5.349  0.867   1.00 14.60 ? 1390 SER A OG  1 
ATOM   636  N  N   . ASN A 1 100 ? 7.142   -8.219  0.467   1.00 10.76 ? 1391 ASN A N   1 
ATOM   637  C  CA  . ASN A 1 100 ? 6.895   -9.539  1.076   1.00 11.49 ? 1391 ASN A CA  1 
ATOM   638  C  C   . ASN A 1 100 ? 6.578   -10.554 -0.011  1.00 12.28 ? 1391 ASN A C   1 
ATOM   639  O  O   . ASN A 1 100 ? 7.095   -11.717 0.039   1.00 12.41 ? 1391 ASN A O   1 
ATOM   640  C  CB  . ASN A 1 100 ? 5.847   -9.481  2.156   1.00 12.11 ? 1391 ASN A CB  1 
ATOM   641  C  CG  . ASN A 1 100 ? 6.258   -8.785  3.431   1.00 12.24 ? 1391 ASN A CG  1 
ATOM   642  O  OD1 . ASN A 1 100 ? 7.445   -8.553  3.673   1.00 12.94 ? 1391 ASN A OD1 1 
ATOM   643  N  ND2 . ASN A 1 100 ? 5.285   -8.539  4.269   1.00 12.79 ? 1391 ASN A ND2 1 
ATOM   644  N  N   . SER A 1 101 ? 5.680   -10.206 -0.941  1.00 11.24 ? 1392 SER A N   1 
ATOM   645  C  CA  . SER A 1 101 ? 5.309   -11.189 -1.990  1.00 11.88 ? 1392 SER A CA  1 
ATOM   646  C  C   . SER A 1 101 ? 6.566   -11.568 -2.795  1.00 11.55 ? 1392 SER A C   1 
ATOM   647  O  O   . SER A 1 101 ? 6.761   -12.762 -3.135  1.00 12.81 ? 1392 SER A O   1 
ATOM   648  C  CB  . SER A 1 101 ? 4.215   -10.612 -2.857  1.00 12.27 ? 1392 SER A CB  1 
ATOM   649  O  OG  . SER A 1 101 ? 3.871   -11.493 -3.927  1.00 13.71 ? 1392 SER A OG  1 
ATOM   650  N  N   . LYS A 1 102 ? 7.407   -10.609 -3.146  1.00 12.13 ? 1393 LYS A N   1 
ATOM   651  C  CA  . LYS A 1 102 ? 8.640   -10.897 -3.914  1.00 13.02 ? 1393 LYS A CA  1 
ATOM   652  C  C   . LYS A 1 102 ? 9.625   -11.760 -3.105  1.00 13.51 ? 1393 LYS A C   1 
ATOM   653  O  O   . LYS A 1 102 ? 10.246  -12.663 -3.709  1.00 14.44 ? 1393 LYS A O   1 
ATOM   654  C  CB  . LYS A 1 102 ? 9.280   -9.582  -4.295  1.00 13.26 ? 1393 LYS A CB  1 
ATOM   655  C  CG  . LYS A 1 102 ? 10.428  -9.728  -5.294  1.00 14.73 ? 1393 LYS A CG  1 
ATOM   656  C  CD  . LYS A 1 102 ? 10.954  -8.399  -5.715  1.00 15.56 ? 1393 LYS A CD  1 
ATOM   657  C  CE  . LYS A 1 102 ? 11.952  -8.559  -6.855  1.00 17.06 ? 1393 LYS A CE  1 
ATOM   658  N  NZ  . LYS A 1 102 ? 12.362  -7.276  -7.452  1.00 21.08 ? 1393 LYS A NZ  1 
ATOM   659  N  N   . ALA A 1 103 ? 9.734   -11.549 -1.822  1.00 13.20 ? 1394 ALA A N   1 
ATOM   660  C  CA  . ALA A 1 103 ? 10.670  -12.310 -0.966  1.00 14.13 ? 1394 ALA A CA  1 
ATOM   661  C  C   . ALA A 1 103 ? 10.147  -13.722 -0.766  1.00 14.50 ? 1394 ALA A C   1 
ATOM   662  O  O   . ALA A 1 103 ? 10.971  -14.671 -0.680  1.00 15.49 ? 1394 ALA A O   1 
ATOM   663  C  CB  . ALA A 1 103 ? 10.834  -11.587 0.348   1.00 14.42 ? 1394 ALA A CB  1 
ATOM   664  N  N   . TYR A 1 104 ? 8.832   -13.937 -0.704  1.00 12.68 ? 1395 TYR A N   1 
ATOM   665  C  CA  . TYR A 1 104 ? 8.279   -15.277 -0.408  1.00 13.82 ? 1395 TYR A CA  1 
ATOM   666  C  C   . TYR A 1 104 ? 8.093   -16.102 -1.670  1.00 13.23 ? 1395 TYR A C   1 
ATOM   667  O  O   . TYR A 1 104 ? 7.998   -17.345 -1.609  1.00 13.66 ? 1395 TYR A O   1 
ATOM   668  C  CB  . TYR A 1 104 ? 6.963   -15.211 0.369   1.00 14.64 ? 1395 TYR A CB  1 
ATOM   669  C  CG  . TYR A 1 104 ? 6.558   -16.548 0.930   1.00 14.86 ? 1395 TYR A CG  1 
ATOM   670  C  CD1 . TYR A 1 104 ? 7.289   -17.178 1.924   1.00 16.51 ? 1395 TYR A CD1 1 
ATOM   671  C  CD2 . TYR A 1 104 ? 5.458   -17.189 0.396   1.00 17.65 ? 1395 TYR A CD2 1 
ATOM   672  C  CE1 . TYR A 1 104 ? 6.929   -18.456 2.356   1.00 16.87 ? 1395 TYR A CE1 1 
ATOM   673  C  CE2 . TYR A 1 104 ? 5.076   -18.434 0.832   1.00 19.27 ? 1395 TYR A CE2 1 
ATOM   674  C  CZ  . TYR A 1 104 ? 5.824   -19.059 1.791   1.00 17.94 ? 1395 TYR A CZ  1 
ATOM   675  O  OH  . TYR A 1 104 ? 5.366   -20.318 2.138   1.00 22.80 ? 1395 TYR A OH  1 
ATOM   676  N  N   . THR A 1 105 ? 8.060   -15.496 -2.832  1.00 13.72 ? 1396 THR A N   1 
ATOM   677  C  CA  . THR A 1 105 ? 7.733   -16.251 -4.051  1.00 13.56 ? 1396 THR A CA  1 
ATOM   678  C  C   . THR A 1 105 ? 8.845   -17.265 -4.360  1.00 15.51 ? 1396 THR A C   1 
ATOM   679  O  O   . THR A 1 105 ? 10.044  -16.937 -4.265  1.00 15.28 ? 1396 THR A O   1 
ATOM   680  C  CB  . THR A 1 105 ? 7.473   -15.360 -5.268  1.00 13.31 ? 1396 THR A CB  1 
ATOM   681  O  OG1 . THR A 1 105 ? 6.853   -16.182 -6.254  1.00 13.85 ? 1396 THR A OG1 1 
ATOM   682  C  CG2 . THR A 1 105 ? 8.679   -14.690 -5.878  1.00 13.58 ? 1396 THR A CG2 1 
ATOM   683  N  N   . PRO A 1 106 ? 8.522   -18.504 -4.787  1.00 15.85 ? 1397 PRO A N   1 
ATOM   684  C  CA  . PRO A 1 106 ? 9.565   -19.463 -5.172  1.00 16.40 ? 1397 PRO A CA  1 
ATOM   685  C  C   . PRO A 1 106 ? 10.080  -19.187 -6.580  1.00 17.60 ? 1397 PRO A C   1 
ATOM   686  O  O   . PRO A 1 106 ? 11.112  -19.711 -6.994  1.00 17.16 ? 1397 PRO A O   1 
ATOM   687  C  CB  . PRO A 1 106 ? 8.874   -20.830 -5.062  1.00 18.86 ? 1397 PRO A CB  1 
ATOM   688  C  CG  . PRO A 1 106 ? 7.379   -20.534 -5.279  1.00 19.64 ? 1397 PRO A CG  1 
ATOM   689  C  CD  . PRO A 1 106 ? 7.177   -19.115 -4.772  1.00 16.55 ? 1397 PRO A CD  1 
ATOM   690  N  N   . SER A 1 107 ? 9.323   -18.432 -7.372  1.00 14.65 ? 1398 SER A N   1 
ATOM   691  C  CA  . SER A 1 107 ? 9.618   -18.134 -8.785  1.00 15.39 ? 1398 SER A CA  1 
ATOM   692  C  C   . SER A 1 107 ? 9.074   -16.756 -9.178  1.00 16.11 ? 1398 SER A C   1 
ATOM   693  O  O   . SER A 1 107 ? 7.997   -16.328 -8.718  1.00 14.68 ? 1398 SER A O   1 
ATOM   694  C  CB  . SER A 1 107 ? 8.945   -19.178 -9.655  1.00 16.78 ? 1398 SER A CB  1 
ATOM   695  O  OG  . SER A 1 107 ? 9.020   -18.784 -10.978 1.00 20.60 ? 1398 SER A OG  1 
ATOM   696  N  N   . LYS A 1 108 ? 9.784   -16.066 -10.067 1.00 17.93 ? 1399 LYS A N   1 
ATOM   697  C  CA  . LYS A 1 108 ? 9.352   -14.742 -10.571 1.00 20.08 ? 1399 LYS A CA  1 
ATOM   698  C  C   . LYS A 1 108 ? 8.151   -14.937 -11.499 1.00 19.89 ? 1399 LYS A C   1 
ATOM   699  O  O   . LYS A 1 108 ? 7.523   -13.922 -11.830 1.00 20.77 ? 1399 LYS A O   1 
ATOM   700  C  CB  . LYS A 1 108 ? 10.531  -14.004 -11.207 1.00 23.60 ? 1399 LYS A CB  1 
ATOM   701  C  CG  . LYS A 1 108 ? 11.625  -13.649 -10.208 1.00 26.22 ? 1399 LYS A CG  1 
ATOM   702  C  CD  . LYS A 1 108 ? 12.335  -12.342 -10.477 1.00 29.22 ? 1399 LYS A CD  1 
ATOM   703  C  CE  . LYS A 1 108 ? 13.169  -11.897 -9.299  1.00 30.41 ? 1399 LYS A CE  1 
ATOM   704  N  NZ  . LYS A 1 108 ? 14.076  -10.786 -9.668  1.00 31.93 ? 1399 LYS A NZ  1 
ATOM   705  N  N   . ARG A 1 109 ? 7.832   -16.184 -11.881 1.00 19.64 ? 1400 ARG A N   1 
ATOM   706  C  CA  . ARG A 1 109 ? 6.699   -16.511 -12.790 1.00 21.78 ? 1400 ARG A CA  1 
ATOM   707  C  C   . ARG A 1 109 ? 5.442   -16.877 -11.989 1.00 20.16 ? 1400 ARG A C   1 
ATOM   708  O  O   . ARG A 1 109 ? 4.375   -16.917 -12.634 1.00 20.99 ? 1400 ARG A O   1 
ATOM   709  C  CB  . ARG A 1 109 ? 7.146   -17.599 -13.774 1.00 25.24 ? 1400 ARG A CB  1 
ATOM   710  C  CG  . ARG A 1 109 ? 8.256   -17.118 -14.701 1.00 27.41 ? 1400 ARG A CG  1 
ATOM   711  C  CD  . ARG A 1 109 ? 8.785   -18.177 -15.652 1.00 31.45 ? 1400 ARG A CD  1 
ATOM   712  N  NE  . ARG A 1 109 ? 7.766   -18.554 -16.617 1.00 33.83 ? 1400 ARG A NE  1 
ATOM   713  C  CZ  . ARG A 1 109 ? 7.126   -19.723 -16.650 1.00 35.53 ? 1400 ARG A CZ  1 
ATOM   714  N  NH1 . ARG A 1 109 ? 7.397   -20.673 -15.770 1.00 40.04 ? 1400 ARG A NH1 1 
ATOM   715  N  NH2 . ARG A 1 109 ? 6.207   -19.936 -17.578 1.00 38.11 ? 1400 ARG A NH2 1 
ATOM   716  N  N   . SER A 1 110 ? 5.544   -17.084 -10.664 1.00 17.71 ? 1401 SER A N   1 
ATOM   717  C  CA  . SER A 1 110 ? 4.445   -17.583 -9.807  1.00 15.90 ? 1401 SER A CA  1 
ATOM   718  C  C   . SER A 1 110 ? 3.190   -16.710 -9.939  1.00 14.64 ? 1401 SER A C   1 
ATOM   719  O  O   . SER A 1 110 ? 3.303   -15.495 -10.121 1.00 14.87 ? 1401 SER A O   1 
ATOM   720  C  CB  . SER A 1 110 ? 4.825   -17.701 -8.380  1.00 14.90 ? 1401 SER A CB  1 
ATOM   721  O  OG  . SER A 1 110 ? 5.905   -18.638 -8.148  1.00 18.16 ? 1401 SER A OG  1 
ATOM   722  N  N   . ARG A 1 111 ? 2.002   -17.308 -9.791  1.00 14.19 ? 1402 ARG A N   1 
ATOM   723  C  CA  . ARG A 1 111 ? 0.704   -16.595 -9.952  1.00 14.20 ? 1402 ARG A CA  1 
ATOM   724  C  C   . ARG A 1 111 ? 0.632   -15.415 -8.972  1.00 12.04 ? 1402 ARG A C   1 
ATOM   725  O  O   . ARG A 1 111 ? 0.282   -14.289 -9.398  1.00 12.80 ? 1402 ARG A O   1 
ATOM   726  C  CB  . ARG A 1 111 ? -0.474  -17.556 -9.697  1.00 14.59 ? 1402 ARG A CB  1 
ATOM   727  C  CG  . ARG A 1 111 ? -1.836  -16.932 -9.921  1.00 15.11 ? 1402 ARG A CG  1 
ATOM   728  C  CD  . ARG A 1 111 ? -2.094  -16.740 -11.405 1.00 17.08 ? 1402 ARG A CD  1 
ATOM   729  N  NE  . ARG A 1 111 ? -3.092  -15.775 -11.856 1.00 20.88 ? 1402 ARG A NE  1 
ATOM   730  C  CZ  . ARG A 1 111 ? -4.395  -15.973 -11.857 1.00 24.19 ? 1402 ARG A CZ  1 
ATOM   731  N  NH1 . ARG A 1 111 ? -4.897  -17.137 -11.494 1.00 21.24 ? 1402 ARG A NH1 1 
ATOM   732  N  NH2 . ARG A 1 111 ? -5.197  -15.019 -12.319 1.00 29.16 ? 1402 ARG A NH2 1 
ATOM   733  N  N   . ILE A 1 112 ? 0.753   -15.695 -7.716  1.00 12.23 ? 1403 ILE A N   1 
ATOM   734  C  CA  . ILE A 1 112 ? 0.534   -14.636 -6.671  1.00 12.63 ? 1403 ILE A CA  1 
ATOM   735  C  C   . ILE A 1 112 ? 1.507   -13.473 -6.876  1.00 12.76 ? 1403 ILE A C   1 
ATOM   736  O  O   . ILE A 1 112 ? 1.097   -12.296 -6.890  1.00 11.94 ? 1403 ILE A O   1 
ATOM   737  C  CB  . ILE A 1 112 ? 0.515   -15.223 -5.250  1.00 13.36 ? 1403 ILE A CB  1 
ATOM   738  C  CG1 . ILE A 1 112 ? -0.703  -16.142 -5.093  1.00 14.85 ? 1403 ILE A CG1 1 
ATOM   739  C  CG2 . ILE A 1 112 ? 0.543   -14.092 -4.213  1.00 14.39 ? 1403 ILE A CG2 1 
ATOM   740  C  CD1 . ILE A 1 112 ? -0.700  -16.960 -3.797  1.00 17.02 ? 1403 ILE A CD1 1 
ATOM   741  N  N   . TYR A 1 113 ? 2.799   -13.731 -7.062  1.00 11.93 ? 1404 TYR A N   1 
ATOM   742  C  CA  . TYR A 1 113 ? 3.790   -12.684 -7.345  1.00 12.18 ? 1404 TYR A CA  1 
ATOM   743  C  C   . TYR A 1 113 ? 3.409   -11.903 -8.591  1.00 11.73 ? 1404 TYR A C   1 
ATOM   744  O  O   . TYR A 1 113 ? 3.505   -10.697 -8.616  1.00 11.78 ? 1404 TYR A O   1 
ATOM   745  C  CB  . TYR A 1 113 ? 5.190   -13.283 -7.412  1.00 13.67 ? 1404 TYR A CB  1 
ATOM   746  C  CG  . TYR A 1 113 ? 6.239   -12.273 -7.809  1.00 12.46 ? 1404 TYR A CG  1 
ATOM   747  C  CD1 . TYR A 1 113 ? 6.542   -11.205 -6.984  1.00 13.42 ? 1404 TYR A CD1 1 
ATOM   748  C  CD2 . TYR A 1 113 ? 6.949   -12.393 -9.007  1.00 13.28 ? 1404 TYR A CD2 1 
ATOM   749  C  CE1 . TYR A 1 113 ? 7.531   -10.281 -7.339  1.00 13.32 ? 1404 TYR A CE1 1 
ATOM   750  C  CE2 . TYR A 1 113 ? 7.939   -11.485 -9.364  1.00 15.74 ? 1404 TYR A CE2 1 
ATOM   751  C  CZ  . TYR A 1 113 ? 8.230   -10.422 -8.524  1.00 13.57 ? 1404 TYR A CZ  1 
ATOM   752  O  OH  . TYR A 1 113 ? 9.209   -9.523  -8.908  1.00 16.84 ? 1404 TYR A OH  1 
ATOM   753  N  N   A SER A 1 114 ? 2.958   -12.603 -9.636  0.30 12.57 ? 1405 SER A N   1 
ATOM   754  N  N   B SER A 1 114 ? 2.970   -12.600 -9.637  0.29 12.72 ? 1405 SER A N   1 
ATOM   755  C  CA  A SER A 1 114 ? 2.574   -11.946 -10.909 0.30 13.36 ? 1405 SER A CA  1 
ATOM   756  C  CA  B SER A 1 114 ? 2.601   -11.931 -10.904 0.29 13.55 ? 1405 SER A CA  1 
ATOM   757  C  C   A SER A 1 114 ? 1.449   -10.926 -10.637 0.30 12.62 ? 1405 SER A C   1 
ATOM   758  C  C   B SER A 1 114 ? 1.456   -10.924 -10.636 0.29 12.67 ? 1405 SER A C   1 
ATOM   759  O  O   A SER A 1 114 ? 1.488   -9.797  -11.152 0.30 12.41 ? 1405 SER A O   1 
ATOM   760  O  O   B SER A 1 114 ? 1.504   -9.784  -11.131 0.29 12.21 ? 1405 SER A O   1 
ATOM   761  C  CB  A SER A 1 114 ? 2.210   -12.950 -11.997 0.30 14.44 ? 1405 SER A CB  1 
ATOM   762  C  CB  B SER A 1 114 ? 2.289   -12.941 -11.993 0.29 14.86 ? 1405 SER A CB  1 
ATOM   763  O  OG  A SER A 1 114 ? 0.904   -13.491 -11.819 0.30 14.71 ? 1405 SER A OG  1 
ATOM   764  O  OG  B SER A 1 114 ? 3.403   -13.810 -12.213 0.29 15.70 ? 1405 SER A OG  1 
ATOM   765  N  N   . MET A 1 115 ? 0.462   -11.305 -9.837  1.00 12.59 ? 1406 MET A N   1 
ATOM   766  C  CA  . MET A 1 115 ? -0.677  -10.424 -9.447  1.00 12.77 ? 1406 MET A CA  1 
ATOM   767  C  C   . MET A 1 115 ? -0.119  -9.211  -8.678  1.00 11.73 ? 1406 MET A C   1 
ATOM   768  O  O   . MET A 1 115 ? -0.523  -8.077  -8.907  1.00 11.89 ? 1406 MET A O   1 
ATOM   769  C  CB  . MET A 1 115 ? -1.678  -11.204 -8.614  1.00 12.75 ? 1406 MET A CB  1 
ATOM   770  C  CG  . MET A 1 115 ? -2.418  -12.257 -9.409  1.00 13.43 ? 1406 MET A CG  1 
ATOM   771  S  SD  . MET A 1 115 ? -3.275  -13.482 -8.407  1.00 16.58 ? 1406 MET A SD  1 
ATOM   772  C  CE  . MET A 1 115 ? -4.697  -12.576 -8.013  1.00 15.86 ? 1406 MET A CE  1 
ATOM   773  N  N   . SER A 1 116 ? 0.848   -9.445  -7.786  1.00 11.86 ? 1407 SER A N   1 
ATOM   774  C  CA  . SER A 1 116 ? 1.457   -8.363  -6.966  1.00 11.75 ? 1407 SER A CA  1 
ATOM   775  C  C   . SER A 1 116 ? 2.069   -7.275  -7.868  1.00 11.24 ? 1407 SER A C   1 
ATOM   776  O  O   . SER A 1 116 ? 1.966   -6.098  -7.516  1.00 11.99 ? 1407 SER A O   1 
ATOM   777  C  CB  . SER A 1 116 ? 2.464   -8.912  -5.942  1.00 12.61 ? 1407 SER A CB  1 
ATOM   778  O  OG  . SER A 1 116 ? 3.764   -9.109  -6.480  1.00 12.66 ? 1407 SER A OG  1 
ATOM   779  N  N   . LEU A 1 117 ? 2.686   -7.630  -8.995  1.00 12.06 ? 1408 LEU A N   1 
ATOM   780  C  CA  . LEU A 1 117 ? 3.373   -6.627  -9.846  1.00 12.43 ? 1408 LEU A CA  1 
ATOM   781  C  C   . LEU A 1 117 ? 2.336   -5.760  -10.563 1.00 12.45 ? 1408 LEU A C   1 
ATOM   782  O  O   . LEU A 1 117 ? 2.560   -4.546  -10.744 1.00 12.14 ? 1408 LEU A O   1 
ATOM   783  C  CB  . LEU A 1 117 ? 4.342   -7.294  -10.826 1.00 12.92 ? 1408 LEU A CB  1 
ATOM   784  C  CG  . LEU A 1 117 ? 5.381   -8.233  -10.200 1.00 13.73 ? 1408 LEU A CG  1 
ATOM   785  C  CD1 . LEU A 1 117 ? 6.166   -8.990  -11.272 1.00 14.96 ? 1408 LEU A CD1 1 
ATOM   786  C  CD2 . LEU A 1 117 ? 6.325   -7.498  -9.257  1.00 14.41 ? 1408 LEU A CD2 1 
ATOM   787  N  N   . ARG A 1 118 ? 1.199   -6.335  -10.965 1.00 12.42 ? 1409 ARG A N   1 
ATOM   788  C  CA  . ARG A 1 118 ? 0.110   -5.529  -11.579 1.00 13.33 ? 1409 ARG A CA  1 
ATOM   789  C  C   . ARG A 1 118 ? -0.458  -4.559  -10.528 1.00 12.84 ? 1409 ARG A C   1 
ATOM   790  O  O   . ARG A 1 118 ? -0.662  -3.366  -10.843 1.00 13.02 ? 1409 ARG A O   1 
ATOM   791  C  CB  . ARG A 1 118 ? -0.963  -6.436  -12.199 1.00 13.59 ? 1409 ARG A CB  1 
ATOM   792  C  CG  . ARG A 1 118 ? -0.515  -7.193  -13.450 1.00 14.18 ? 1409 ARG A CG  1 
ATOM   793  C  CD  . ARG A 1 118 ? -1.669  -7.905  -14.148 1.00 14.49 ? 1409 ARG A CD  1 
ATOM   794  N  NE  . ARG A 1 118 ? -2.211  -8.972  -13.337 1.00 15.32 ? 1409 ARG A NE  1 
ATOM   795  C  CZ  . ARG A 1 118 ? -1.845  -10.248 -13.373 1.00 15.56 ? 1409 ARG A CZ  1 
ATOM   796  N  NH1 . ARG A 1 118 ? -0.913  -10.666 -14.211 1.00 16.10 ? 1409 ARG A NH1 1 
ATOM   797  N  NH2 . ARG A 1 118 ? -2.409  -11.097 -12.535 1.00 15.97 ? 1409 ARG A NH2 1 
ATOM   798  N  N   . LEU A 1 119 ? -0.700  -5.030  -9.304  1.00 14.18 ? 1410 LEU A N   1 
ATOM   799  C  CA  . LEU A 1 119 ? -1.230  -4.150  -8.238  1.00 15.60 ? 1410 LEU A CA  1 
ATOM   800  C  C   . LEU A 1 119 ? -0.239  -3.010  -7.999  1.00 13.97 ? 1410 LEU A C   1 
ATOM   801  O  O   . LEU A 1 119 ? -0.679  -1.853  -7.870  1.00 13.88 ? 1410 LEU A O   1 
ATOM   802  C  CB  . LEU A 1 119 ? -1.414  -4.920  -6.933  1.00 17.80 ? 1410 LEU A CB  1 
ATOM   803  C  CG  . LEU A 1 119 ? -2.577  -5.898  -6.846  1.00 20.34 ? 1410 LEU A CG  1 
ATOM   804  C  CD1 . LEU A 1 119 ? -2.544  -6.557  -5.478  1.00 21.26 ? 1410 LEU A CD1 1 
ATOM   805  C  CD2 . LEU A 1 119 ? -3.917  -5.201  -7.073  1.00 20.22 ? 1410 LEU A CD2 1 
ATOM   806  N  N   . SER A 1 120 ? 1.053   -3.330  -7.924  1.00 12.76 ? 1411 SER A N   1 
ATOM   807  C  CA  . SER A 1 120 ? 2.120   -2.337  -7.653  1.00 13.51 ? 1411 SER A CA  1 
ATOM   808  C  C   . SER A 1 120 ? 2.115   -1.241  -8.724  1.00 13.25 ? 1411 SER A C   1 
ATOM   809  O  O   . SER A 1 120 ? 2.165   -0.055  -8.349  1.00 13.15 ? 1411 SER A O   1 
ATOM   810  C  CB  . SER A 1 120 ? 3.456   -3.006  -7.561  1.00 13.37 ? 1411 SER A CB  1 
ATOM   811  O  OG  . SER A 1 120 ? 4.520   -2.051  -7.495  1.00 13.94 ? 1411 SER A OG  1 
ATOM   812  N  N   . ALA A 1 121 ? 2.065   -1.585  -10.016 1.00 11.73 ? 1412 ALA A N   1 
ATOM   813  C  CA  . ALA A 1 121 ? 2.070   -0.548  -11.074 1.00 12.27 ? 1412 ALA A CA  1 
ATOM   814  C  C   . ALA A 1 121 ? 0.822   0.327   -10.923 1.00 11.96 ? 1412 ALA A C   1 
ATOM   815  O  O   . ALA A 1 121 ? 0.925   1.565   -11.035 1.00 13.16 ? 1412 ALA A O   1 
ATOM   816  C  CB  . ALA A 1 121 ? 2.168   -1.154  -12.459 1.00 12.58 ? 1412 ALA A CB  1 
ATOM   817  N  N   . PHE A 1 122 ? -0.359  -0.261  -10.717 1.00 11.90 ? 1413 PHE A N   1 
ATOM   818  C  CA  . PHE A 1 122 ? -1.589  0.536   -10.506 1.00 11.69 ? 1413 PHE A CA  1 
ATOM   819  C  C   . PHE A 1 122 ? -1.396  1.461   -9.298  1.00 11.69 ? 1413 PHE A C   1 
ATOM   820  O  O   . PHE A 1 122 ? -1.751  2.646   -9.355  1.00 11.98 ? 1413 PHE A O   1 
ATOM   821  C  CB  . PHE A 1 122 ? -2.790  -0.383  -10.325 1.00 11.96 ? 1413 PHE A CB  1 
ATOM   822  C  CG  . PHE A 1 122 ? -4.077  0.350   -10.074 1.00 12.18 ? 1413 PHE A CG  1 
ATOM   823  C  CD1 . PHE A 1 122 ? -4.779  0.963   -11.107 1.00 12.48 ? 1413 PHE A CD1 1 
ATOM   824  C  CD2 . PHE A 1 122 ? -4.551  0.499   -8.784  1.00 13.36 ? 1413 PHE A CD2 1 
ATOM   825  C  CE1 . PHE A 1 122 ? -5.952  1.657   -10.855 1.00 13.28 ? 1413 PHE A CE1 1 
ATOM   826  C  CE2 . PHE A 1 122 ? -5.741  1.171   -8.543  1.00 14.20 ? 1413 PHE A CE2 1 
ATOM   827  C  CZ  . PHE A 1 122 ? -6.432  1.759   -9.576  1.00 14.86 ? 1413 PHE A CZ  1 
ATOM   828  N  N   . PHE A 1 123 ? -0.886  0.922   -8.188  1.00 12.02 ? 1414 PHE A N   1 
ATOM   829  C  CA  . PHE A 1 123 ? -0.700  1.691   -6.945  1.00 11.87 ? 1414 PHE A CA  1 
ATOM   830  C  C   . PHE A 1 123 ? 0.268   2.845   -7.211  1.00 11.62 ? 1414 PHE A C   1 
ATOM   831  O  O   . PHE A 1 123 ? -0.035  3.996   -6.872  1.00 11.15 ? 1414 PHE A O   1 
ATOM   832  C  CB  . PHE A 1 123 ? -0.201  0.806   -5.801  1.00 11.91 ? 1414 PHE A CB  1 
ATOM   833  C  CG  . PHE A 1 123 ? 0.121   1.600   -4.558  1.00 12.70 ? 1414 PHE A CG  1 
ATOM   834  C  CD1 . PHE A 1 123 ? -0.884  2.180   -3.806  1.00 12.68 ? 1414 PHE A CD1 1 
ATOM   835  C  CD2 . PHE A 1 123 ? 1.447   1.848   -4.211  1.00 12.13 ? 1414 PHE A CD2 1 
ATOM   836  C  CE1 . PHE A 1 123 ? -0.563  2.938   -2.684  1.00 12.09 ? 1414 PHE A CE1 1 
ATOM   837  C  CE2 . PHE A 1 123 ? 1.759   2.603   -3.093  1.00 13.13 ? 1414 PHE A CE2 1 
ATOM   838  C  CZ  . PHE A 1 123 ? 0.756   3.160   -2.350  1.00 12.40 ? 1414 PHE A CZ  1 
ATOM   839  N  N   . GLU A 1 124 ? 1.427   2.551   -7.793  1.00 11.78 ? 1415 GLU A N   1 
ATOM   840  C  CA  . GLU A 1 124 ? 2.462   3.582   -8.044  1.00 13.71 ? 1415 GLU A CA  1 
ATOM   841  C  C   . GLU A 1 124 ? 1.887   4.649   -8.980  1.00 13.88 ? 1415 GLU A C   1 
ATOM   842  O  O   . GLU A 1 124 ? 2.147   5.832   -8.773  1.00 15.28 ? 1415 GLU A O   1 
ATOM   843  C  CB  . GLU A 1 124 ? 3.733   2.928   -8.596  1.00 13.91 ? 1415 GLU A CB  1 
ATOM   844  C  CG  . GLU A 1 124 ? 4.439   2.023   -7.585  1.00 14.26 ? 1415 GLU A CG  1 
ATOM   845  C  CD  . GLU A 1 124 ? 5.002   2.701   -6.338  1.00 15.02 ? 1415 GLU A CD  1 
ATOM   846  O  OE1 . GLU A 1 124 ? 5.367   3.890   -6.425  1.00 14.44 ? 1415 GLU A OE1 1 
ATOM   847  O  OE2 . GLU A 1 124 ? 5.099   2.011   -5.283  1.00 14.96 ? 1415 GLU A OE2 1 
ATOM   848  N  N   . GLU A 1 125 ? 1.097   4.237   -9.967  1.00 13.37 ? 1416 GLU A N   1 
ATOM   849  C  CA  . GLU A 1 125 ? 0.469   5.175   -10.928 1.00 14.23 ? 1416 GLU A CA  1 
ATOM   850  C  C   . GLU A 1 125 ? -0.383  6.204   -10.187 1.00 13.52 ? 1416 GLU A C   1 
ATOM   851  O  O   . GLU A 1 125 ? -0.272  7.394   -10.511 1.00 14.99 ? 1416 GLU A O   1 
ATOM   852  C  CB  . GLU A 1 125 ? -0.413  4.383   -11.883 1.00 13.07 ? 1416 GLU A CB  1 
ATOM   853  C  CG  . GLU A 1 125 ? -1.054  5.189   -12.994 1.00 13.99 ? 1416 GLU A CG  1 
ATOM   854  C  CD  . GLU A 1 125 ? -1.636  4.270   -14.058 1.00 13.72 ? 1416 GLU A CD  1 
ATOM   855  O  OE1 . GLU A 1 125 ? -0.839  3.600   -14.762 1.00 14.10 ? 1416 GLU A OE1 1 
ATOM   856  O  OE2 . GLU A 1 125 ? -2.880  4.159   -14.137 1.00 15.24 ? 1416 GLU A OE2 1 
ATOM   857  N  N   . HIS A 1 126 ? -1.198  5.785   -9.222  1.00 13.55 ? 1417 HIS A N   1 
ATOM   858  C  CA  . HIS A 1 126 ? -2.216  6.650   -8.564  1.00 14.45 ? 1417 HIS A CA  1 
ATOM   859  C  C   . HIS A 1 126 ? -1.684  7.322   -7.298  1.00 13.95 ? 1417 HIS A C   1 
ATOM   860  O  O   . HIS A 1 126 ? -2.087  8.468   -7.016  1.00 14.31 ? 1417 HIS A O   1 
ATOM   861  C  CB  . HIS A 1 126 ? -3.499  5.855   -8.306  1.00 15.16 ? 1417 HIS A CB  1 
ATOM   862  C  CG  . HIS A 1 126 ? -4.252  5.655   -9.570  1.00 16.16 ? 1417 HIS A CG  1 
ATOM   863  N  ND1 . HIS A 1 126 ? -4.049  4.576   -10.390 1.00 17.54 ? 1417 HIS A ND1 1 
ATOM   864  C  CD2 . HIS A 1 126 ? -5.100  6.474   -10.216 1.00 17.51 ? 1417 HIS A CD2 1 
ATOM   865  C  CE1 . HIS A 1 126 ? -4.811  4.709   -11.463 1.00 15.49 ? 1417 HIS A CE1 1 
ATOM   866  N  NE2 . HIS A 1 126 ? -5.460  5.845   -11.380 1.00 17.85 ? 1417 HIS A NE2 1 
ATOM   867  N  N   . ILE A 1 127 ? -0.794  6.663   -6.562  1.00 13.04 ? 1418 ILE A N   1 
ATOM   868  C  CA  . ILE A 1 127 ? -0.267  7.306   -5.322  1.00 13.14 ? 1418 ILE A CA  1 
ATOM   869  C  C   . ILE A 1 127 ? 0.616   8.526   -5.607  1.00 13.78 ? 1418 ILE A C   1 
ATOM   870  O  O   . ILE A 1 127 ? 0.759   9.418   -4.764  1.00 12.99 ? 1418 ILE A O   1 
ATOM   871  C  CB  . ILE A 1 127 ? 0.454   6.297   -4.416  1.00 13.86 ? 1418 ILE A CB  1 
ATOM   872  C  CG1 . ILE A 1 127 ? 0.439   6.694   -2.920  1.00 14.36 ? 1418 ILE A CG1 1 
ATOM   873  C  CG2 . ILE A 1 127 ? 1.869   6.041   -4.871  1.00 14.14 ? 1418 ILE A CG2 1 
ATOM   874  C  CD1 . ILE A 1 127 ? -0.878  6.811   -2.289  1.00 16.58 ? 1418 ILE A CD1 1 
ATOM   875  N  N   A SER A 1 128 ? 1.214   8.602   -6.791  0.30 13.31 ? 1419 SER A N   1 
ATOM   876  N  N   B SER A 1 128 ? 1.216   8.567   -6.795  0.29 13.73 ? 1419 SER A N   1 
ATOM   877  C  CA  A SER A 1 128 ? 2.199   9.664   -7.122  0.30 13.79 ? 1419 SER A CA  1 
ATOM   878  C  CA  B SER A 1 128 ? 2.135   9.644   -7.246  0.29 14.71 ? 1419 SER A CA  1 
ATOM   879  C  C   A SER A 1 128 ? 1.587   11.079  -6.986  0.30 13.25 ? 1419 SER A C   1 
ATOM   880  C  C   B SER A 1 128 ? 1.568   11.044  -6.958  0.29 14.44 ? 1419 SER A C   1 
ATOM   881  O  O   A SER A 1 128 ? 2.293   11.976  -6.466  0.30 11.91 ? 1419 SER A O   1 
ATOM   882  O  O   B SER A 1 128 ? 2.311   11.892  -6.357  0.29 16.60 ? 1419 SER A O   1 
ATOM   883  C  CB  A SER A 1 128 ? 2.786   9.415   -8.495  0.30 14.73 ? 1419 SER A CB  1 
ATOM   884  C  CB  B SER A 1 128 ? 2.425   9.496   -8.723  0.29 15.03 ? 1419 SER A CB  1 
ATOM   885  O  OG  A SER A 1 128 ? 1.758   9.348   -9.457  0.30 17.06 ? 1419 SER A OG  1 
ATOM   886  O  OG  B SER A 1 128 ? 3.265   10.560  -9.162  0.29 18.26 ? 1419 SER A OG  1 
ATOM   887  N  N   . SER A 1 129 ? 0.332   11.290  -7.383  1.00 13.32 ? 1420 SER A N   1 
ATOM   888  C  CA  . SER A 1 129 ? -0.316  12.622  -7.257  1.00 15.11 ? 1420 SER A CA  1 
ATOM   889  C  C   . SER A 1 129 ? -0.628  12.880  -5.778  1.00 14.34 ? 1420 SER A C   1 
ATOM   890  O  O   . SER A 1 129 ? -0.589  14.039  -5.354  1.00 14.39 ? 1420 SER A O   1 
ATOM   891  C  CB  . SER A 1 129 ? -1.538  12.783  -8.108  1.00 17.16 ? 1420 SER A CB  1 
ATOM   892  O  OG  . SER A 1 129 ? -2.542  11.829  -7.842  1.00 23.50 ? 1420 SER A OG  1 
ATOM   893  N  N   . VAL A 1 130 ? -1.069  11.833  -5.062  1.00 13.25 ? 1421 VAL A N   1 
ATOM   894  C  CA  . VAL A 1 130 ? -1.402  11.995  -3.613  1.00 12.75 ? 1421 VAL A CA  1 
ATOM   895  C  C   . VAL A 1 130 ? -0.159  12.479  -2.885  1.00 12.62 ? 1421 VAL A C   1 
ATOM   896  O  O   . VAL A 1 130 ? -0.206  13.463  -2.049  1.00 12.75 ? 1421 VAL A O   1 
ATOM   897  C  CB  . VAL A 1 130 ? -1.891  10.659  -3.055  1.00 12.49 ? 1421 VAL A CB  1 
ATOM   898  C  CG1 . VAL A 1 130 ? -2.204  10.799  -1.556  1.00 12.48 ? 1421 VAL A CG1 1 
ATOM   899  C  CG2 . VAL A 1 130 ? -3.115  10.212  -3.813  1.00 13.64 ? 1421 VAL A CG2 1 
ATOM   900  N  N   . LEU A 1 131 ? 0.980   11.841  -3.079  1.00 12.81 ? 1422 LEU A N   1 
ATOM   901  C  CA  . LEU A 1 131 ? 2.243   12.248  -2.425  1.00 13.92 ? 1422 LEU A CA  1 
ATOM   902  C  C   . LEU A 1 131 ? 2.646   13.642  -2.840  1.00 12.68 ? 1422 LEU A C   1 
ATOM   903  O  O   . LEU A 1 131 ? 3.010   14.458  -1.982  1.00 13.04 ? 1422 LEU A O   1 
ATOM   904  C  CB  . LEU A 1 131 ? 3.366   11.254  -2.772  1.00 14.22 ? 1422 LEU A CB  1 
ATOM   905  C  CG  . LEU A 1 131 ? 3.187   9.827   -2.228  1.00 14.35 ? 1422 LEU A CG  1 
ATOM   906  C  CD1 . LEU A 1 131 ? 4.183   8.864   -2.833  1.00 15.41 ? 1422 LEU A CD1 1 
ATOM   907  C  CD2 . LEU A 1 131 ? 3.281   9.804   -0.723  1.00 16.20 ? 1422 LEU A CD2 1 
ATOM   908  N  N   A SER A 1 132 ? 2.622   13.923  -4.145  0.30 12.69 ? 1423 SER A N   1 
ATOM   909  N  N   B SER A 1 132 ? 2.590   13.944  -4.135  0.29 14.00 ? 1423 SER A N   1 
ATOM   910  C  CA  A SER A 1 132 ? 3.044   15.247  -4.674  0.30 12.35 ? 1423 SER A CA  1 
ATOM   911  C  CA  B SER A 1 132 ? 3.054   15.258  -4.649  0.29 14.36 ? 1423 SER A CA  1 
ATOM   912  C  C   A SER A 1 132 ? 2.196   16.355  -4.039  0.30 12.78 ? 1423 SER A C   1 
ATOM   913  C  C   B SER A 1 132 ? 2.165   16.404  -4.136  0.29 13.26 ? 1423 SER A C   1 
ATOM   914  O  O   A SER A 1 132 ? 2.841   17.390  -3.546  0.30 14.48 ? 1423 SER A O   1 
ATOM   915  O  O   B SER A 1 132 ? 2.684   17.532  -3.885  0.29 10.55 ? 1423 SER A O   1 
ATOM   916  C  CB  A SER A 1 132 ? 2.993   15.317  -6.184  0.30 12.04 ? 1423 SER A CB  1 
ATOM   917  C  CB  B SER A 1 132 ? 3.119   15.256  -6.144  0.29 16.03 ? 1423 SER A CB  1 
ATOM   918  O  OG  A SER A 1 132 ? 3.970   14.468  -6.757  0.30 11.26 ? 1423 SER A OG  1 
ATOM   919  O  OG  B SER A 1 132 ? 3.834   16.385  -6.581  0.29 20.94 ? 1423 SER A OG  1 
ATOM   920  N  N   . ASP A 1 133 ? 0.856   16.176  -4.048  1.00 13.19 ? 1424 ASP A N   1 
ATOM   921  C  CA  . ASP A 1 133 ? -0.056  17.213  -3.521  1.00 13.29 ? 1424 ASP A CA  1 
ATOM   922  C  C   . ASP A 1 133 ? 0.201   17.424  -2.029  1.00 12.49 ? 1424 ASP A C   1 
ATOM   923  O  O   . ASP A 1 133 ? 0.205   18.569  -1.538  1.00 13.83 ? 1424 ASP A O   1 
ATOM   924  C  CB  . ASP A 1 133 ? -1.518  16.865  -3.801  1.00 15.04 ? 1424 ASP A CB  1 
ATOM   925  C  CG  . ASP A 1 133 ? -1.997  16.980  -5.231  1.00 20.20 ? 1424 ASP A CG  1 
ATOM   926  O  OD1 . ASP A 1 133 ? -1.197  17.368  -6.118  1.00 21.63 ? 1424 ASP A OD1 1 
ATOM   927  O  OD2 . ASP A 1 133 ? -3.169  16.701  -5.455  1.00 25.18 ? 1424 ASP A OD2 1 
ATOM   928  N  N   . TYR A 1 134 ? 0.383   16.357  -1.255  1.00 12.30 ? 1425 TYR A N   1 
ATOM   929  C  CA  . TYR A 1 134 ? 0.621   16.475  0.194   1.00 11.83 ? 1425 TYR A CA  1 
ATOM   930  C  C   . TYR A 1 134 ? 1.901   17.234  0.445   1.00 12.15 ? 1425 TYR A C   1 
ATOM   931  O  O   . TYR A 1 134 ? 1.959   18.183  1.281   1.00 13.26 ? 1425 TYR A O   1 
ATOM   932  C  CB  . TYR A 1 134 ? 0.670   15.086  0.864   1.00 11.98 ? 1425 TYR A CB  1 
ATOM   933  C  CG  . TYR A 1 134 ? 1.019   15.140  2.325   1.00 12.68 ? 1425 TYR A CG  1 
ATOM   934  C  CD1 . TYR A 1 134 ? 0.073   15.581  3.245   1.00 13.80 ? 1425 TYR A CD1 1 
ATOM   935  C  CD2 . TYR A 1 134 ? 2.314   14.925  2.749   1.00 14.50 ? 1425 TYR A CD2 1 
ATOM   936  C  CE1 . TYR A 1 134 ? 0.363   15.628  4.599   1.00 14.85 ? 1425 TYR A CE1 1 
ATOM   937  C  CE2 . TYR A 1 134 ? 2.612   14.973  4.085   1.00 14.80 ? 1425 TYR A CE2 1 
ATOM   938  C  CZ  . TYR A 1 134 ? 1.650   15.351  4.999   1.00 15.73 ? 1425 TYR A CZ  1 
ATOM   939  O  OH  . TYR A 1 134 ? 2.001   15.389  6.341   1.00 20.25 ? 1425 TYR A OH  1 
ATOM   940  N  N   . LYS A 1 135 ? 2.993   16.857  -0.250  1.00 12.21 ? 1426 LYS A N   1 
ATOM   941  C  CA  . LYS A 1 135 ? 4.281   17.481  0.031   1.00 12.33 ? 1426 LYS A CA  1 
ATOM   942  C  C   . LYS A 1 135 ? 4.223   18.961  -0.394  1.00 12.50 ? 1426 LYS A C   1 
ATOM   943  O  O   . LYS A 1 135 ? 4.803   19.807  0.296   1.00 12.41 ? 1426 LYS A O   1 
ATOM   944  C  CB  . LYS A 1 135 ? 5.434   16.736  -0.650  1.00 14.59 ? 1426 LYS A CB  1 
ATOM   945  C  CG  . LYS A 1 135 ? 5.556   15.307  -0.133  1.00 15.92 ? 1426 LYS A CG  1 
ATOM   946  C  CD  . LYS A 1 135 ? 6.670   14.550  -0.891  1.00 16.48 ? 1426 LYS A CD  1 
ATOM   947  C  CE  . LYS A 1 135 ? 6.858   13.131  -0.390  1.00 21.48 ? 1426 LYS A CE  1 
ATOM   948  N  NZ  . LYS A 1 135 ? 8.121   12.536  -0.917  1.00 27.42 ? 1426 LYS A NZ  1 
ATOM   949  N  N   A SER A 1 136 ? 3.558   19.264  -1.500  0.30 11.81 ? 1427 SER A N   1 
ATOM   950  N  N   B SER A 1 136 ? 3.532   19.289  -1.475  0.29 12.89 ? 1427 SER A N   1 
ATOM   951  C  CA  A SER A 1 136 ? 3.320   20.668  -1.944  0.30 11.83 ? 1427 SER A CA  1 
ATOM   952  C  CA  B SER A 1 136 ? 3.401   20.713  -1.899  0.29 13.46 ? 1427 SER A CA  1 
ATOM   953  C  C   A SER A 1 136 ? 2.565   21.453  -0.865  0.30 12.56 ? 1427 SER A C   1 
ATOM   954  C  C   B SER A 1 136 ? 2.513   21.494  -0.919  0.29 13.42 ? 1427 SER A C   1 
ATOM   955  O  O   A SER A 1 136 ? 2.979   22.588  -0.528  0.30 11.59 ? 1427 SER A O   1 
ATOM   956  O  O   B SER A 1 136 ? 2.819   22.667  -0.654  0.29 12.07 ? 1427 SER A O   1 
ATOM   957  C  CB  A SER A 1 136 ? 2.572   20.656  -3.221  0.30 12.14 ? 1427 SER A CB  1 
ATOM   958  C  CB  B SER A 1 136 ? 2.940   20.798  -3.314  0.29 15.42 ? 1427 SER A CB  1 
ATOM   959  O  OG  A SER A 1 136 ? 2.052   21.945  -3.499  0.30 12.55 ? 1427 SER A OG  1 
ATOM   960  O  OG  B SER A 1 136 ? 1.612   20.340  -3.467  0.29 19.89 ? 1427 SER A OG  1 
ATOM   961  N  N   . ALA A 1 137 ? 1.502   20.864  -0.305  1.00 12.98 ? 1428 ALA A N   1 
ATOM   962  C  CA  . ALA A 1 137 ? 0.675   21.519  0.757   1.00 13.78 ? 1428 ALA A CA  1 
ATOM   963  C  C   . ALA A 1 137 ? 1.533   21.787  1.964   1.00 13.57 ? 1428 ALA A C   1 
ATOM   964  O  O   . ALA A 1 137 ? 1.426   22.892  2.606   1.00 14.80 ? 1428 ALA A O   1 
ATOM   965  C  CB  . ALA A 1 137 ? -0.503  20.661  1.132   1.00 14.45 ? 1428 ALA A CB  1 
ATOM   966  N  N   . LEU A 1 138 ? 2.394   20.879  2.391   1.00 13.58 ? 1429 LEU A N   1 
ATOM   967  C  CA  . LEU A 1 138 ? 3.218   21.143  3.553   1.00 15.27 ? 1429 LEU A CA  1 
ATOM   968  C  C   . LEU A 1 138 ? 4.222   22.233  3.269   1.00 14.28 ? 1429 LEU A C   1 
ATOM   969  O  O   . LEU A 1 138 ? 4.457   23.077  4.153   1.00 14.70 ? 1429 LEU A O   1 
ATOM   970  C  CB  . LEU A 1 138 ? 3.892   19.846  3.977   1.00 19.84 ? 1429 LEU A CB  1 
ATOM   971  C  CG  . LEU A 1 138 ? 3.761   19.460  5.431   1.00 26.73 ? 1429 LEU A CG  1 
ATOM   972  C  CD1 . LEU A 1 138 ? 2.346   19.585  6.002   1.00 24.47 ? 1429 LEU A CD1 1 
ATOM   973  C  CD2 . LEU A 1 138 ? 4.328   18.060  5.587   1.00 27.18 ? 1429 LEU A CD2 1 
ATOM   974  N  N   . ARG A 1 139 ? 4.821   22.253  2.057   1.00 13.20 ? 1430 ARG A N   1 
ATOM   975  C  CA  . ARG A 1 139 ? 5.758   23.334  1.733   1.00 13.15 ? 1430 ARG A CA  1 
ATOM   976  C  C   . ARG A 1 139 ? 5.011   24.682  1.763   1.00 11.38 ? 1430 ARG A C   1 
ATOM   977  O  O   . ARG A 1 139 ? 5.571   25.649  2.299   1.00 13.88 ? 1430 ARG A O   1 
ATOM   978  C  CB  . ARG A 1 139 ? 6.433   23.128  0.375   1.00 13.19 ? 1430 ARG A CB  1 
ATOM   979  C  CG  . ARG A 1 139 ? 7.388   21.929  0.323   1.00 13.38 ? 1430 ARG A CG  1 
ATOM   980  C  CD  . ARG A 1 139 ? 8.155   21.906  -0.993  1.00 13.41 ? 1430 ARG A CD  1 
ATOM   981  N  NE  . ARG A 1 139 ? 7.368   21.636  -2.146  1.00 14.41 ? 1430 ARG A NE  1 
ATOM   982  C  CZ  . ARG A 1 139 ? 7.148   20.444  -2.698  1.00 12.84 ? 1430 ARG A CZ  1 
ATOM   983  N  NH1 . ARG A 1 139 ? 7.585   19.343  -2.097  1.00 15.53 ? 1430 ARG A NH1 1 
ATOM   984  N  NH2 . ARG A 1 139 ? 6.509   20.341  -3.840  1.00 14.52 ? 1430 ARG A NH2 1 
ATOM   985  N  N   . PHE A 1 140 ? 3.782   24.754  1.254   1.00 10.96 ? 1431 PHE A N   1 
ATOM   986  C  CA  . PHE A 1 140 ? 3.010   26.004  1.258   1.00 12.01 ? 1431 PHE A CA  1 
ATOM   987  C  C   . PHE A 1 140 ? 2.741   26.446  2.710   1.00 12.17 ? 1431 PHE A C   1 
ATOM   988  O  O   . PHE A 1 140 ? 2.901   27.604  3.058   1.00 13.47 ? 1431 PHE A O   1 
ATOM   989  C  CB  . PHE A 1 140 ? 1.727   25.841  0.469   1.00 12.07 ? 1431 PHE A CB  1 
ATOM   990  C  CG  . PHE A 1 140 ? 0.995   27.135  0.273   1.00 14.57 ? 1431 PHE A CG  1 
ATOM   991  C  CD1 . PHE A 1 140 ? 1.404   28.052  -0.703  1.00 15.98 ? 1431 PHE A CD1 1 
ATOM   992  C  CD2 . PHE A 1 140 ? -0.076  27.478  1.077   1.00 14.50 ? 1431 PHE A CD2 1 
ATOM   993  C  CE1 . PHE A 1 140 ? 0.726   29.255  -0.879  1.00 16.32 ? 1431 PHE A CE1 1 
ATOM   994  C  CE2 . PHE A 1 140 ? -0.734  28.701  0.916   1.00 16.14 ? 1431 PHE A CE2 1 
ATOM   995  C  CZ  . PHE A 1 140 ? -0.351  29.553  -0.100  1.00 16.36 ? 1431 PHE A CZ  1 
ATOM   996  N  N   . HIS A 1 141 ? 2.464   25.493  3.580   1.00 14.39 ? 1432 HIS A N   1 
ATOM   997  C  CA  . HIS A 1 141 ? 2.183   25.798  5.008   1.00 15.25 ? 1432 HIS A CA  1 
ATOM   998  C  C   . HIS A 1 141 ? 3.400   26.445  5.664   1.00 19.79 ? 1432 HIS A C   1 
ATOM   999  O  O   . HIS A 1 141 ? 3.226   27.341  6.529   1.00 19.94 ? 1432 HIS A O   1 
ATOM   1000 C  CB  . HIS A 1 141 ? 1.830   24.521  5.743   1.00 16.95 ? 1432 HIS A CB  1 
ATOM   1001 C  CG  . HIS A 1 141 ? 1.305   24.816  7.117   1.00 16.35 ? 1432 HIS A CG  1 
ATOM   1002 N  ND1 . HIS A 1 141 ? 0.031   25.346  7.291   1.00 16.34 ? 1432 HIS A ND1 1 
ATOM   1003 C  CD2 . HIS A 1 141 ? 1.848   24.575  8.334   1.00 18.05 ? 1432 HIS A CD2 1 
ATOM   1004 C  CE1 . HIS A 1 141 ? -0.182  25.438  8.605   1.00 16.22 ? 1432 HIS A CE1 1 
ATOM   1005 N  NE2 . HIS A 1 141 ? 0.902   24.963  9.253   1.00 17.03 ? 1432 HIS A NE2 1 
ATOM   1006 N  N   . LYS A 1 142 ? 4.597   26.043  5.281   1.00 19.24 ? 1433 LYS A N   1 
ATOM   1007 C  CA  . LYS A 1 142 ? 5.883   26.541  5.825   1.00 21.47 ? 1433 LYS A CA  1 
ATOM   1008 C  C   . LYS A 1 142 ? 6.485   27.652  4.946   1.00 25.58 ? 1433 LYS A C   1 
ATOM   1009 O  O   . LYS A 1 142 ? 7.657   28.045  5.188   1.00 30.78 ? 1433 LYS A O   1 
ATOM   1010 C  CB  . LYS A 1 142 ? 6.777   25.308  6.010   1.00 28.80 ? 1433 LYS A CB  1 
ATOM   1011 C  CG  . LYS A 1 142 ? 6.118   24.198  6.826   1.00 30.51 ? 1433 LYS A CG  1 
ATOM   1012 C  CD  . LYS A 1 142 ? 6.792   22.843  6.769   1.00 37.59 ? 1433 LYS A CD  1 
ATOM   1013 C  CE  . LYS A 1 142 ? 5.869   21.740  7.236   1.00 43.78 ? 1433 LYS A CE  1 
ATOM   1014 N  NZ  . LYS A 1 142 ? 6.133   21.360  8.644   1.00 51.99 ? 1433 LYS A NZ  1 
ATOM   1015 N  N   . ARG A 1 143 ? 5.753   28.236  4.004   1.00 22.71 ? 1434 ARG A N   1 
ATOM   1016 C  CA  . ARG A 1 143 ? 6.335   29.181  3.019   1.00 25.97 ? 1434 ARG A CA  1 
ATOM   1017 C  C   . ARG A 1 143 ? 6.920   30.455  3.662   1.00 34.17 ? 1434 ARG A C   1 
ATOM   1018 O  O   . ARG A 1 143 ? 7.812   31.060  3.033   1.00 34.75 ? 1434 ARG A O   1 
ATOM   1019 C  CB  . ARG A 1 143 ? 5.325   29.545  1.946   1.00 23.97 ? 1434 ARG A CB  1 
ATOM   1020 C  CG  . ARG A 1 143 ? 4.197   30.434  2.444   1.00 23.39 ? 1434 ARG A CG  1 
ATOM   1021 C  CD  . ARG A 1 143 ? 3.047   30.472  1.481   1.00 23.87 ? 1434 ARG A CD  1 
ATOM   1022 N  NE  . ARG A 1 143 ? 2.028   31.371  1.974   1.00 21.48 ? 1434 ARG A NE  1 
ATOM   1023 C  CZ  . ARG A 1 143 ? 1.118   31.085  2.869   1.00 22.29 ? 1434 ARG A CZ  1 
ATOM   1024 N  NH1 . ARG A 1 143 ? 1.028   29.881  3.416   1.00 18.58 ? 1434 ARG A NH1 1 
ATOM   1025 N  NH2 . ARG A 1 143 ? 0.237   32.013  3.215   1.00 24.32 ? 1434 ARG A NH2 1 
ATOM   1026 N  N   . ASN A 1 144 ? 6.391   30.917  4.797   1.00 30.84 ? 1435 ASN A N   1 
ATOM   1027 C  CA  . ASN A 1 144 ? 6.750   32.250  5.370   1.00 32.53 ? 1435 ASN A CA  1 
ATOM   1028 C  C   . ASN A 1 144 ? 7.653   32.069  6.593   1.00 34.17 ? 1435 ASN A C   1 
ATOM   1029 O  O   . ASN A 1 144 ? 8.046   33.120  7.148   1.00 34.35 ? 1435 ASN A O   1 
ATOM   1030 C  CB  . ASN A 1 144 ? 5.523   33.085  5.742   1.00 31.96 ? 1435 ASN A CB  1 
ATOM   1031 C  CG  . ASN A 1 144 ? 4.857   33.725  4.541   1.00 31.48 ? 1435 ASN A CG  1 
ATOM   1032 O  OD1 . ASN A 1 144 ? 5.507   34.405  3.747   1.00 31.99 ? 1435 ASN A OD1 1 
ATOM   1033 N  ND2 . ASN A 1 144 ? 3.559   33.516  4.403   1.00 29.33 ? 1435 ASN A ND2 1 
HETATM 1034 N  N1  . ZM6 B 2 .   ? -10.248 -0.551  -11.068 0.59 64.55 ? 1901 ZM6 A N1  1 
HETATM 1035 N  N3  . ZM6 B 2 .   ? -14.134 1.458   -9.866  0.59 71.18 ? 1901 ZM6 A N3  1 
HETATM 1036 C  C4  . ZM6 B 2 .   ? -7.850  -1.056  -11.403 0.59 60.84 ? 1901 ZM6 A C4  1 
HETATM 1037 C  C5  . ZM6 B 2 .   ? -7.320  -1.372  -10.156 0.59 59.89 ? 1901 ZM6 A C5  1 
HETATM 1038 C  C6  . ZM6 B 2 .   ? -6.215  -2.189  -10.054 0.59 60.31 ? 1901 ZM6 A C6  1 
HETATM 1039 C  C7  . ZM6 B 2 .   ? -9.051  -0.162  -11.551 0.59 62.91 ? 1901 ZM6 A C7  1 
HETATM 1040 C  C8  . ZM6 B 2 .   ? -11.484 -0.198  -11.769 0.59 65.53 ? 1901 ZM6 A C8  1 
HETATM 1041 C  C10 . ZM6 B 2 .   ? -11.510 -0.650  -8.955  0.59 65.07 ? 1901 ZM6 A C10 1 
HETATM 1042 C  C13 . ZM6 B 2 .   ? -14.894 2.574   -9.319  0.59 72.23 ? 1901 ZM6 A C13 1 
HETATM 1043 C  C15 . ZM6 B 2 .   ? -16.480 4.378   -10.289 0.59 74.18 ? 1901 ZM6 A C15 1 
HETATM 1044 C  C1  . ZM6 B 2 .   ? -5.609  -2.692  -11.200 0.59 60.04 ? 1901 ZM6 A C1  1 
HETATM 1045 C  C11 . ZM6 B 2 .   ? -10.472 -1.314  -9.838  0.59 64.32 ? 1901 ZM6 A C11 1 
HETATM 1046 C  C12 . ZM6 B 2 .   ? -13.729 0.399   -9.144  0.59 67.32 ? 1901 ZM6 A C12 1 
HETATM 1047 C  C14 . ZM6 B 2 .   ? -15.258 3.535   -10.412 0.59 73.51 ? 1901 ZM6 A C14 1 
HETATM 1048 C  C16 . ZM6 B 2 .   ? -16.444 3.241   -11.259 0.59 74.48 ? 1901 ZM6 A C16 1 
HETATM 1049 C  C2  . ZM6 B 2 .   ? -6.118  -2.373  -12.444 0.59 59.59 ? 1901 ZM6 A C2  1 
HETATM 1050 C  C3  . ZM6 B 2 .   ? -7.230  -1.556  -12.543 0.59 59.44 ? 1901 ZM6 A C3  1 
HETATM 1051 C  C9  . ZM6 B 2 .   ? -12.701 -0.769  -11.073 0.59 65.64 ? 1901 ZM6 A C9  1 
HETATM 1052 N  N2  . ZM6 B 2 .   ? -12.729 -0.322  -9.687  0.59 65.91 ? 1901 ZM6 A N2  1 
HETATM 1053 O  O1  . ZM6 B 2 .   ? -8.925  0.877   -12.197 0.59 63.55 ? 1901 ZM6 A O1  1 
HETATM 1054 O  O2  . ZM6 B 2 .   ? -14.163 0.153   -8.018  0.59 64.72 ? 1901 ZM6 A O2  1 
HETATM 1055 CL CL1 . ZM6 B 2 .   ? -4.224  -3.726  -11.119 0.59 59.10 ? 1901 ZM6 A CL1 1 
HETATM 1056 CL CL2 . ZM6 B 2 .   ? -5.604  -2.563  -8.479  0.59 64.73 ? 1901 ZM6 A CL2 1 
HETATM 1057 O  O   . HOH C 3 .   ? -0.421  16.366  -7.973  0.59 44.84 ? 2001 HOH A O   1 
HETATM 1058 O  O   . HOH C 3 .   ? -7.948  -8.842  8.608   1.00 35.81 ? 2002 HOH A O   1 
HETATM 1059 O  O   . HOH C 3 .   ? 3.949   15.766  13.762  1.00 36.52 ? 2003 HOH A O   1 
HETATM 1060 O  O   . HOH C 3 .   ? 0.294   15.562  7.971   1.00 31.68 ? 2004 HOH A O   1 
HETATM 1061 O  O   . HOH C 3 .   ? -10.457 2.710   -12.114 0.59 37.26 ? 2005 HOH A O   1 
HETATM 1062 O  O   . HOH C 3 .   ? -7.456  -22.048 3.559   1.00 44.85 ? 2006 HOH A O   1 
HETATM 1063 O  O   . HOH C 3 .   ? 1.406   4.396   -15.322 1.00 23.77 ? 2007 HOH A O   1 
HETATM 1064 O  O   . HOH C 3 .   ? 3.544   23.323  -4.888  0.59 23.91 ? 2008 HOH A O   1 
HETATM 1065 O  O   . HOH C 3 .   ? 7.853   -20.337 11.215  1.00 38.38 ? 2009 HOH A O   1 
HETATM 1066 O  O   . HOH C 3 .   ? -12.907 -6.891  -2.332  0.59 25.03 ? 2010 HOH A O   1 
HETATM 1067 O  O   . HOH C 3 .   ? -6.085  21.034  -2.060  1.00 24.12 ? 2011 HOH A O   1 
HETATM 1068 O  O   . HOH C 3 .   ? 2.374   32.333  6.282   1.00 45.54 ? 2012 HOH A O   1 
HETATM 1069 O  O   . HOH C 3 .   ? 13.443  -14.644 -0.181  1.00 21.80 ? 2013 HOH A O   1 
HETATM 1070 O  O   . HOH C 3 .   ? 10.652  -17.964 -12.748 1.00 35.21 ? 2014 HOH A O   1 
HETATM 1071 O  O   . HOH C 3 .   ? 4.823   -0.522  -5.184  0.59 13.97 ? 2015 HOH A O   1 
HETATM 1072 O  O   . HOH C 3 .   ? -9.961  8.323   11.565  1.00 17.30 ? 2016 HOH A O   1 
HETATM 1073 O  O   . HOH C 3 .   ? 1.880   0.835   10.161  1.00 34.00 ? 2017 HOH A O   1 
HETATM 1074 O  O   . HOH C 3 .   ? -1.484  -13.694 -12.746 1.00 30.35 ? 2018 HOH A O   1 
HETATM 1075 O  O   . HOH C 3 .   ? 2.893   -6.883  10.770  1.00 29.20 ? 2019 HOH A O   1 
HETATM 1076 O  O   . HOH C 3 .   ? -5.943  -12.121 -11.388 1.00 34.15 ? 2020 HOH A O   1 
HETATM 1077 O  O   . HOH C 3 .   ? 0.370   -20.666 -3.346  1.00 40.49 ? 2021 HOH A O   1 
HETATM 1078 O  O   . HOH C 3 .   ? 1.135   8.261   -12.511 1.00 30.77 ? 2022 HOH A O   1 
HETATM 1079 O  O   . HOH C 3 .   ? 3.663   -12.282 0.807   1.00 15.74 ? 2023 HOH A O   1 
HETATM 1080 O  O   . HOH C 3 .   ? 5.416   -0.996  -9.713  1.00 20.84 ? 2024 HOH A O   1 
HETATM 1081 O  O   . HOH C 3 .   ? 12.802  -8.572  -10.253 1.00 31.97 ? 2025 HOH A O   1 
HETATM 1082 O  O   . HOH C 3 .   ? -14.443 1.407   -5.731  0.59 31.87 ? 2026 HOH A O   1 
HETATM 1083 O  O   . HOH C 3 .   ? 5.803   11.023  7.237   1.00 29.34 ? 2027 HOH A O   1 
HETATM 1084 O  O   . HOH C 3 .   ? 10.231  -9.576  -11.342 1.00 32.97 ? 2028 HOH A O   1 
HETATM 1085 O  O   . HOH C 3 .   ? 0.121   -9.690  2.078   1.00 19.64 ? 2029 HOH A O   1 
HETATM 1086 O  O   . HOH C 3 .   ? 4.644   -20.911 -7.633  1.00 37.86 ? 2030 HOH A O   1 
HETATM 1087 O  O   . HOH C 3 .   ? 11.968  -15.145 -3.922  1.00 18.09 ? 2031 HOH A O   1 
HETATM 1088 O  O   . HOH C 3 .   ? 4.141   -14.731 -14.589 1.00 37.71 ? 2032 HOH A O   1 
HETATM 1089 O  O   . HOH C 3 .   ? -4.190  6.397   -14.760 1.00 26.88 ? 2033 HOH A O   1 
HETATM 1090 O  O   . HOH C 3 .   ? 2.550   -10.195 4.180   1.00 15.04 ? 2034 HOH A O   1 
HETATM 1091 O  O   . HOH C 3 .   ? -4.470  9.510   -7.672  1.00 30.87 ? 2035 HOH A O   1 
HETATM 1092 O  O   . HOH C 3 .   ? 9.594   -7.410  2.541   1.00 18.40 ? 2036 HOH A O   1 
HETATM 1093 O  O   . HOH C 3 .   ? -8.285  -14.944 -5.607  1.00 34.40 ? 2037 HOH A O   1 
HETATM 1094 O  O   . HOH C 3 .   ? -8.632  5.299   16.587  1.00 28.58 ? 2038 HOH A O   1 
HETATM 1095 O  O   . HOH C 3 .   ? -5.125  2.631   17.544  1.00 31.31 ? 2039 HOH A O   1 
HETATM 1096 O  O   . HOH C 3 .   ? -11.486 10.393  6.277   1.00 30.67 ? 2040 HOH A O   1 
HETATM 1097 O  O   . HOH C 3 .   ? 6.840   -3.397  -7.149  1.00 26.32 ? 2041 HOH A O   1 
HETATM 1098 O  O   . HOH C 3 .   ? -1.866  -11.475 2.194   1.00 14.46 ? 2042 HOH A O   1 
HETATM 1099 O  O   . HOH C 3 .   ? 6.234   33.495  1.294   1.00 41.19 ? 2043 HOH A O   1 
HETATM 1100 O  O   . HOH C 3 .   ? 9.329   -2.777  1.445   1.00 17.07 ? 2044 HOH A O   1 
HETATM 1101 O  O   . HOH C 3 .   ? 5.866   -19.494 9.821   1.00 29.54 ? 2045 HOH A O   1 
HETATM 1102 O  O   . HOH C 3 .   ? -0.491  -9.084  7.310   1.00 16.93 ? 2046 HOH A O   1 
HETATM 1103 O  O   . HOH C 3 .   ? 5.021   11.567  -6.245  1.00 21.22 ? 2047 HOH A O   1 
HETATM 1104 O  O   . HOH C 3 .   ? -14.650 -10.549 -9.651  1.00 20.49 ? 2048 HOH A O   1 
HETATM 1105 O  O   . HOH C 3 .   ? -5.869  -14.532 7.023   1.00 32.90 ? 2049 HOH A O   1 
HETATM 1106 O  O   . HOH C 3 .   ? -9.105  13.723  3.567   1.00 14.10 ? 2050 HOH A O   1 
HETATM 1107 O  O   . HOH C 3 .   ? 4.520   14.907  7.303   1.00 28.86 ? 2051 HOH A O   1 
HETATM 1108 O  O   . HOH C 3 .   ? 8.273   26.021  2.016   1.00 28.03 ? 2052 HOH A O   1 
HETATM 1109 O  O   . HOH C 3 .   ? 11.774  -22.728 6.713   1.00 29.46 ? 2053 HOH A O   1 
HETATM 1110 O  O   . HOH C 3 .   ? 4.022   -22.834 10.985  1.00 28.22 ? 2054 HOH A O   1 
HETATM 1111 O  O   . HOH C 3 .   ? 4.475   6.394   -7.433  1.00 19.00 ? 2055 HOH A O   1 
HETATM 1112 O  O   . HOH C 3 .   ? -1.366  26.062  5.035   1.00 15.35 ? 2056 HOH A O   1 
HETATM 1113 O  O   . HOH C 3 .   ? -2.164  -6.616  11.051  1.00 32.60 ? 2057 HOH A O   1 
HETATM 1114 O  O   . HOH C 3 .   ? 9.407   -9.918  13.338  1.00 36.36 ? 2058 HOH A O   1 
HETATM 1115 O  O   . HOH C 3 .   ? 5.910   22.642  -5.232  0.59 16.41 ? 2059 HOH A O   1 
HETATM 1116 O  O   . HOH C 3 .   ? 1.140   28.555  7.866   1.00 35.83 ? 2060 HOH A O   1 
HETATM 1117 O  O   . HOH C 3 .   ? 12.804  -19.579 -9.171  1.00 19.10 ? 2061 HOH A O   1 
HETATM 1118 O  O   . HOH C 3 .   ? 4.199   -16.011 -5.509  1.00 14.86 ? 2062 HOH A O   1 
HETATM 1119 O  O   . HOH C 3 .   ? -9.671  19.347  -0.466  1.00 37.28 ? 2063 HOH A O   1 
HETATM 1120 O  O   . HOH C 3 .   ? 8.253   -0.650  2.712   1.00 16.23 ? 2064 HOH A O   1 
HETATM 1121 O  O   . HOH C 3 .   ? -8.348  -13.097 -7.742  1.00 22.36 ? 2065 HOH A O   1 
HETATM 1122 O  O   . HOH C 3 .   ? -0.986  24.338  2.927   1.00 15.89 ? 2066 HOH A O   1 
HETATM 1123 O  O   . HOH C 3 .   ? 6.399   -0.744  6.991   1.00 28.56 ? 2067 HOH A O   1 
HETATM 1124 O  O   . HOH C 3 .   ? 1.371   3.678   11.465  1.00 26.19 ? 2068 HOH A O   1 
HETATM 1125 O  O   . HOH C 3 .   ? -0.370  -0.808  11.327  1.00 26.86 ? 2069 HOH A O   1 
HETATM 1126 O  O   . HOH C 3 .   ? 5.313   17.958  -4.686  1.00 15.46 ? 2070 HOH A O   1 
HETATM 1127 O  O   . HOH C 3 .   ? 5.985   -7.680  -5.610  1.00 14.96 ? 2071 HOH A O   1 
HETATM 1128 O  O   . HOH C 3 .   ? -7.739  8.488   -4.903  1.00 26.44 ? 2072 HOH A O   1 
HETATM 1129 O  O   . HOH C 3 .   ? -0.296  -0.928  9.585   1.00 32.74 ? 2073 HOH A O   1 
HETATM 1130 O  O   . HOH C 3 .   ? -10.114 -3.134  -12.104 0.59 31.38 ? 2074 HOH A O   1 
HETATM 1131 O  O   . HOH C 3 .   ? 9.299   -13.649 11.718  1.00 33.91 ? 2075 HOH A O   1 
HETATM 1132 O  O   . HOH C 3 .   ? 6.579   24.132  -3.107  1.00 20.26 ? 2076 HOH A O   1 
HETATM 1133 O  O   . HOH C 3 .   ? 3.020   13.656  -9.262  1.00 22.14 ? 2077 HOH A O   1 
HETATM 1134 O  O   . HOH C 3 .   ? 3.216   2.373   -12.437 1.00 23.53 ? 2078 HOH A O   1 
HETATM 1135 O  O   . HOH C 3 .   ? -9.635  1.027   12.328  1.00 26.71 ? 2079 HOH A O   1 
HETATM 1136 O  O   . HOH C 3 .   ? -9.552  14.517  -0.322  1.00 22.40 ? 2080 HOH A O   1 
HETATM 1137 O  O   . HOH C 3 .   ? 5.158   -3.522  -11.063 1.00 24.26 ? 2081 HOH A O   1 
HETATM 1138 O  O   . HOH C 3 .   ? -4.214  0.999   13.981  1.00 38.63 ? 2082 HOH A O   1 
HETATM 1139 O  O   . HOH C 3 .   ? 2.349   -9.961  0.570   1.00 18.53 ? 2083 HOH A O   1 
HETATM 1140 O  O   . HOH C 3 .   ? -2.690  14.710  -1.164  1.00 13.15 ? 2084 HOH A O   1 
HETATM 1141 O  O   . HOH C 3 .   ? 7.976   -2.946  -2.669  1.00 14.66 ? 2085 HOH A O   1 
HETATM 1142 O  O   . HOH C 3 .   ? 8.983   -8.357  6.038   1.00 18.48 ? 2086 HOH A O   1 
HETATM 1143 O  O   . HOH C 3 .   ? 4.363   -14.270 -3.204  1.00 18.44 ? 2087 HOH A O   1 
HETATM 1144 O  O   . HOH C 3 .   ? -6.254  -15.386 -0.860  1.00 29.67 ? 2088 HOH A O   1 
HETATM 1145 O  O   . HOH C 3 .   ? -3.650  -19.015 -0.906  1.00 21.12 ? 2089 HOH A O   1 
HETATM 1146 O  O   . HOH C 3 .   ? 1.099   -9.691  -15.959 1.00 16.71 ? 2090 HOH A O   1 
HETATM 1147 O  O   . HOH C 3 .   ? -6.235  24.483  -2.302  1.00 35.69 ? 2091 HOH A O   1 
HETATM 1148 O  O   . HOH C 3 .   ? 7.113   6.190   1.745   1.00 21.58 ? 2092 HOH A O   1 
HETATM 1149 O  O   . HOH C 3 .   ? -14.191 -1.608  -3.000  1.00 24.95 ? 2093 HOH A O   1 
HETATM 1150 O  O   . HOH C 3 .   ? 12.115  2.328   6.115   1.00 36.40 ? 2094 HOH A O   1 
HETATM 1151 O  O   . HOH C 3 .   ? 2.729   -9.402  -13.678 1.00 17.99 ? 2095 HOH A O   1 
HETATM 1152 O  O   . HOH C 3 .   ? 4.465   2.889   7.721   1.00 22.22 ? 2096 HOH A O   1 
HETATM 1153 O  O   . HOH C 3 .   ? 11.519  -8.300  -1.677  1.00 20.43 ? 2097 HOH A O   1 
HETATM 1154 O  O   . HOH C 3 .   ? -5.030  -6.830  -13.929 0.59 17.62 ? 2098 HOH A O   1 
HETATM 1155 O  O   . HOH C 3 .   ? 11.177  -10.014 5.853   1.00 27.48 ? 2099 HOH A O   1 
HETATM 1156 O  O   . HOH C 3 .   ? 0.629   -13.442 7.766   1.00 20.78 ? 2100 HOH A O   1 
HETATM 1157 O  O   . HOH C 3 .   ? 6.793   18.788  2.070   1.00 18.89 ? 2101 HOH A O   1 
HETATM 1158 O  O   . HOH C 3 .   ? -3.551  18.687  -1.212  1.00 18.63 ? 2102 HOH A O   1 
HETATM 1159 O  O   . HOH C 3 .   ? -12.348 -10.925 -0.761  1.00 29.96 ? 2103 HOH A O   1 
HETATM 1160 O  O   . HOH C 3 .   ? -4.643  7.697   9.492   1.00 12.67 ? 2104 HOH A O   1 
HETATM 1161 O  O   . HOH C 3 .   ? -10.213 11.959  9.746   1.00 20.37 ? 2105 HOH A O   1 
HETATM 1162 O  O   . HOH C 3 .   ? -1.210  28.774  4.828   1.00 20.99 ? 2106 HOH A O   1 
HETATM 1163 O  O   . HOH C 3 .   ? -1.116  10.009  -9.684  1.00 20.75 ? 2107 HOH A O   1 
HETATM 1164 O  O   . HOH C 3 .   ? -4.830  -14.376 2.972   1.00 26.91 ? 2108 HOH A O   1 
HETATM 1165 O  O   . HOH C 3 .   ? 9.729   -6.644  -8.419  1.00 24.22 ? 2109 HOH A O   1 
HETATM 1166 O  O   . HOH C 3 .   ? 3.013   7.781   -11.516 1.00 35.00 ? 2110 HOH A O   1 
HETATM 1167 O  O   . HOH C 3 .   ? 0.400   -11.198 5.860   1.00 16.71 ? 2111 HOH A O   1 
HETATM 1168 O  O   . HOH C 3 .   ? 4.068   24.741  -2.240  1.00 15.54 ? 2112 HOH A O   1 
HETATM 1169 O  O   . HOH C 3 .   ? -6.261  -12.402 1.334   1.00 22.10 ? 2113 HOH A O   1 
HETATM 1170 O  O   . HOH C 3 .   ? -11.021 2.328   1.916   1.00 32.26 ? 2114 HOH A O   1 
HETATM 1171 O  O   . HOH C 3 .   ? -6.422  5.407   17.275  1.00 28.07 ? 2115 HOH A O   1 
HETATM 1172 O  O   . HOH C 3 .   ? -6.067  -7.075  9.303   1.00 39.62 ? 2116 HOH A O   1 
HETATM 1173 O  O   . HOH C 3 .   ? -2.143  -15.126 -0.084  1.00 24.92 ? 2117 HOH A O   1 
HETATM 1174 O  O   . HOH C 3 .   ? -2.848  17.546  9.516   1.00 22.19 ? 2118 HOH A O   1 
HETATM 1175 O  O   . HOH C 3 .   ? 5.324   11.091  -11.174 1.00 38.80 ? 2119 HOH A O   1 
HETATM 1176 O  O   . HOH C 3 .   ? -13.891 7.837   1.273   1.00 37.84 ? 2120 HOH A O   1 
HETATM 1177 O  O   . HOH C 3 .   ? -12.000 4.984   13.525  1.00 42.95 ? 2121 HOH A O   1 
HETATM 1178 O  O   . HOH C 3 .   ? 8.921   18.755  0.451   1.00 20.02 ? 2122 HOH A O   1 
HETATM 1179 O  O   . HOH C 3 .   ? -9.599  3.391   5.715   1.00 28.75 ? 2123 HOH A O   1 
HETATM 1180 O  O   . HOH C 3 .   ? 8.876   10.284  0.824   1.00 28.89 ? 2124 HOH A O   1 
HETATM 1181 O  O   . HOH C 3 .   ? -4.866  17.198  -3.094  1.00 21.00 ? 2125 HOH A O   1 
HETATM 1182 O  O   . HOH C 3 .   ? 4.458   -1.488  9.504   1.00 38.79 ? 2126 HOH A O   1 
HETATM 1183 O  O   . HOH C 3 .   ? -9.213  17.234  3.416   1.00 19.87 ? 2127 HOH A O   1 
HETATM 1184 O  O   . HOH C 3 .   ? 3.802   30.230  6.124   1.00 33.54 ? 2128 HOH A O   1 
HETATM 1185 O  O   . HOH C 3 .   ? -6.230  13.916  6.979   1.00 15.87 ? 2129 HOH A O   1 
HETATM 1186 O  O   . HOH C 3 .   ? -13.060 4.313   -4.976  1.00 29.42 ? 2130 HOH A O   1 
HETATM 1187 O  O   . HOH C 3 .   ? -14.034 -4.220  1.360   1.00 35.67 ? 2131 HOH A O   1 
HETATM 1188 O  O   . HOH C 3 .   ? -2.971  16.136  1.271   1.00 13.18 ? 2132 HOH A O   1 
HETATM 1189 O  O   . HOH C 3 .   ? 1.233   11.927  -10.887 1.00 30.44 ? 2133 HOH A O   1 
HETATM 1190 O  O   . HOH C 3 .   ? 1.287   -18.473 -6.724  1.00 16.51 ? 2134 HOH A O   1 
HETATM 1191 O  O   . HOH C 3 .   ? -3.126  -16.584 2.373   1.00 23.73 ? 2135 HOH A O   1 
HETATM 1192 O  O   . HOH C 3 .   ? -7.817  -17.355 -12.150 0.48 24.79 ? 2136 HOH A O   1 
HETATM 1193 O  O   . HOH C 3 .   ? 5.482   11.170  10.096  1.00 30.67 ? 2137 HOH A O   1 
HETATM 1194 O  O   . HOH C 3 .   ? 6.741   -16.101 -18.021 1.00 40.92 ? 2138 HOH A O   1 
HETATM 1195 O  O   . HOH C 3 .   ? -3.718  14.901  7.889   1.00 21.96 ? 2139 HOH A O   1 
HETATM 1196 O  O   . HOH C 3 .   ? -12.891 -9.018  -6.492  1.00 39.97 ? 2140 HOH A O   1 
HETATM 1197 O  O   . HOH C 3 .   ? 8.250   3.795   0.841   1.00 17.98 ? 2141 HOH A O   1 
HETATM 1198 O  O   . HOH C 3 .   ? -11.230 -4.150  4.792   1.00 38.03 ? 2142 HOH A O   1 
HETATM 1199 O  O   . HOH C 3 .   ? 6.269   9.869   -9.061  1.00 38.40 ? 2143 HOH A O   1 
HETATM 1200 O  O   . HOH C 3 .   ? 0.969   16.369  10.688  0.50 25.91 ? 2144 HOH A O   1 
HETATM 1201 O  O   . HOH C 3 .   ? -9.250  16.056  -2.550  1.00 48.83 ? 2145 HOH A O   1 
HETATM 1202 O  O   . HOH C 3 .   ? -10.052 -3.233  6.960   1.00 31.51 ? 2146 HOH A O   1 
HETATM 1203 O  O   . HOH C 3 .   ? -7.912  -15.301 -13.858 1.00 39.39 ? 2147 HOH A O   1 
HETATM 1204 O  O   . HOH C 3 .   ? 14.513  -19.391 8.326   1.00 39.30 ? 2148 HOH A O   1 
HETATM 1205 O  O   . HOH C 3 .   ? -7.235  -6.887  -11.174 0.59 20.97 ? 2149 HOH A O   1 
HETATM 1206 O  O   . HOH C 3 .   ? -3.960  13.620  -5.417  1.00 32.65 ? 2150 HOH A O   1 
HETATM 1207 O  O   . HOH C 3 .   ? -3.002  -16.820 9.352   1.00 36.90 ? 2151 HOH A O   1 
HETATM 1208 O  O   . HOH C 3 .   ? -10.454 -6.787  -11.644 1.00 32.28 ? 2152 HOH A O   1 
HETATM 1209 O  O   . HOH C 3 .   ? 7.439   7.783   -4.717  1.00 28.95 ? 2153 HOH A O   1 
HETATM 1210 O  O   . HOH C 3 .   ? 10.872  -20.495 -13.045 1.00 42.75 ? 2154 HOH A O   1 
HETATM 1211 O  O   . HOH C 3 .   ? 1.295   -13.662 -15.100 1.00 40.99 ? 2155 HOH A O   1 
HETATM 1212 O  O   . HOH C 3 .   ? -13.764 -8.055  -8.474  0.59 21.74 ? 2156 HOH A O   1 
HETATM 1213 O  O   . HOH C 3 .   ? -17.792 9.195   0.211   1.00 47.86 ? 2157 HOH A O   1 
HETATM 1214 O  O   . HOH C 3 .   ? 7.970   19.720  6.190   1.00 53.52 ? 2158 HOH A O   1 
HETATM 1215 O  O   . HOH C 3 .   ? 7.273   7.100   5.816   1.00 33.11 ? 2159 HOH A O   1 
HETATM 1216 O  O   . HOH C 3 .   ? 4.026   5.061   -11.751 1.00 35.55 ? 2160 HOH A O   1 
HETATM 1217 O  O   . HOH C 3 .   ? -9.103  -12.682 1.657   1.00 39.19 ? 2161 HOH A O   1 
HETATM 1218 O  O   . HOH C 3 .   ? 6.906   8.073   -0.054  1.00 30.64 ? 2162 HOH A O   1 
HETATM 1219 O  O   . HOH C 3 .   ? 9.036   -5.112  -4.035  1.00 16.30 ? 2163 HOH A O   1 
HETATM 1220 O  O   . HOH C 3 .   ? 5.060   27.202  -1.037  1.00 16.27 ? 2164 HOH A O   1 
HETATM 1221 O  O   . HOH C 3 .   ? -14.515 -8.360  -4.063  1.00 29.86 ? 2165 HOH A O   1 
HETATM 1222 O  O   . HOH C 3 .   ? -1.712  20.843  -7.268  1.00 43.43 ? 2166 HOH A O   1 
HETATM 1223 O  O   . HOH C 3 .   ? -14.901 -10.468 -2.320  1.00 29.74 ? 2167 HOH A O   1 
HETATM 1224 O  O   . HOH C 3 .   ? 7.680   27.315  -0.331  1.00 34.88 ? 2168 HOH A O   1 
HETATM 1225 O  O   . HOH C 3 .   ? -15.916 -3.925  -7.444  0.59 19.26 ? 2169 HOH A O   1 
HETATM 1226 O  O   . HOH C 3 .   ? -15.892 -2.714  -9.834  0.59 30.37 ? 2170 HOH A O   1 
HETATM 1227 O  O   . HOH C 3 .   ? 2.711   -4.432  -14.562 1.00 29.28 ? 2171 HOH A O   1 
HETATM 1228 O  O   . HOH C 3 .   ? -19.380 10.991  -0.576  1.00 26.03 ? 2172 HOH A O   1 
HETATM 1229 O  O   . HOH C 3 .   ? 13.240  -10.206 -2.660  1.00 26.62 ? 2173 HOH A O   1 
HETATM 1230 O  O   . HOH C 3 .   ? 7.525   20.413  4.110   1.00 31.74 ? 2174 HOH A O   1 
HETATM 1231 O  O   . HOH C 3 .   ? 1.751   -17.096 -0.490  0.48 23.48 ? 2175 HOH A O   1 
HETATM 1232 O  O   . HOH C 3 .   ? -8.263  -14.102 -10.088 1.00 33.29 ? 2176 HOH A O   1 
HETATM 1233 O  O   . HOH C 3 .   ? -7.714  -8.374  -13.247 1.00 39.21 ? 2177 HOH A O   1 
HETATM 1234 O  O   . HOH C 3 .   ? -17.007 2.074   -2.831  1.00 31.73 ? 2178 HOH A O   1 
HETATM 1235 O  O   . HOH C 3 .   ? 4.897   -10.857 -14.406 1.00 24.56 ? 2179 HOH A O   1 
HETATM 1236 O  O   . HOH C 3 .   ? 4.593   -21.453 -10.655 1.00 40.82 ? 2180 HOH A O   1 
HETATM 1237 O  O   . HOH C 3 .   ? 7.328   -1.349  -4.741  1.00 22.27 ? 2181 HOH A O   1 
HETATM 1238 O  O   . HOH C 3 .   ? 5.645   8.751   -6.433  1.00 21.60 ? 2182 HOH A O   1 
HETATM 1239 O  O   . HOH C 3 .   ? -12.556 5.899   -6.713  1.00 43.76 ? 2183 HOH A O   1 
HETATM 1240 O  O   . HOH C 3 .   ? -15.751 0.114   -3.956  0.59 22.76 ? 2184 HOH A O   1 
HETATM 1241 O  O   . HOH C 3 .   ? 11.705  -0.483  5.734   1.00 34.70 ? 2185 HOH A O   1 
HETATM 1242 O  O   . HOH C 3 .   ? 8.532   14.916  2.402   1.00 44.14 ? 2186 HOH A O   1 
HETATM 1243 O  O   . HOH C 3 .   ? -16.103 -6.542  -7.672  0.59 13.72 ? 2187 HOH A O   1 
HETATM 1244 O  O   . HOH C 3 .   ? 10.544  -5.963  6.358   1.00 35.00 ? 2188 HOH A O   1 
HETATM 1245 O  O   . HOH C 3 .   ? 9.272   -10.492 -13.430 1.00 32.75 ? 2189 HOH A O   1 
HETATM 1246 O  O   . HOH C 3 .   ? -6.986  -15.961 4.016   1.00 38.48 ? 2190 HOH A O   1 
HETATM 1247 O  O   . HOH C 3 .   ? 8.857   -1.234  5.422   1.00 24.63 ? 2191 HOH A O   1 
HETATM 1248 O  O   . HOH C 3 .   ? -10.839 15.308  1.924   1.00 25.39 ? 2192 HOH A O   1 
HETATM 1249 O  O   . HOH C 3 .   ? -10.489 12.930  5.827   1.00 22.45 ? 2193 HOH A O   1 
HETATM 1250 O  O   . HOH C 3 .   ? 7.669   9.473   6.123   1.00 37.65 ? 2194 HOH A O   1 
HETATM 1251 O  O   . HOH C 3 .   ? 2.954   -14.289 -0.741  0.48 22.33 ? 2195 HOH A O   1 
HETATM 1252 O  O   . HOH C 3 .   ? -16.921 5.728   -2.940  1.00 41.23 ? 2196 HOH A O   1 
HETATM 1253 O  O   . HOH C 3 .   ? 7.800   -5.799  -6.417  1.00 14.63 ? 2197 HOH A O   1 
HETATM 1254 O  O   . HOH C 3 .   ? -0.463  -9.587  10.098  1.00 29.84 ? 2198 HOH A O   1 
HETATM 1255 O  O   . HOH C 3 .   ? 3.834   -6.708  -14.485 1.00 35.05 ? 2199 HOH A O   1 
HETATM 1256 O  O   . HOH C 3 .   ? 3.420   4.445   -13.897 1.00 34.83 ? 2200 HOH A O   1 
HETATM 1257 O  O   . HOH C 3 .   ? 3.174   -4.141  11.383  1.00 41.41 ? 2201 HOH A O   1 
HETATM 1258 O  O   . HOH C 3 .   ? 9.526   -5.566  -10.890 1.00 36.31 ? 2202 HOH A O   1 
HETATM 1259 O  O   . HOH C 3 .   ? 3.165   -18.379 -4.598  0.48 16.41 ? 2203 HOH A O   1 
HETATM 1260 O  O   . HOH C 3 .   ? 3.056   -17.145 13.808  1.00 32.65 ? 2204 HOH A O   1 
HETATM 1261 O  O   . HOH C 3 .   ? 5.738   1.205   -11.014 1.00 31.70 ? 2205 HOH A O   1 
HETATM 1262 O  O   . HOH C 3 .   ? -8.934  14.593  8.209   0.50 12.67 ? 2206 HOH A O   1 
HETATM 1263 O  O   . HOH C 3 .   ? -6.585  7.191   -7.031  1.00 36.11 ? 2207 HOH A O   1 
HETATM 1264 O  O   . HOH C 3 .   ? 9.307   22.618  3.334   1.00 51.07 ? 2208 HOH A O   1 
HETATM 1265 O  O   . HOH C 3 .   ? 0.560   -2.902  11.682  1.00 38.36 ? 2209 HOH A O   1 
HETATM 1266 O  O   . HOH C 3 .   ? -16.254 -3.318  -4.851  0.59 27.25 ? 2210 HOH A O   1 
HETATM 1267 O  O   . HOH C 3 .   ? 10.916  20.441  1.131   1.00 33.78 ? 2211 HOH A O   1 
HETATM 1268 O  O   . HOH C 3 .   ? 7.422   -4.505  -12.264 1.00 38.28 ? 2212 HOH A O   1 
HETATM 1269 O  O   . HOH C 3 .   ? 6.603   16.093  3.295   1.00 24.96 ? 2213 HOH A O   1 
# 
